data_4ZOD
#
_entry.id   4ZOD
#
_cell.length_a   89.790
_cell.length_b   95.410
_cell.length_c   213.233
_cell.angle_alpha   90.000
_cell.angle_beta   97.270
_cell.angle_gamma   90.000
#
_symmetry.space_group_name_H-M   'I 1 2 1'
#
loop_
_entity.id
_entity.type
_entity.pdbx_description
1 polymer 'Lin1840 protein'
2 non-polymer beta-D-glucopyranose
3 non-polymer 'MAGNESIUM ION'
4 non-polymer GLYCEROL
5 non-polymer DI(HYDROXYETHYL)ETHER
6 non-polymer 'SULFATE ION'
7 water water
#
_entity_poly.entity_id   1
_entity_poly.type   'polypeptide(L)'
_entity_poly.pdbx_seq_one_letter_code
;MEQEKVQELVSQMTLDEKIAQCLQLSPFLFKGTNKNAELTGPLLQEMKLTDAHTENAGSVLGSSSALDMIGIQEAYLKTN
RLGIPLVFMADVIHGYKTVFPIPLALGCSFDRETVRVMAEVSALEATADGHHVTFSPMLDLVRDPRWGRVMESTGEDPFL
NSELGKAMVDGYQGDASKLNENLEQMAACVKHFAAYGAAEAGLEYNTVNMSTRELYQNYLPAYNAAIQAGAKLVMTAFNV
VDGIPATMNKWLNRDVLRGEMEFDGVLISDWGAVAEVINHGTARNPKEAAQFSMEAGVDLEMMTTCYIHELKGLIEEGKL
SENLLDEAVLRMLNLKNDLGLFEDPYRGLKNNDRTKDILTDESRGKARAAGVESAVLLENKSRLLPLAKEAKIALVGPLA
TSPDILGGWNVYGEEKDGINVETGLREVFETVEVVSTEYTELSEEDKVAVKAAVQNMDVVVLALGEKNEWGGEAGSLATI
RLPEAQYQLAKFVQTLGKPVVITLFNGRPLEVKELAESSDALLELWFPGTEAGRVTADLLSGASNPSGKLSMSFPQTTGQ
IPVYYNHLRTGRPQTPENKGERYVSHYLDIPNEPFYPFGYGKSYSEFELKTSSLPKELNLGESLHVEVTIKNISDIAGKE
VIQVYLQDVTASISRPVKELKAFEKVALQAGEEKTVTFELTSEAFSFYNHQLEKVQEPGLHRVFVGTSSEDVDVFEVEVG
GYVLEHHHHHH
;
_entity_poly.pdbx_strand_id   A,B
#
loop_
_chem_comp.id
_chem_comp.type
_chem_comp.name
_chem_comp.formula
BGC D-saccharide, beta linking beta-D-glucopyranose 'C6 H12 O6'
GOL non-polymer GLYCEROL 'C3 H8 O3'
MG non-polymer 'MAGNESIUM ION' 'Mg 2'
PEG non-polymer DI(HYDROXYETHYL)ETHER 'C4 H10 O3'
SO4 non-polymer 'SULFATE ION' 'O4 S -2'
#
# COMPACT_ATOMS: atom_id res chain seq x y z
N MET A 1 12.29 25.39 40.76
CA MET A 1 13.56 25.40 41.55
C MET A 1 14.71 25.37 40.55
N GLU A 2 15.94 25.46 41.01
CA GLU A 2 17.06 25.62 40.07
C GLU A 2 17.73 24.29 39.73
N GLN A 3 18.44 24.30 38.62
CA GLN A 3 18.98 23.09 38.01
C GLN A 3 19.89 22.24 38.90
N GLU A 4 20.59 22.83 39.85
CA GLU A 4 21.53 22.05 40.68
C GLU A 4 20.77 21.24 41.71
N LYS A 5 19.66 21.80 42.16
CA LYS A 5 18.78 21.10 43.06
C LYS A 5 18.14 19.90 42.33
N VAL A 6 17.85 20.04 41.04
CA VAL A 6 17.38 18.88 40.24
C VAL A 6 18.50 17.86 40.15
N GLN A 7 19.65 18.33 39.67
CA GLN A 7 20.77 17.45 39.43
C GLN A 7 21.14 16.71 40.73
N GLU A 8 20.97 17.40 41.86
CA GLU A 8 21.23 16.81 43.15
C GLU A 8 20.24 15.70 43.42
N LEU A 9 18.97 15.97 43.10
CA LEU A 9 17.88 15.00 43.35
C LEU A 9 18.18 13.63 42.69
N VAL A 10 18.69 13.67 41.46
CA VAL A 10 19.17 12.46 40.73
C VAL A 10 20.25 11.74 41.52
N SER A 11 21.17 12.51 42.09
CA SER A 11 22.29 11.93 42.84
C SER A 11 21.83 11.32 44.14
N GLN A 12 20.92 11.98 44.82
CA GLN A 12 20.30 11.45 46.06
C GLN A 12 19.34 10.26 45.95
N MET A 13 19.00 9.85 44.72
CA MET A 13 17.92 8.87 44.49
C MET A 13 18.49 7.49 44.50
N THR A 14 17.82 6.56 45.17
CA THR A 14 18.21 5.15 45.06
C THR A 14 17.96 4.65 43.64
N LEU A 15 18.69 3.58 43.32
CA LEU A 15 18.47 2.82 42.12
C LEU A 15 16.96 2.49 41.88
N ASP A 16 16.28 2.05 42.92
CA ASP A 16 14.92 1.63 42.75
C ASP A 16 13.98 2.77 42.60
N GLU A 17 14.29 3.87 43.27
CA GLU A 17 13.49 5.06 43.10
C GLU A 17 13.63 5.56 41.66
N LYS A 18 14.83 5.42 41.10
CA LYS A 18 15.12 5.91 39.75
C LYS A 18 14.40 5.10 38.67
N ILE A 19 14.45 3.79 38.80
CA ILE A 19 13.71 2.87 37.99
C ILE A 19 12.22 3.13 37.95
N ALA A 20 11.64 3.37 39.13
CA ALA A 20 10.20 3.58 39.29
C ALA A 20 9.78 4.94 38.80
N GLN A 21 10.66 5.92 38.90
CA GLN A 21 10.44 7.23 38.23
C GLN A 21 10.17 6.99 36.70
N CYS A 22 10.60 5.84 36.18
CA CYS A 22 10.47 5.52 34.73
C CYS A 22 9.21 4.66 34.39
N LEU A 23 8.25 4.73 35.33
CA LEU A 23 6.96 4.02 35.28
C LEU A 23 5.74 4.99 35.32
N GLN A 24 4.78 4.72 34.42
CA GLN A 24 3.54 5.46 34.43
C GLN A 24 2.37 4.52 34.62
N LEU A 25 1.42 4.95 35.44
CA LEU A 25 0.34 4.10 35.84
C LEU A 25 -0.94 4.85 35.83
N SER A 26 -2.00 4.07 35.67
CA SER A 26 -3.37 4.57 35.74
C SER A 26 -3.69 5.06 37.13
N PRO A 27 -4.62 6.01 37.27
CA PRO A 27 -4.87 6.64 38.60
C PRO A 27 -5.28 5.67 39.75
N PHE A 28 -6.02 4.63 39.40
CA PHE A 28 -6.57 3.69 40.38
C PHE A 28 -5.61 2.59 40.78
N LEU A 29 -4.30 2.76 40.52
CA LEU A 29 -3.26 1.87 41.08
C LEU A 29 -2.51 2.62 42.19
N PHE A 30 -2.90 3.88 42.40
CA PHE A 30 -2.39 4.69 43.49
C PHE A 30 -3.43 4.82 44.57
N LYS A 31 -2.93 4.89 45.80
CA LYS A 31 -3.77 5.20 46.92
C LYS A 31 -4.05 6.69 46.82
N GLY A 32 -5.27 7.04 47.22
CA GLY A 32 -5.73 8.42 47.16
C GLY A 32 -6.66 8.67 45.98
N THR A 33 -6.93 7.63 45.19
CA THR A 33 -7.75 7.82 43.99
C THR A 33 -9.23 7.89 44.36
N ASN A 34 -9.95 8.80 43.71
CA ASN A 34 -11.36 9.00 44.03
C ASN A 34 -12.25 8.18 43.09
N LYS A 35 -11.68 7.20 42.37
CA LYS A 35 -12.49 6.43 41.43
C LYS A 35 -11.85 5.08 41.14
N ASN A 36 -12.69 4.06 40.93
CA ASN A 36 -12.23 2.71 40.58
C ASN A 36 -11.34 1.97 41.59
N ALA A 37 -11.45 2.25 42.89
CA ALA A 37 -10.58 1.59 43.89
C ALA A 37 -10.80 0.07 43.91
N GLU A 38 -11.82 -0.41 43.21
CA GLU A 38 -12.19 -1.84 43.11
C GLU A 38 -11.45 -2.60 41.98
N LEU A 39 -10.75 -1.84 41.13
CA LEU A 39 -9.86 -2.40 40.11
C LEU A 39 -8.44 -2.50 40.68
N THR A 40 -8.13 -1.73 41.72
CA THR A 40 -6.78 -1.58 42.25
C THR A 40 -6.07 -2.84 42.75
N GLY A 41 -6.79 -3.66 43.49
CA GLY A 41 -6.23 -4.88 44.08
C GLY A 41 -5.92 -5.96 43.08
N PRO A 42 -6.85 -6.26 42.17
CA PRO A 42 -6.61 -7.29 41.17
C PRO A 42 -5.49 -6.96 40.20
N LEU A 43 -5.42 -5.68 39.82
CA LEU A 43 -4.44 -5.23 38.80
C LEU A 43 -3.01 -5.09 39.37
N LEU A 44 -2.93 -4.57 40.60
CA LEU A 44 -1.67 -4.54 41.37
C LEU A 44 -1.10 -5.95 41.53
N GLN A 45 -1.99 -6.93 41.65
CA GLN A 45 -1.57 -8.31 41.68
C GLN A 45 -1.09 -8.78 40.28
N GLU A 46 -1.92 -8.58 39.26
CA GLU A 46 -1.60 -8.96 37.88
C GLU A 46 -0.25 -8.39 37.35
N MET A 47 0.05 -7.14 37.68
CA MET A 47 1.29 -6.49 37.25
C MET A 47 2.47 -6.73 38.20
N LYS A 48 2.19 -7.46 39.27
CA LYS A 48 3.15 -7.68 40.35
C LYS A 48 3.73 -6.37 40.90
N LEU A 49 2.88 -5.39 41.17
CA LEU A 49 3.36 -4.14 41.77
C LEU A 49 3.24 -4.11 43.31
N THR A 50 4.18 -3.43 43.97
CA THR A 50 4.28 -3.24 45.40
C THR A 50 3.95 -1.80 45.70
N ASP A 51 3.87 -1.48 47.00
CA ASP A 51 3.82 -0.09 47.46
C ASP A 51 5.13 0.59 47.08
N ALA A 52 6.22 -0.16 47.14
CA ALA A 52 7.52 0.45 46.82
C ALA A 52 7.45 1.01 45.40
N HIS A 53 6.82 0.24 44.51
CA HIS A 53 6.69 0.63 43.10
C HIS A 53 5.79 1.83 42.98
N THR A 54 4.55 1.67 43.41
CA THR A 54 3.57 2.73 43.27
C THR A 54 3.91 4.03 44.04
N GLU A 55 4.60 3.90 45.18
CA GLU A 55 4.99 5.08 45.96
C GLU A 55 6.09 5.90 45.29
N ASN A 56 6.83 5.28 44.37
CA ASN A 56 7.92 5.94 43.61
C ASN A 56 7.72 6.07 42.07
N ALA A 57 6.51 5.77 41.61
CA ALA A 57 6.16 5.84 40.19
C ALA A 57 6.30 7.23 39.65
N GLY A 58 6.76 7.36 38.41
CA GLY A 58 7.00 8.70 37.87
C GLY A 58 5.80 9.55 37.58
N SER A 59 4.70 8.89 37.21
CA SER A 59 3.68 9.58 36.49
C SER A 59 2.39 8.84 36.55
N VAL A 60 1.32 9.61 36.46
CA VAL A 60 -0.04 9.07 36.34
C VAL A 60 -0.56 9.40 34.95
N LEU A 61 -1.37 8.48 34.43
CA LEU A 61 -2.05 8.70 33.16
C LEU A 61 -3.53 8.44 33.24
N GLY A 62 -4.32 9.47 32.89
CA GLY A 62 -5.76 9.34 32.78
C GLY A 62 -6.58 9.52 34.06
N SER A 63 -6.13 10.41 34.94
CA SER A 63 -6.90 10.85 36.12
C SER A 63 -8.28 11.28 35.68
N SER A 64 -9.30 11.04 36.49
CA SER A 64 -10.69 11.38 36.11
C SER A 64 -11.12 12.80 36.43
N SER A 65 -10.45 13.45 37.35
CA SER A 65 -10.88 14.83 37.75
C SER A 65 -9.83 15.53 38.57
N ALA A 66 -10.03 16.81 38.81
CA ALA A 66 -9.20 17.55 39.80
C ALA A 66 -9.16 16.84 41.16
N LEU A 67 -10.28 16.29 41.63
CA LEU A 67 -10.34 15.59 42.97
C LEU A 67 -9.51 14.31 42.98
N ASP A 68 -9.60 13.56 41.88
CA ASP A 68 -8.73 12.37 41.68
C ASP A 68 -7.24 12.76 41.80
N MET A 69 -6.84 13.76 41.04
CA MET A 69 -5.41 14.20 41.00
C MET A 69 -4.91 14.70 42.35
N ILE A 70 -5.65 15.66 42.89
CA ILE A 70 -5.39 16.21 44.23
C ILE A 70 -5.26 15.05 45.20
N GLY A 71 -6.24 14.16 45.12
CA GLY A 71 -6.26 12.98 46.00
C GLY A 71 -5.04 12.10 45.87
N ILE A 72 -4.61 11.84 44.61
CA ILE A 72 -3.48 10.93 44.36
C ILE A 72 -2.22 11.66 44.74
N GLN A 73 -2.15 12.96 44.46
CA GLN A 73 -0.91 13.70 44.67
C GLN A 73 -0.65 13.95 46.17
N GLU A 74 -1.71 14.40 46.85
CA GLU A 74 -1.68 14.61 48.30
C GLU A 74 -1.21 13.35 49.00
N ALA A 75 -1.80 12.21 48.65
CA ALA A 75 -1.38 10.91 49.21
C ALA A 75 0.02 10.49 48.78
N TYR A 76 0.42 10.75 47.55
CA TYR A 76 1.76 10.30 47.08
C TYR A 76 2.83 11.03 47.82
N LEU A 77 2.62 12.34 47.97
CA LEU A 77 3.60 13.21 48.62
C LEU A 77 3.72 12.87 50.11
N LYS A 78 2.62 12.43 50.76
CA LYS A 78 2.67 12.02 52.18
C LYS A 78 3.84 11.06 52.40
N THR A 79 4.01 10.09 51.48
CA THR A 79 4.96 8.96 51.66
C THR A 79 6.06 8.85 50.62
N ASN A 80 6.24 9.88 49.82
CA ASN A 80 7.35 9.90 48.87
C ASN A 80 8.64 10.39 49.53
N ARG A 81 9.66 9.54 49.61
CA ARG A 81 10.89 9.90 50.30
C ARG A 81 11.37 11.34 50.00
N LEU A 82 11.81 11.66 48.76
CA LEU A 82 12.33 13.01 48.42
C LEU A 82 11.31 14.09 48.03
N GLY A 83 10.02 13.80 48.08
CA GLY A 83 9.02 14.78 47.62
C GLY A 83 9.10 15.15 46.11
N ILE A 84 9.48 14.15 45.29
CA ILE A 84 9.39 14.26 43.83
C ILE A 84 7.91 14.07 43.42
N PRO A 85 7.22 15.17 43.12
CA PRO A 85 5.83 14.97 42.82
C PRO A 85 5.58 14.22 41.51
N LEU A 86 4.35 13.76 41.36
CA LEU A 86 3.84 13.06 40.19
C LEU A 86 3.48 14.02 39.09
N VAL A 87 3.82 13.65 37.85
CA VAL A 87 3.34 14.36 36.67
C VAL A 87 2.11 13.59 36.11
N PHE A 88 1.04 14.33 35.88
CA PHE A 88 -0.25 13.79 35.45
C PHE A 88 -0.49 14.08 33.97
N MET A 89 -0.68 13.01 33.19
CA MET A 89 -0.92 13.12 31.69
C MET A 89 -2.29 12.61 31.27
N ALA A 90 -2.82 13.16 30.19
CA ALA A 90 -4.13 12.79 29.72
C ALA A 90 -4.15 12.89 28.24
N ASP A 91 -5.15 12.23 27.66
CA ASP A 91 -5.58 12.44 26.23
C ASP A 91 -6.52 13.63 26.06
N VAL A 92 -5.97 14.79 25.77
CA VAL A 92 -6.80 15.92 25.42
C VAL A 92 -6.50 16.12 23.94
N ILE A 93 -7.42 15.63 23.10
CA ILE A 93 -7.09 15.35 21.69
C ILE A 93 -7.71 16.41 20.86
N HIS A 94 -8.99 16.66 21.09
CA HIS A 94 -9.62 17.82 20.44
C HIS A 94 -10.63 18.46 21.35
N GLY A 95 -10.16 18.78 22.57
CA GLY A 95 -11.04 19.34 23.60
C GLY A 95 -11.04 18.53 24.89
N TYR A 96 -11.35 19.21 26.00
CA TYR A 96 -11.46 18.51 27.29
C TYR A 96 -12.92 18.22 27.56
N LYS A 97 -13.67 19.22 28.05
CA LYS A 97 -15.12 19.16 28.27
C LYS A 97 -15.85 19.88 27.19
N THR A 98 -15.35 21.06 26.78
CA THR A 98 -15.82 21.68 25.53
C THR A 98 -15.13 20.95 24.36
N VAL A 99 -15.89 20.12 23.65
CA VAL A 99 -15.30 19.29 22.58
C VAL A 99 -15.32 20.04 21.26
N PHE A 100 -14.14 20.17 20.66
CA PHE A 100 -14.02 20.80 19.38
C PHE A 100 -14.13 19.74 18.27
N PRO A 101 -14.14 20.20 17.01
CA PRO A 101 -14.14 19.21 15.94
C PRO A 101 -12.95 18.30 16.02
N ILE A 102 -13.15 17.07 15.58
CA ILE A 102 -12.02 16.13 15.47
C ILE A 102 -10.86 16.71 14.66
N PRO A 103 -9.62 16.22 14.93
CA PRO A 103 -8.48 16.87 14.29
C PRO A 103 -8.55 16.82 12.75
N LEU A 104 -9.12 15.76 12.15
CA LEU A 104 -9.15 15.71 10.67
C LEU A 104 -10.00 16.86 10.15
N ALA A 105 -11.03 17.21 10.92
CA ALA A 105 -11.95 18.30 10.57
C ALA A 105 -11.20 19.61 10.77
N LEU A 106 -10.51 19.74 11.88
CA LEU A 106 -9.64 20.90 12.13
C LEU A 106 -8.66 21.09 10.99
N GLY A 107 -8.13 20.02 10.47
CA GLY A 107 -7.34 20.14 9.23
C GLY A 107 -8.06 20.86 8.11
N CYS A 108 -9.30 20.45 7.87
CA CYS A 108 -10.12 21.05 6.80
C CYS A 108 -10.42 22.56 7.03
N SER A 109 -10.30 23.07 8.27
CA SER A 109 -10.33 24.54 8.51
C SER A 109 -9.29 25.31 7.72
N PHE A 110 -8.13 24.66 7.52
CA PHE A 110 -6.99 25.34 6.93
C PHE A 110 -6.73 26.65 7.71
N ASP A 111 -6.91 26.61 9.03
CA ASP A 111 -6.95 27.84 9.80
C ASP A 111 -6.19 27.70 11.10
N ARG A 112 -4.97 28.24 11.07
CA ARG A 112 -4.02 28.11 12.14
C ARG A 112 -4.60 28.57 13.47
N GLU A 113 -5.30 29.72 13.46
CA GLU A 113 -5.81 30.35 14.66
C GLU A 113 -6.93 29.51 15.29
N THR A 114 -7.87 29.03 14.47
CA THR A 114 -8.84 28.01 14.93
C THR A 114 -8.10 26.89 15.65
N VAL A 115 -7.03 26.41 15.04
CA VAL A 115 -6.31 25.31 15.68
C VAL A 115 -5.70 25.73 17.00
N ARG A 116 -5.10 26.92 17.04
CA ARG A 116 -4.47 27.40 18.32
C ARG A 116 -5.53 27.62 19.43
N VAL A 117 -6.69 28.16 19.07
CA VAL A 117 -7.69 28.46 20.06
C VAL A 117 -8.25 27.18 20.63
N MET A 118 -8.52 26.21 19.75
CA MET A 118 -8.90 24.88 20.22
C MET A 118 -7.94 24.39 21.33
N ALA A 119 -6.65 24.38 20.99
CA ALA A 119 -5.64 23.92 21.90
C ALA A 119 -5.58 24.72 23.21
N GLU A 120 -5.74 26.05 23.13
CA GLU A 120 -5.71 26.89 24.31
C GLU A 120 -6.91 26.63 25.20
N VAL A 121 -8.10 26.60 24.61
CA VAL A 121 -9.28 26.31 25.42
C VAL A 121 -9.15 24.91 26.07
N SER A 122 -8.64 23.93 25.30
CA SER A 122 -8.41 22.55 25.81
C SER A 122 -7.47 22.56 27.04
N ALA A 123 -6.36 23.28 26.92
CA ALA A 123 -5.41 23.45 28.01
C ALA A 123 -6.00 24.19 29.25
N LEU A 124 -6.65 25.31 29.01
CA LEU A 124 -7.33 26.03 30.07
C LEU A 124 -8.26 25.10 30.87
N GLU A 125 -9.06 24.30 30.16
CA GLU A 125 -10.00 23.38 30.83
C GLU A 125 -9.33 22.19 31.47
N ALA A 126 -8.29 21.66 30.83
CA ALA A 126 -7.62 20.46 31.35
C ALA A 126 -6.77 20.75 32.55
N THR A 127 -6.11 21.91 32.51
CA THR A 127 -5.29 22.36 33.65
C THR A 127 -6.24 22.57 34.80
N ALA A 128 -7.40 23.21 34.52
CA ALA A 128 -8.45 23.35 35.52
C ALA A 128 -8.87 22.03 36.15
N ASP A 129 -8.76 20.94 35.43
CA ASP A 129 -9.12 19.63 35.99
C ASP A 129 -7.92 18.81 36.44
N GLY A 130 -6.75 19.41 36.47
CA GLY A 130 -5.60 18.82 37.15
C GLY A 130 -4.55 18.14 36.29
N HIS A 131 -4.70 18.16 34.97
CA HIS A 131 -3.69 17.54 34.07
C HIS A 131 -2.53 18.41 33.70
N HIS A 132 -1.35 17.83 33.60
CA HIS A 132 -0.16 18.59 33.28
C HIS A 132 0.28 18.50 31.78
N VAL A 133 -0.05 17.36 31.17
CA VAL A 133 0.42 17.03 29.81
C VAL A 133 -0.71 16.43 29.03
N THR A 134 -0.85 16.85 27.77
CA THR A 134 -1.75 16.20 26.81
C THR A 134 -0.96 15.40 25.78
N PHE A 135 -1.48 14.23 25.46
CA PHE A 135 -1.00 13.38 24.38
C PHE A 135 -1.53 13.85 23.00
N SER A 136 -0.97 14.98 22.56
CA SER A 136 -1.42 15.76 21.42
C SER A 136 -0.37 16.85 21.14
N PRO A 137 -0.12 17.21 19.86
CA PRO A 137 -0.75 16.74 18.62
C PRO A 137 -0.35 15.34 18.10
N MET A 138 -1.32 14.74 17.39
CA MET A 138 -1.08 13.55 16.62
C MET A 138 -0.68 14.01 15.22
N LEU A 139 0.54 13.63 14.82
CA LEU A 139 1.18 14.17 13.63
C LEU A 139 1.55 13.17 12.52
N ASP A 140 0.79 12.10 12.50
CA ASP A 140 1.01 11.00 11.59
C ASP A 140 0.37 11.37 10.20
N LEU A 141 1.22 11.45 9.21
CA LEU A 141 0.72 11.56 7.82
C LEU A 141 -0.16 10.37 7.42
N VAL A 142 -1.31 10.65 6.85
CA VAL A 142 -2.34 9.64 6.54
C VAL A 142 -2.71 9.71 5.06
N ARG A 143 -2.61 8.57 4.36
CA ARG A 143 -3.03 8.42 2.98
C ARG A 143 -4.04 7.30 2.86
N ASP A 144 -4.48 6.76 3.97
CA ASP A 144 -5.28 5.53 3.95
C ASP A 144 -6.47 5.61 4.90
N PRO A 145 -7.64 5.92 4.34
CA PRO A 145 -8.79 6.13 5.20
C PRO A 145 -9.45 4.88 5.75
N ARG A 146 -8.98 3.67 5.41
CA ARG A 146 -9.36 2.49 6.14
C ARG A 146 -8.98 2.63 7.59
N TRP A 147 -7.79 3.20 7.87
CA TRP A 147 -7.30 3.28 9.22
C TRP A 147 -8.21 4.18 10.09
N GLY A 148 -8.60 3.70 11.25
CA GLY A 148 -9.54 4.51 12.07
C GLY A 148 -8.93 5.78 12.59
N ARG A 149 -7.61 5.79 12.65
CA ARG A 149 -6.93 6.88 13.35
C ARG A 149 -6.69 8.08 12.49
N VAL A 150 -7.19 8.03 11.24
CA VAL A 150 -7.14 9.21 10.41
C VAL A 150 -7.87 10.40 11.07
N MET A 151 -8.89 10.11 11.88
CA MET A 151 -9.64 11.14 12.62
C MET A 151 -8.71 12.08 13.46
N GLU A 152 -7.59 11.54 13.89
CA GLU A 152 -6.59 12.22 14.74
C GLU A 152 -5.54 13.06 14.03
N SER A 153 -5.40 12.89 12.72
CA SER A 153 -4.42 13.61 11.90
C SER A 153 -5.09 14.79 11.20
N THR A 154 -4.32 15.77 10.76
CA THR A 154 -4.91 16.81 9.89
C THR A 154 -4.84 16.47 8.39
N GLY A 155 -4.36 15.27 8.05
CA GLY A 155 -4.61 14.74 6.70
C GLY A 155 -3.41 14.32 5.96
N GLU A 156 -3.47 14.40 4.63
CA GLU A 156 -2.41 13.86 3.76
C GLU A 156 -1.22 14.78 3.39
N ASP A 157 -1.28 16.06 3.81
CA ASP A 157 -0.20 17.02 3.48
C ASP A 157 0.75 17.29 4.64
N PRO A 158 2.05 17.05 4.43
CA PRO A 158 3.03 17.31 5.48
C PRO A 158 3.15 18.76 5.91
N PHE A 159 3.04 19.66 4.96
CA PHE A 159 3.16 21.11 5.29
C PHE A 159 1.96 21.56 6.13
N LEU A 160 0.73 21.24 5.70
CA LEU A 160 -0.44 21.59 6.50
C LEU A 160 -0.33 20.98 7.91
N ASN A 161 0.06 19.72 7.98
CA ASN A 161 0.09 19.07 9.27
C ASN A 161 1.20 19.70 10.13
N SER A 162 2.32 20.04 9.48
CA SER A 162 3.39 20.74 10.22
C SER A 162 2.89 22.09 10.75
N GLU A 163 2.28 22.88 9.89
CA GLU A 163 1.75 24.19 10.33
C GLU A 163 0.68 24.06 11.41
N LEU A 164 -0.27 23.12 11.27
CA LEU A 164 -1.33 23.02 12.27
C LEU A 164 -0.79 22.39 13.54
N GLY A 165 0.23 21.54 13.37
CA GLY A 165 0.94 20.99 14.49
C GLY A 165 1.58 22.05 15.40
N LYS A 166 2.24 23.00 14.78
CA LYS A 166 2.80 24.17 15.52
C LYS A 166 1.73 24.98 16.20
N ALA A 167 0.65 25.29 15.47
CA ALA A 167 -0.48 26.00 16.07
C ALA A 167 -0.98 25.32 17.36
N MET A 168 -1.08 23.97 17.32
CA MET A 168 -1.49 23.18 18.49
C MET A 168 -0.52 23.26 19.67
N VAL A 169 0.78 23.08 19.41
CA VAL A 169 1.80 23.26 20.41
C VAL A 169 1.77 24.68 20.96
N ASP A 170 1.75 25.67 20.10
CA ASP A 170 1.60 27.04 20.60
C ASP A 170 0.36 27.18 21.52
N GLY A 171 -0.79 26.72 21.00
CA GLY A 171 -2.04 26.74 21.75
C GLY A 171 -1.95 26.06 23.10
N TYR A 172 -1.38 24.86 23.19
CA TYR A 172 -1.34 24.10 24.44
C TYR A 172 -0.31 24.74 25.43
N GLN A 173 0.85 25.12 24.94
CA GLN A 173 1.98 25.46 25.80
C GLN A 173 2.24 26.98 26.01
N GLY A 174 1.68 27.82 25.16
CA GLY A 174 2.17 29.22 25.00
C GLY A 174 3.69 29.24 24.98
N ASP A 175 4.29 30.13 25.76
CA ASP A 175 5.73 30.21 25.89
C ASP A 175 6.22 29.05 26.73
N ALA A 176 6.86 28.08 26.12
CA ALA A 176 7.20 26.87 26.86
C ALA A 176 8.18 27.10 28.04
N SER A 177 8.98 28.16 27.95
CA SER A 177 9.95 28.51 29.00
C SER A 177 9.26 29.04 30.28
N LYS A 178 7.95 29.32 30.22
CA LYS A 178 7.19 29.84 31.34
C LYS A 178 6.09 28.91 31.80
N LEU A 179 6.29 27.62 31.65
CA LEU A 179 5.21 26.66 31.91
C LEU A 179 5.03 26.49 33.41
N ASN A 180 6.11 26.73 34.15
CA ASN A 180 6.00 26.89 35.60
C ASN A 180 5.15 28.09 36.06
N GLU A 181 4.85 29.07 35.18
CA GLU A 181 4.01 30.23 35.56
C GLU A 181 2.67 30.30 34.87
N ASN A 182 2.56 29.89 33.61
CA ASN A 182 1.28 30.06 32.90
C ASN A 182 0.44 28.79 33.11
N LEU A 183 -0.23 28.72 34.26
CA LEU A 183 -0.78 27.45 34.73
C LEU A 183 -2.12 27.14 34.07
N GLU A 184 -2.56 28.02 33.16
CA GLU A 184 -3.65 27.72 32.21
C GLU A 184 -3.16 27.06 30.91
N GLN A 185 -1.83 26.96 30.76
CA GLN A 185 -1.15 26.34 29.62
C GLN A 185 -0.69 24.99 30.07
N MET A 186 -0.37 24.10 29.13
CA MET A 186 0.13 22.77 29.55
C MET A 186 1.15 22.23 28.55
N ALA A 187 1.80 21.16 28.94
CA ALA A 187 2.81 20.55 28.11
C ALA A 187 2.18 19.70 26.98
N ALA A 188 2.67 19.84 25.74
CA ALA A 188 2.20 19.00 24.65
C ALA A 188 3.16 17.82 24.51
N CYS A 189 2.64 16.69 24.03
CA CYS A 189 3.47 15.48 23.74
C CYS A 189 3.17 15.04 22.29
N VAL A 190 4.12 15.23 21.39
CA VAL A 190 3.97 14.83 19.94
C VAL A 190 3.85 13.32 19.81
N LYS A 191 2.92 12.88 18.97
CA LYS A 191 2.82 11.43 18.68
C LYS A 191 2.39 11.18 17.25
N HIS A 192 2.58 9.99 16.70
CA HIS A 192 3.29 8.83 17.27
C HIS A 192 4.60 8.63 16.49
N PHE A 193 5.75 8.72 17.19
CA PHE A 193 7.05 8.72 16.48
C PHE A 193 7.45 7.28 16.13
N ALA A 194 7.41 6.84 14.86
CA ALA A 194 7.07 7.61 13.70
C ALA A 194 6.40 6.72 12.61
N ALA A 195 5.65 7.39 11.76
CA ALA A 195 5.11 6.83 10.47
C ALA A 195 3.94 5.82 10.61
N TYR A 196 3.30 5.88 11.81
CA TYR A 196 2.24 4.98 12.23
C TYR A 196 1.04 4.96 11.28
N GLY A 197 0.82 6.06 10.56
CA GLY A 197 -0.34 6.23 9.74
C GLY A 197 -0.19 5.54 8.41
N ALA A 198 1.00 5.02 8.10
CA ALA A 198 1.22 4.25 6.86
C ALA A 198 0.91 2.74 7.10
N ALA A 199 0.27 2.42 8.20
CA ALA A 199 -0.14 1.03 8.46
C ALA A 199 -0.70 0.33 7.21
N GLU A 200 -0.14 -0.84 6.95
CA GLU A 200 -0.39 -1.52 5.67
C GLU A 200 -1.87 -1.94 5.66
N ALA A 201 -2.51 -1.77 4.51
CA ALA A 201 -3.96 -2.07 4.31
C ALA A 201 -4.91 -1.42 5.32
N GLY A 202 -4.46 -0.36 6.01
CA GLY A 202 -5.30 0.38 6.94
C GLY A 202 -5.57 -0.42 8.20
N LEU A 203 -4.84 -1.51 8.37
CA LEU A 203 -5.06 -2.45 9.46
C LEU A 203 -4.34 -1.99 10.75
N GLU A 204 -5.09 -1.88 11.82
CA GLU A 204 -4.49 -1.34 13.03
C GLU A 204 -3.28 -2.08 13.49
N TYR A 205 -2.25 -1.31 13.82
CA TYR A 205 -0.96 -1.77 14.32
C TYR A 205 -0.13 -2.47 13.26
N ASN A 206 -0.59 -2.43 12.02
CA ASN A 206 0.04 -3.22 10.99
C ASN A 206 1.38 -2.60 10.52
N THR A 207 2.15 -3.45 9.85
CA THR A 207 3.45 -3.17 9.31
C THR A 207 3.47 -1.85 8.58
N VAL A 208 4.56 -1.14 8.77
CA VAL A 208 4.85 0.09 8.02
C VAL A 208 6.17 -0.11 7.30
N ASN A 209 6.23 0.24 6.03
CA ASN A 209 7.51 0.15 5.37
C ASN A 209 7.62 1.17 4.28
N MET A 210 8.70 1.93 4.30
N MET A 210 8.68 1.98 4.32
CA MET A 210 9.00 2.92 3.28
CA MET A 210 8.98 2.95 3.26
C MET A 210 10.50 3.06 3.31
C MET A 210 10.48 3.12 3.32
N SER A 211 11.08 3.54 2.21
CA SER A 211 12.52 3.89 2.17
C SER A 211 12.81 5.05 3.13
N THR A 212 14.04 5.12 3.64
CA THR A 212 14.41 6.17 4.61
C THR A 212 14.22 7.53 3.97
N ARG A 213 14.44 7.68 2.67
CA ARG A 213 14.23 8.94 2.05
C ARG A 213 12.80 9.46 2.14
N GLU A 214 11.83 8.56 1.90
CA GLU A 214 10.39 8.91 2.05
C GLU A 214 10.04 9.20 3.54
N LEU A 215 10.65 8.46 4.47
CA LEU A 215 10.46 8.75 5.90
C LEU A 215 10.78 10.25 6.10
N TYR A 216 11.95 10.70 5.64
CA TYR A 216 12.40 12.05 5.86
C TYR A 216 11.58 13.00 5.04
N GLN A 217 11.36 12.69 3.76
CA GLN A 217 10.59 13.60 2.95
C GLN A 217 9.18 13.86 3.44
N ASN A 218 8.43 12.83 3.82
CA ASN A 218 6.94 13.01 4.00
C ASN A 218 6.41 12.68 5.39
N TYR A 219 7.00 11.66 5.99
CA TYR A 219 6.61 11.17 7.31
C TYR A 219 7.20 11.88 8.55
N LEU A 220 8.46 12.34 8.46
CA LEU A 220 9.07 13.07 9.57
C LEU A 220 8.73 14.59 9.74
N PRO A 221 8.38 15.28 8.68
CA PRO A 221 8.38 16.77 8.81
C PRO A 221 7.51 17.36 9.89
N ALA A 222 6.27 16.89 10.04
CA ALA A 222 5.43 17.44 11.08
C ALA A 222 5.87 17.21 12.54
N TYR A 223 6.31 15.99 12.87
CA TYR A 223 6.92 15.75 14.15
C TYR A 223 8.01 16.79 14.42
N ASN A 224 8.91 16.95 13.44
CA ASN A 224 10.04 17.87 13.55
C ASN A 224 9.61 19.32 13.75
N ALA A 225 8.63 19.79 13.00
CA ALA A 225 8.13 21.17 13.19
C ALA A 225 7.59 21.37 14.62
N ALA A 226 6.87 20.39 15.17
CA ALA A 226 6.27 20.50 16.52
C ALA A 226 7.36 20.48 17.59
N ILE A 227 8.37 19.67 17.34
CA ILE A 227 9.52 19.60 18.22
C ILE A 227 10.25 20.97 18.21
N GLN A 228 10.60 21.47 17.02
CA GLN A 228 11.29 22.74 16.91
C GLN A 228 10.44 23.87 17.47
N ALA A 229 9.12 23.73 17.39
CA ALA A 229 8.27 24.75 17.96
C ALA A 229 8.21 24.65 19.48
N GLY A 230 8.91 23.71 20.10
CA GLY A 230 8.91 23.60 21.56
C GLY A 230 8.17 22.49 22.29
N ALA A 231 7.54 21.56 21.56
CA ALA A 231 6.86 20.42 22.24
C ALA A 231 7.73 19.77 23.26
N LYS A 232 7.17 19.54 24.45
CA LYS A 232 7.98 19.07 25.57
C LYS A 232 8.24 17.57 25.58
N LEU A 233 7.27 16.79 25.06
CA LEU A 233 7.44 15.32 25.09
C LEU A 233 7.22 14.74 23.73
N VAL A 234 7.69 13.51 23.57
CA VAL A 234 7.39 12.72 22.39
C VAL A 234 6.97 11.36 22.85
N MET A 235 6.01 10.76 22.14
CA MET A 235 5.59 9.37 22.35
C MET A 235 6.02 8.48 21.16
N THR A 236 6.55 7.28 21.48
CA THR A 236 6.87 6.26 20.48
C THR A 236 5.60 5.71 19.81
N ALA A 237 5.81 5.06 18.66
CA ALA A 237 4.77 4.42 17.93
C ALA A 237 4.74 2.88 18.07
N PHE A 238 3.55 2.32 17.91
CA PHE A 238 3.35 0.89 17.91
C PHE A 238 4.02 0.11 16.79
N ASN A 239 4.14 0.73 15.63
CA ASN A 239 4.64 0.04 14.41
C ASN A 239 6.15 -0.19 14.30
N VAL A 240 6.54 -1.18 13.54
CA VAL A 240 7.91 -1.21 13.02
C VAL A 240 8.21 0.00 12.14
N VAL A 241 9.46 0.41 12.16
CA VAL A 241 9.98 1.37 11.23
C VAL A 241 11.19 0.65 10.68
N ASP A 242 11.15 0.40 9.38
CA ASP A 242 12.10 -0.48 8.69
C ASP A 242 12.47 -1.76 9.44
N GLY A 243 11.46 -2.51 9.87
CA GLY A 243 11.66 -3.86 10.49
C GLY A 243 11.76 -3.82 12.03
N ILE A 244 12.00 -2.63 12.57
N ILE A 244 12.07 -2.65 12.58
CA ILE A 244 12.27 -2.49 13.98
CA ILE A 244 12.34 -2.55 13.99
C ILE A 244 11.23 -1.68 14.69
C ILE A 244 11.28 -1.69 14.70
N PRO A 245 10.56 -2.25 15.72
CA PRO A 245 9.52 -1.51 16.49
C PRO A 245 10.02 -0.16 16.91
N ALA A 246 9.25 0.88 16.60
CA ALA A 246 9.72 2.27 16.84
C ALA A 246 10.28 2.35 18.28
N THR A 247 9.64 1.62 19.20
CA THR A 247 9.89 1.83 20.61
C THR A 247 11.33 1.45 20.94
N MET A 248 11.84 0.36 20.39
CA MET A 248 13.23 -0.03 20.65
C MET A 248 14.18 0.24 19.49
N ASN A 249 13.88 1.27 18.69
CA ASN A 249 14.60 1.55 17.45
C ASN A 249 15.68 2.64 17.73
N LYS A 250 16.94 2.22 17.94
CA LYS A 250 17.96 3.17 18.48
C LYS A 250 18.20 4.21 17.47
N TRP A 251 18.40 3.80 16.22
CA TRP A 251 18.66 4.80 15.16
C TRP A 251 17.57 5.87 15.16
N LEU A 252 16.30 5.46 15.17
CA LEU A 252 15.15 6.44 15.11
C LEU A 252 15.12 7.37 16.29
N ASN A 253 15.23 6.83 17.51
CA ASN A 253 15.08 7.69 18.67
C ASN A 253 16.39 8.36 19.13
N ARG A 254 17.54 7.67 19.05
CA ARG A 254 18.84 8.33 19.41
C ARG A 254 19.37 9.16 18.25
N ASP A 255 19.60 8.55 17.10
CA ASP A 255 20.22 9.29 15.99
C ASP A 255 19.26 10.35 15.45
N VAL A 256 17.99 9.99 15.23
CA VAL A 256 17.11 10.94 14.52
C VAL A 256 16.46 11.87 15.51
N LEU A 257 15.68 11.32 16.43
CA LEU A 257 14.95 12.17 17.39
C LEU A 257 15.89 13.07 18.22
N ARG A 258 16.78 12.44 18.98
CA ARG A 258 17.63 13.20 19.96
C ARG A 258 18.81 13.81 19.29
N GLY A 259 19.36 13.10 18.31
CA GLY A 259 20.50 13.61 17.52
C GLY A 259 20.13 14.72 16.56
N GLU A 260 19.49 14.37 15.46
CA GLU A 260 19.18 15.32 14.40
C GLU A 260 18.14 16.31 14.78
N MET A 261 17.11 15.88 15.49
CA MET A 261 16.03 16.81 15.85
C MET A 261 16.31 17.56 17.19
N GLU A 262 17.39 17.20 17.85
CA GLU A 262 17.85 17.89 19.09
C GLU A 262 16.85 17.86 20.23
N PHE A 263 15.94 16.88 20.19
CA PHE A 263 14.94 16.74 21.24
C PHE A 263 15.59 16.19 22.48
N ASP A 264 15.41 16.95 23.56
CA ASP A 264 16.02 16.63 24.84
C ASP A 264 15.02 16.46 25.98
N GLY A 265 13.73 16.31 25.67
CA GLY A 265 12.68 16.02 26.64
C GLY A 265 12.36 14.56 26.88
N VAL A 266 11.24 14.30 27.54
CA VAL A 266 10.81 12.93 27.84
C VAL A 266 10.26 12.27 26.56
N LEU A 267 10.78 11.08 26.24
CA LEU A 267 10.22 10.07 25.32
C LEU A 267 9.46 9.03 26.16
N ILE A 268 8.17 9.00 25.93
CA ILE A 268 7.27 8.10 26.61
C ILE A 268 6.82 7.05 25.60
N SER A 269 6.77 5.80 26.00
CA SER A 269 6.28 4.71 25.20
C SER A 269 4.79 4.89 25.01
N ASP A 270 4.29 4.39 23.90
CA ASP A 270 2.85 4.33 23.76
C ASP A 270 2.46 3.18 24.70
N TRP A 271 1.17 2.96 24.82
CA TRP A 271 0.63 2.02 25.78
C TRP A 271 1.10 0.59 25.66
N GLY A 272 1.86 0.13 26.67
CA GLY A 272 2.52 -1.19 26.61
C GLY A 272 3.44 -1.42 25.40
N ALA A 273 3.86 -0.37 24.69
CA ALA A 273 4.66 -0.59 23.45
C ALA A 273 6.05 -1.20 23.76
N VAL A 274 6.53 -0.97 24.99
CA VAL A 274 7.79 -1.59 25.48
C VAL A 274 7.63 -3.13 25.57
N ALA A 275 6.62 -3.63 26.28
CA ALA A 275 6.49 -5.07 26.39
C ALA A 275 6.17 -5.71 25.02
N GLU A 276 5.51 -4.95 24.20
CA GLU A 276 5.03 -5.45 22.93
C GLU A 276 6.16 -5.69 21.90
N VAL A 277 7.35 -5.12 22.11
CA VAL A 277 8.43 -5.43 21.18
C VAL A 277 8.64 -6.98 21.21
N ILE A 278 8.21 -7.60 22.28
CA ILE A 278 8.22 -9.04 22.41
C ILE A 278 7.27 -9.68 21.37
N ASN A 279 6.04 -9.19 21.25
CA ASN A 279 5.13 -9.71 20.21
C ASN A 279 5.61 -9.55 18.76
N HIS A 280 6.25 -8.41 18.49
CA HIS A 280 6.79 -8.06 17.17
C HIS A 280 7.93 -9.00 16.86
N GLY A 281 8.36 -9.77 17.84
CA GLY A 281 9.49 -10.71 17.70
C GLY A 281 10.90 -10.09 17.57
N THR A 282 11.10 -8.92 18.16
CA THR A 282 12.39 -8.29 18.23
C THR A 282 12.93 -8.26 19.71
N ALA A 283 12.28 -8.97 20.62
CA ALA A 283 12.81 -9.22 21.91
C ALA A 283 12.23 -10.52 22.42
N ARG A 284 13.07 -11.30 23.09
CA ARG A 284 12.68 -12.67 23.54
C ARG A 284 11.89 -12.57 24.84
N ASN A 285 12.16 -11.58 25.66
CA ASN A 285 11.44 -11.45 26.93
C ASN A 285 11.51 -10.04 27.46
N PRO A 286 10.91 -9.81 28.65
CA PRO A 286 10.89 -8.45 29.18
C PRO A 286 12.26 -7.90 29.46
N LYS A 287 13.23 -8.78 29.67
CA LYS A 287 14.57 -8.32 30.04
C LYS A 287 15.18 -7.65 28.83
N GLU A 288 15.17 -8.37 27.72
CA GLU A 288 15.55 -7.79 26.42
C GLU A 288 14.71 -6.58 26.05
N ALA A 289 13.40 -6.63 26.25
CA ALA A 289 12.57 -5.45 25.92
C ALA A 289 12.99 -4.18 26.66
N ALA A 290 13.24 -4.39 27.95
CA ALA A 290 13.70 -3.30 28.81
C ALA A 290 15.07 -2.84 28.39
N GLN A 291 15.96 -3.79 28.16
CA GLN A 291 17.28 -3.38 27.73
C GLN A 291 17.22 -2.53 26.45
N PHE A 292 16.56 -3.09 25.42
CA PHE A 292 16.54 -2.46 24.09
C PHE A 292 15.81 -1.13 24.10
N SER A 293 14.76 -1.04 24.88
CA SER A 293 13.98 0.21 24.96
C SER A 293 14.80 1.32 25.68
N MET A 294 15.54 0.92 26.72
CA MET A 294 16.36 1.88 27.49
C MET A 294 17.56 2.31 26.63
N GLU A 295 18.17 1.38 25.91
CA GLU A 295 19.20 1.78 24.97
C GLU A 295 18.71 2.79 23.94
N ALA A 296 17.41 2.74 23.65
CA ALA A 296 16.82 3.52 22.59
C ALA A 296 16.43 4.88 23.11
N GLY A 297 16.42 5.05 24.41
CA GLY A 297 16.20 6.37 25.02
C GLY A 297 14.75 6.55 25.38
N VAL A 298 14.05 5.43 25.55
CA VAL A 298 12.68 5.52 26.03
C VAL A 298 12.79 5.74 27.57
N ASP A 299 12.25 6.89 28.04
CA ASP A 299 12.38 7.39 29.40
C ASP A 299 11.21 6.98 30.35
N LEU A 300 10.00 6.78 29.82
CA LEU A 300 8.82 6.50 30.63
C LEU A 300 7.98 5.37 29.97
N GLU A 301 7.97 4.22 30.60
CA GLU A 301 7.14 3.11 30.20
C GLU A 301 5.64 3.24 30.57
N MET A 302 4.78 3.26 29.58
CA MET A 302 3.34 3.45 29.84
C MET A 302 2.64 2.15 30.12
N MET A 303 2.38 1.91 31.40
CA MET A 303 1.52 0.88 31.89
C MET A 303 1.98 -0.54 31.64
N THR A 304 3.29 -0.76 31.49
CA THR A 304 3.85 -2.10 31.58
C THR A 304 5.04 -2.06 32.53
N THR A 305 5.61 -3.23 32.81
CA THR A 305 6.54 -3.40 33.92
C THR A 305 7.87 -4.03 33.52
N CYS A 306 8.28 -3.95 32.27
CA CYS A 306 9.60 -4.45 31.91
C CYS A 306 10.66 -3.70 32.69
N TYR A 307 10.59 -2.38 32.71
CA TYR A 307 11.59 -1.60 33.43
C TYR A 307 11.52 -1.94 34.93
N ILE A 308 10.38 -1.68 35.60
CA ILE A 308 10.34 -1.93 37.06
C ILE A 308 10.79 -3.32 37.44
N HIS A 309 10.51 -4.33 36.64
CA HIS A 309 10.99 -5.69 37.00
C HIS A 309 12.38 -6.10 36.48
N GLU A 310 13.00 -5.39 35.54
CA GLU A 310 14.24 -5.86 34.90
C GLU A 310 15.44 -4.89 34.91
N LEU A 311 15.20 -3.59 35.07
CA LEU A 311 16.32 -2.66 34.92
C LEU A 311 17.42 -2.92 35.96
N LYS A 312 17.03 -3.15 37.21
CA LYS A 312 17.98 -3.43 38.29
C LYS A 312 18.96 -4.56 37.89
N GLY A 313 18.43 -5.73 37.51
CA GLY A 313 19.25 -6.88 37.08
C GLY A 313 20.18 -6.64 35.90
N LEU A 314 19.74 -5.76 34.98
CA LEU A 314 20.52 -5.42 33.80
C LEU A 314 21.68 -4.52 34.16
N ILE A 315 21.39 -3.58 35.05
CA ILE A 315 22.39 -2.66 35.52
C ILE A 315 23.40 -3.42 36.40
N GLU A 316 22.89 -4.21 37.32
CA GLU A 316 23.75 -5.01 38.21
C GLU A 316 24.62 -5.97 37.45
N GLU A 317 24.10 -6.53 36.37
CA GLU A 317 24.90 -7.44 35.55
C GLU A 317 25.80 -6.71 34.56
N GLY A 318 25.83 -5.38 34.55
CA GLY A 318 26.63 -4.69 33.56
C GLY A 318 26.13 -4.62 32.12
N LYS A 319 24.97 -5.22 31.78
CA LYS A 319 24.43 -5.15 30.41
C LYS A 319 23.87 -3.76 30.01
N LEU A 320 23.73 -2.88 30.98
CA LEU A 320 23.09 -1.62 30.77
C LEU A 320 23.74 -0.60 31.71
N SER A 321 24.19 0.54 31.18
CA SER A 321 24.79 1.54 32.03
C SER A 321 23.77 2.33 32.82
N GLU A 322 24.06 2.51 34.10
CA GLU A 322 23.24 3.32 34.97
C GLU A 322 23.22 4.80 34.51
N ASN A 323 24.19 5.22 33.71
CA ASN A 323 24.11 6.56 33.11
C ASN A 323 22.86 6.80 32.31
N LEU A 324 22.41 5.76 31.59
CA LEU A 324 21.19 5.85 30.74
C LEU A 324 19.97 6.10 31.60
N LEU A 325 19.86 5.32 32.67
CA LEU A 325 18.78 5.54 33.65
C LEU A 325 18.80 6.97 34.22
N ASP A 326 19.99 7.43 34.58
CA ASP A 326 20.11 8.74 35.20
C ASP A 326 19.73 9.85 34.25
N GLU A 327 20.14 9.68 33.01
CA GLU A 327 19.71 10.61 31.98
C GLU A 327 18.16 10.62 31.91
N ALA A 328 17.55 9.46 32.08
CA ALA A 328 16.08 9.35 31.89
C ALA A 328 15.35 10.06 33.03
N VAL A 329 15.78 9.75 34.24
CA VAL A 329 15.27 10.41 35.46
C VAL A 329 15.46 11.93 35.37
N LEU A 330 16.65 12.33 34.94
CA LEU A 330 16.87 13.76 34.79
C LEU A 330 15.85 14.43 33.88
N ARG A 331 15.47 13.75 32.80
CA ARG A 331 14.57 14.35 31.82
C ARG A 331 13.17 14.44 32.44
N MET A 332 12.85 13.40 33.21
CA MET A 332 11.61 13.38 34.01
C MET A 332 11.51 14.54 35.02
N LEU A 333 12.58 14.73 35.79
CA LEU A 333 12.59 15.77 36.82
C LEU A 333 12.54 17.17 36.20
N ASN A 334 13.26 17.34 35.08
CA ASN A 334 13.22 18.62 34.33
C ASN A 334 11.84 18.99 33.85
N LEU A 335 11.08 17.98 33.39
CA LEU A 335 9.71 18.22 32.92
C LEU A 335 8.87 18.67 34.12
N LYS A 336 9.00 17.95 35.25
CA LYS A 336 8.28 18.35 36.50
C LYS A 336 8.59 19.79 36.88
N ASN A 337 9.87 20.14 36.79
CA ASN A 337 10.34 21.50 37.03
C ASN A 337 9.74 22.53 36.13
N ASP A 338 9.78 22.23 34.81
CA ASP A 338 9.30 23.11 33.78
C ASP A 338 7.84 23.37 34.01
N LEU A 339 7.17 22.40 34.65
CA LEU A 339 5.74 22.52 34.98
C LEU A 339 5.47 23.21 36.34
N GLY A 340 6.50 23.29 37.17
CA GLY A 340 6.44 24.10 38.39
C GLY A 340 5.86 23.31 39.54
N LEU A 341 6.09 22.00 39.49
CA LEU A 341 5.50 21.06 40.42
C LEU A 341 6.25 21.01 41.74
N PHE A 342 7.54 21.31 41.64
CA PHE A 342 8.41 21.48 42.79
C PHE A 342 8.01 22.64 43.71
N GLU A 343 7.35 23.63 43.17
CA GLU A 343 6.77 24.71 43.97
C GLU A 343 5.27 24.59 44.28
N ASP A 344 4.47 24.18 43.27
CA ASP A 344 3.03 23.83 43.38
C ASP A 344 2.75 22.49 42.66
N PRO A 345 2.78 21.36 43.42
CA PRO A 345 2.51 20.04 42.84
C PRO A 345 1.07 19.89 42.36
N TYR A 346 0.24 20.89 42.63
CA TYR A 346 -1.16 20.90 42.21
C TYR A 346 -1.40 21.99 41.19
N ARG A 347 -0.31 22.55 40.69
CA ARG A 347 -0.37 23.48 39.56
C ARG A 347 -1.61 24.42 39.58
N GLY A 348 -1.77 25.09 40.72
CA GLY A 348 -2.73 26.19 40.83
C GLY A 348 -4.11 25.74 41.26
N LEU A 349 -4.27 24.44 41.45
CA LEU A 349 -5.55 23.91 41.86
C LEU A 349 -5.68 24.15 43.36
N ARG A 354 -10.80 26.60 40.05
CA ARG A 354 -10.79 26.76 38.58
C ARG A 354 -11.94 26.06 37.79
N THR A 355 -12.86 25.44 38.52
CA THR A 355 -14.07 24.94 37.93
C THR A 355 -14.76 25.94 37.03
N LYS A 356 -14.57 27.22 37.34
CA LYS A 356 -15.29 28.29 36.68
C LYS A 356 -14.85 28.42 35.20
N ASP A 357 -13.65 27.89 34.91
CA ASP A 357 -13.08 27.82 33.56
C ASP A 357 -13.74 26.73 32.63
N ILE A 358 -14.39 25.73 33.20
CA ILE A 358 -14.79 24.52 32.46
C ILE A 358 -16.17 24.67 31.84
N LEU A 359 -16.26 24.47 30.52
CA LEU A 359 -17.51 24.53 29.79
C LEU A 359 -18.19 25.92 29.88
N THR A 360 -17.44 26.99 29.73
CA THR A 360 -18.04 28.31 29.72
C THR A 360 -18.87 28.52 28.46
N ASP A 361 -19.74 29.53 28.47
CA ASP A 361 -20.37 30.03 27.24
C ASP A 361 -19.37 30.47 26.16
N GLU A 362 -18.32 31.19 26.57
CA GLU A 362 -17.25 31.70 25.69
C GLU A 362 -16.59 30.53 24.94
N SER A 363 -16.14 29.53 25.68
CA SER A 363 -15.53 28.35 25.09
C SER A 363 -16.44 27.60 24.11
N ARG A 364 -17.69 27.40 24.52
CA ARG A 364 -18.68 26.76 23.69
C ARG A 364 -18.83 27.54 22.41
N GLY A 365 -18.80 28.87 22.49
CA GLY A 365 -18.91 29.70 21.29
C GLY A 365 -17.72 29.48 20.36
N LYS A 366 -16.54 29.39 20.95
CA LYS A 366 -15.31 29.10 20.22
C LYS A 366 -15.35 27.73 19.50
N ALA A 367 -15.90 26.72 20.18
CA ALA A 367 -15.99 25.34 19.63
C ALA A 367 -16.93 25.34 18.49
N ARG A 368 -17.99 26.12 18.66
CA ARG A 368 -18.91 26.37 17.55
C ARG A 368 -18.31 27.08 16.36
N ALA A 369 -17.51 28.11 16.59
CA ALA A 369 -16.87 28.78 15.48
C ALA A 369 -15.91 27.77 14.80
N ALA A 370 -15.18 27.01 15.61
CA ALA A 370 -14.29 25.92 15.10
C ALA A 370 -15.04 24.96 14.19
N GLY A 371 -16.23 24.56 14.59
CA GLY A 371 -17.11 23.69 13.78
C GLY A 371 -17.46 24.27 12.43
N VAL A 372 -17.87 25.54 12.43
CA VAL A 372 -18.27 26.22 11.19
C VAL A 372 -17.09 26.52 10.29
N GLU A 373 -15.90 26.69 10.87
CA GLU A 373 -14.66 26.86 10.08
C GLU A 373 -14.21 25.57 9.35
N SER A 374 -14.54 24.43 9.98
CA SER A 374 -14.03 23.06 9.66
C SER A 374 -14.89 22.22 8.67
N ALA A 375 -16.20 22.51 8.60
CA ALA A 375 -17.10 21.75 7.77
C ALA A 375 -16.77 22.04 6.29
N VAL A 376 -17.10 21.12 5.44
CA VAL A 376 -16.80 21.28 3.99
C VAL A 376 -18.06 21.04 3.20
N LEU A 377 -18.42 22.08 2.45
CA LEU A 377 -19.50 22.01 1.54
C LEU A 377 -18.98 21.31 0.27
N LEU A 378 -19.52 20.15 -0.06
CA LEU A 378 -19.03 19.34 -1.17
C LEU A 378 -19.87 19.47 -2.40
N GLU A 379 -21.20 19.62 -2.20
CA GLU A 379 -22.10 19.84 -3.33
C GLU A 379 -23.12 20.86 -2.93
N ASN A 380 -23.56 21.66 -3.90
CA ASN A 380 -24.67 22.60 -3.64
C ASN A 380 -25.34 22.92 -4.92
N LYS A 381 -26.13 22.00 -5.44
CA LYS A 381 -26.73 22.19 -6.76
C LYS A 381 -27.89 23.21 -6.75
N SER A 382 -27.90 24.04 -7.77
CA SER A 382 -28.89 25.13 -7.88
C SER A 382 -29.10 25.93 -6.63
N ARG A 383 -28.05 26.22 -5.88
CA ARG A 383 -28.20 27.07 -4.69
C ARG A 383 -29.34 26.64 -3.72
N LEU A 384 -29.50 25.34 -3.51
CA LEU A 384 -30.34 24.87 -2.44
C LEU A 384 -29.92 25.54 -1.15
N LEU A 385 -28.62 25.58 -0.84
CA LEU A 385 -28.19 26.15 0.45
C LEU A 385 -27.71 27.57 0.14
N PRO A 386 -27.79 28.48 1.13
CA PRO A 386 -28.38 28.30 2.46
C PRO A 386 -29.91 28.26 2.44
N LEU A 387 -30.56 27.60 3.41
CA LEU A 387 -32.04 27.56 3.47
C LEU A 387 -32.66 28.79 4.15
N ALA A 388 -33.86 29.19 3.72
CA ALA A 388 -34.58 30.30 4.35
C ALA A 388 -35.00 29.84 5.72
N LYS A 389 -34.92 30.73 6.71
CA LYS A 389 -35.32 30.39 8.08
C LYS A 389 -36.74 29.83 8.18
N GLU A 390 -37.52 29.98 7.13
CA GLU A 390 -38.89 29.51 7.15
C GLU A 390 -39.12 28.36 6.18
N ALA A 391 -38.04 27.74 5.68
CA ALA A 391 -38.22 26.49 4.92
C ALA A 391 -38.65 25.45 5.93
N LYS A 392 -39.65 24.69 5.53
CA LYS A 392 -40.20 23.65 6.34
C LYS A 392 -39.30 22.41 6.12
N ILE A 393 -38.72 21.91 7.20
CA ILE A 393 -37.76 20.82 7.14
C ILE A 393 -38.26 19.47 7.64
N ALA A 394 -38.19 18.48 6.75
CA ALA A 394 -38.12 17.09 7.21
C ALA A 394 -36.64 16.70 7.51
N LEU A 395 -36.35 16.45 8.77
CA LEU A 395 -35.04 16.09 9.22
C LEU A 395 -35.07 14.56 9.45
N VAL A 396 -34.37 13.77 8.61
CA VAL A 396 -34.46 12.32 8.74
C VAL A 396 -33.05 11.70 8.78
N GLY A 397 -32.96 10.53 9.39
CA GLY A 397 -31.78 9.69 9.32
C GLY A 397 -31.24 9.37 10.71
N PRO A 398 -30.17 8.56 10.78
CA PRO A 398 -29.55 8.19 12.07
C PRO A 398 -28.88 9.29 12.82
N LEU A 399 -28.56 10.38 12.15
CA LEU A 399 -27.96 11.55 12.78
C LEU A 399 -28.92 12.72 13.07
N ALA A 400 -30.20 12.49 12.87
CA ALA A 400 -31.26 13.45 13.23
C ALA A 400 -31.26 13.80 14.72
N THR A 401 -31.19 12.77 15.57
CA THR A 401 -31.27 12.89 17.06
C THR A 401 -30.10 12.23 17.80
N SER A 402 -29.25 11.49 17.10
CA SER A 402 -28.11 10.86 17.80
C SER A 402 -27.34 11.86 18.59
N PRO A 403 -26.99 11.47 19.83
CA PRO A 403 -26.08 12.27 20.63
C PRO A 403 -24.60 12.01 20.30
N ASP A 404 -24.33 11.11 19.38
CA ASP A 404 -22.94 10.67 19.06
C ASP A 404 -22.33 11.61 17.99
N ILE A 405 -22.02 12.84 18.39
CA ILE A 405 -21.56 13.91 17.46
C ILE A 405 -20.28 14.64 17.95
N LEU A 406 -19.70 14.08 19.01
CA LEU A 406 -18.56 14.67 19.71
C LEU A 406 -17.27 14.08 19.15
N GLY A 407 -17.38 12.90 18.53
CA GLY A 407 -16.25 12.30 17.90
C GLY A 407 -15.45 11.31 18.68
N GLY A 408 -14.54 10.62 17.98
CA GLY A 408 -13.62 9.71 18.64
C GLY A 408 -12.58 10.46 19.45
N TRP A 409 -11.88 9.73 20.27
CA TRP A 409 -10.86 10.30 21.16
C TRP A 409 -11.43 11.47 21.99
N ASN A 410 -12.60 11.20 22.56
CA ASN A 410 -13.26 12.14 23.41
C ASN A 410 -13.32 11.50 24.78
N VAL A 411 -12.26 11.61 25.52
CA VAL A 411 -12.15 10.92 26.78
C VAL A 411 -12.93 11.62 27.90
N TYR A 412 -13.16 12.93 27.81
CA TYR A 412 -13.70 13.71 28.98
C TYR A 412 -15.03 14.44 28.71
N GLY A 413 -15.39 14.57 27.44
CA GLY A 413 -16.56 15.35 27.07
C GLY A 413 -17.77 14.48 27.22
N GLU A 414 -18.91 15.10 27.48
CA GLU A 414 -20.12 14.34 27.75
C GLU A 414 -21.18 14.63 26.76
N GLU A 415 -21.78 13.54 26.30
CA GLU A 415 -22.84 13.65 25.31
C GLU A 415 -24.04 14.43 25.84
N LYS A 416 -24.29 14.41 27.16
CA LYS A 416 -25.42 15.17 27.70
C LYS A 416 -25.25 16.68 27.56
N ASP A 417 -24.02 17.15 27.40
CA ASP A 417 -23.77 18.59 27.14
C ASP A 417 -23.78 18.90 25.68
N GLY A 418 -23.91 17.89 24.83
CA GLY A 418 -23.79 18.14 23.39
C GLY A 418 -25.12 18.59 22.84
N ILE A 419 -25.09 19.25 21.69
CA ILE A 419 -26.28 19.69 21.02
C ILE A 419 -26.47 18.86 19.72
N ASN A 420 -27.59 18.11 19.66
CA ASN A 420 -27.91 17.27 18.52
C ASN A 420 -28.50 18.05 17.33
N VAL A 421 -28.70 17.36 16.19
CA VAL A 421 -29.05 18.10 14.98
C VAL A 421 -30.49 18.63 15.13
N GLU A 422 -31.41 17.79 15.62
CA GLU A 422 -32.79 18.24 15.94
C GLU A 422 -32.79 19.51 16.80
N THR A 423 -32.13 19.50 17.94
CA THR A 423 -32.12 20.69 18.78
C THR A 423 -31.57 21.90 18.07
N GLY A 424 -30.42 21.73 17.41
CA GLY A 424 -29.80 22.84 16.66
C GLY A 424 -30.75 23.45 15.64
N LEU A 425 -31.49 22.59 14.94
CA LEU A 425 -32.30 23.08 13.81
C LEU A 425 -33.58 23.79 14.32
N ARG A 426 -34.19 23.23 15.36
CA ARG A 426 -35.41 23.80 15.97
C ARG A 426 -35.19 25.21 16.48
N GLU A 427 -33.99 25.51 17.00
CA GLU A 427 -33.59 26.86 17.30
C GLU A 427 -33.71 27.85 16.14
N VAL A 428 -33.56 27.40 14.91
CA VAL A 428 -33.38 28.34 13.78
C VAL A 428 -34.58 28.35 12.88
N PHE A 429 -35.19 27.19 12.68
CA PHE A 429 -36.17 27.00 11.65
C PHE A 429 -37.51 26.76 12.33
N GLU A 430 -38.52 27.51 11.90
CA GLU A 430 -39.86 27.43 12.50
C GLU A 430 -40.42 26.03 12.37
N THR A 431 -40.43 25.43 11.19
CA THR A 431 -41.06 24.12 11.04
C THR A 431 -40.05 23.01 10.77
N VAL A 432 -39.96 22.09 11.73
CA VAL A 432 -39.11 20.90 11.58
C VAL A 432 -39.86 19.69 11.99
N GLU A 433 -39.93 18.73 11.10
CA GLU A 433 -40.50 17.43 11.43
C GLU A 433 -39.40 16.39 11.31
N VAL A 434 -39.36 15.49 12.26
CA VAL A 434 -38.20 14.64 12.38
C VAL A 434 -38.54 13.18 12.31
N VAL A 435 -37.89 12.43 11.43
CA VAL A 435 -37.95 10.97 11.50
C VAL A 435 -36.56 10.40 11.63
N SER A 436 -36.35 9.80 12.78
CA SER A 436 -35.08 9.24 13.12
C SER A 436 -35.03 7.77 12.66
N THR A 437 -33.86 7.31 12.25
CA THR A 437 -33.72 5.90 11.82
C THR A 437 -32.46 5.31 12.39
N GLU A 438 -32.32 4.00 12.31
CA GLU A 438 -31.16 3.35 12.89
C GLU A 438 -29.92 3.45 12.00
N TYR A 439 -28.73 3.22 12.61
CA TYR A 439 -27.50 3.41 11.87
C TYR A 439 -27.36 2.35 10.79
N THR A 440 -27.86 1.14 11.03
CA THR A 440 -27.52 -0.01 10.19
C THR A 440 -28.69 -0.71 9.57
N GLU A 441 -29.89 -0.15 9.74
CA GLU A 441 -31.13 -0.77 9.23
C GLU A 441 -31.99 0.27 8.52
N LEU A 442 -32.88 -0.20 7.65
CA LEU A 442 -33.96 0.66 7.06
C LEU A 442 -35.21 -0.19 6.94
N SER A 443 -36.13 -0.01 7.86
CA SER A 443 -37.31 -0.83 7.94
C SER A 443 -38.41 -0.30 7.02
N GLU A 444 -39.40 -1.13 6.68
CA GLU A 444 -40.58 -0.60 5.92
C GLU A 444 -41.31 0.46 6.70
N GLU A 445 -41.45 0.21 7.98
CA GLU A 445 -42.09 1.19 8.83
C GLU A 445 -41.38 2.57 8.73
N ASP A 446 -40.03 2.55 8.65
CA ASP A 446 -39.24 3.77 8.51
C ASP A 446 -39.62 4.51 7.25
N LYS A 447 -39.69 3.78 6.16
CA LYS A 447 -39.95 4.40 4.88
C LYS A 447 -41.33 5.08 4.90
N VAL A 448 -42.30 4.39 5.47
CA VAL A 448 -43.64 4.98 5.58
C VAL A 448 -43.56 6.30 6.37
N ALA A 449 -42.88 6.29 7.51
CA ALA A 449 -42.78 7.50 8.31
C ALA A 449 -42.03 8.61 7.58
N VAL A 450 -40.98 8.23 6.87
CA VAL A 450 -40.17 9.23 6.17
C VAL A 450 -41.02 9.88 5.10
N LYS A 451 -41.65 9.06 4.30
CA LYS A 451 -42.57 9.56 3.26
C LYS A 451 -43.60 10.55 3.83
N ALA A 452 -44.18 10.23 5.00
CA ALA A 452 -45.19 11.11 5.61
C ALA A 452 -44.58 12.44 6.03
N ALA A 453 -43.39 12.44 6.63
CA ALA A 453 -42.74 13.68 7.07
C ALA A 453 -42.31 14.53 5.86
N VAL A 454 -41.86 13.87 4.79
CA VAL A 454 -41.36 14.60 3.60
C VAL A 454 -42.49 15.22 2.76
N GLN A 455 -43.59 14.51 2.62
CA GLN A 455 -44.78 15.02 1.93
C GLN A 455 -45.22 16.36 2.46
N ASN A 456 -45.26 16.50 3.78
CA ASN A 456 -45.64 17.77 4.46
C ASN A 456 -44.66 18.96 4.27
N MET A 457 -43.37 18.67 4.14
CA MET A 457 -42.31 19.70 4.28
C MET A 457 -41.81 20.16 2.93
N ASP A 458 -40.90 21.12 2.90
CA ASP A 458 -40.33 21.63 1.61
C ASP A 458 -38.90 21.15 1.29
N VAL A 459 -38.15 20.75 2.31
CA VAL A 459 -36.78 20.27 2.07
C VAL A 459 -36.51 19.15 3.01
N VAL A 460 -35.75 18.17 2.52
CA VAL A 460 -35.24 17.15 3.42
C VAL A 460 -33.79 17.50 3.87
N VAL A 461 -33.58 17.55 5.18
CA VAL A 461 -32.25 17.45 5.77
C VAL A 461 -32.00 15.98 6.19
N LEU A 462 -31.15 15.31 5.41
CA LEU A 462 -30.87 13.88 5.54
C LEU A 462 -29.53 13.79 6.24
N ALA A 463 -29.60 13.41 7.51
CA ALA A 463 -28.50 13.38 8.39
C ALA A 463 -28.02 11.89 8.52
N LEU A 464 -26.86 11.65 7.91
CA LEU A 464 -26.22 10.34 7.84
C LEU A 464 -24.91 10.38 8.58
N GLY A 465 -24.44 9.23 9.05
CA GLY A 465 -23.16 9.18 9.67
C GLY A 465 -22.60 7.85 10.15
N GLU A 466 -21.32 7.91 10.58
CA GLU A 466 -20.72 6.80 11.33
C GLU A 466 -21.02 6.92 12.82
N LYS A 467 -21.08 5.81 13.55
CA LYS A 467 -20.88 5.86 15.03
C LYS A 467 -19.39 6.07 15.23
N ASN A 468 -18.97 6.65 16.38
CA ASN A 468 -17.56 7.14 16.40
C ASN A 468 -16.68 5.94 16.65
N GLU A 469 -17.28 4.90 17.21
CA GLU A 469 -16.56 3.66 17.52
C GLU A 469 -16.17 2.86 16.26
N TRP A 470 -16.69 3.22 15.09
CA TRP A 470 -16.23 2.64 13.81
C TRP A 470 -14.92 3.21 13.30
N GLY A 471 -14.33 4.11 14.11
CA GLY A 471 -13.04 4.73 13.89
C GLY A 471 -12.31 4.99 15.19
N GLY A 472 -11.30 5.83 15.15
CA GLY A 472 -10.38 5.90 16.29
C GLY A 472 -9.47 4.67 16.30
N GLU A 473 -8.85 4.39 17.44
CA GLU A 473 -7.90 3.34 17.65
C GLU A 473 -8.56 1.97 17.47
N ALA A 474 -7.96 1.08 16.67
CA ALA A 474 -8.49 -0.24 16.42
C ALA A 474 -9.98 -0.24 15.92
N GLY A 475 -10.21 0.78 15.09
CA GLY A 475 -11.42 0.96 14.33
C GLY A 475 -11.08 1.00 12.83
N SER A 476 -10.51 -0.09 12.33
CA SER A 476 -10.14 -0.23 10.90
C SER A 476 -11.31 -0.75 10.08
N LEU A 477 -11.59 -0.14 8.91
CA LEU A 477 -12.62 -0.63 8.02
C LEU A 477 -12.00 -1.03 6.68
N ALA A 478 -12.16 -2.28 6.28
CA ALA A 478 -11.64 -2.71 5.03
C ALA A 478 -12.31 -2.01 3.88
N THR A 479 -13.61 -1.75 3.99
CA THR A 479 -14.36 -1.01 2.97
C THR A 479 -14.82 0.33 3.56
N ILE A 480 -14.44 1.42 2.93
CA ILE A 480 -14.70 2.74 3.53
C ILE A 480 -16.07 3.26 3.11
N ARG A 481 -17.12 2.62 3.62
CA ARG A 481 -18.50 2.96 3.26
C ARG A 481 -19.34 3.10 4.53
N LEU A 482 -20.36 3.92 4.51
CA LEU A 482 -21.43 3.84 5.51
C LEU A 482 -22.11 2.45 5.47
N PRO A 483 -22.75 2.02 6.55
CA PRO A 483 -23.65 0.88 6.35
C PRO A 483 -24.57 1.04 5.15
N GLU A 484 -24.76 -0.03 4.44
CA GLU A 484 -25.50 0.01 3.18
C GLU A 484 -26.93 0.55 3.35
N ALA A 485 -27.55 0.34 4.53
CA ALA A 485 -28.86 0.91 4.80
C ALA A 485 -28.91 2.44 4.65
N GLN A 486 -27.80 3.12 4.93
CA GLN A 486 -27.76 4.59 4.81
C GLN A 486 -27.76 4.99 3.36
N TYR A 487 -27.07 4.21 2.53
CA TYR A 487 -27.10 4.57 1.10
C TYR A 487 -28.52 4.32 0.51
N GLN A 488 -29.19 3.28 0.96
CA GLN A 488 -30.54 2.92 0.49
C GLN A 488 -31.52 3.97 0.96
N LEU A 489 -31.32 4.47 2.17
CA LEU A 489 -32.13 5.52 2.67
C LEU A 489 -31.96 6.74 1.83
N ALA A 490 -30.72 7.06 1.43
CA ALA A 490 -30.53 8.22 0.55
C ALA A 490 -31.16 8.03 -0.84
N LYS A 491 -31.12 6.78 -1.33
CA LYS A 491 -31.74 6.42 -2.57
C LYS A 491 -33.30 6.62 -2.46
N PHE A 492 -33.88 6.17 -1.35
CA PHE A 492 -35.31 6.33 -1.09
C PHE A 492 -35.77 7.78 -0.93
N VAL A 493 -35.08 8.54 -0.08
CA VAL A 493 -35.44 9.95 0.12
C VAL A 493 -35.42 10.74 -1.16
N GLN A 494 -34.46 10.43 -1.99
CA GLN A 494 -34.37 11.06 -3.27
C GLN A 494 -35.62 10.88 -4.14
N THR A 495 -36.24 9.71 -4.14
CA THR A 495 -37.48 9.55 -4.90
C THR A 495 -38.68 10.34 -4.42
N LEU A 496 -38.59 11.11 -3.35
CA LEU A 496 -39.76 11.74 -2.77
C LEU A 496 -39.99 13.12 -3.38
N GLY A 497 -39.21 13.50 -4.38
CA GLY A 497 -39.48 14.68 -5.15
C GLY A 497 -39.20 16.04 -4.50
N LYS A 498 -38.57 16.05 -3.33
CA LYS A 498 -38.28 17.29 -2.64
C LYS A 498 -36.78 17.55 -2.67
N PRO A 499 -36.37 18.81 -2.53
CA PRO A 499 -34.91 18.98 -2.54
C PRO A 499 -34.26 18.33 -1.32
N VAL A 500 -33.01 17.81 -1.53
CA VAL A 500 -32.26 17.09 -0.46
C VAL A 500 -30.83 17.62 -0.15
N VAL A 501 -30.59 17.90 1.13
CA VAL A 501 -29.30 18.20 1.67
C VAL A 501 -28.89 17.04 2.58
N ILE A 502 -27.71 16.48 2.41
CA ILE A 502 -27.17 15.42 3.26
C ILE A 502 -26.18 16.09 4.13
N THR A 503 -26.43 15.97 5.44
CA THR A 503 -25.49 16.40 6.47
C THR A 503 -24.80 15.12 6.95
N LEU A 504 -23.51 15.00 6.58
CA LEU A 504 -22.74 13.83 6.85
C LEU A 504 -21.85 14.01 8.07
N PHE A 505 -21.90 13.04 8.98
CA PHE A 505 -21.09 13.04 10.18
C PHE A 505 -20.22 11.81 10.18
N ASN A 506 -18.90 11.97 10.32
CA ASN A 506 -17.99 10.82 10.22
C ASN A 506 -16.59 11.19 10.66
N GLY A 507 -15.76 10.19 10.84
CA GLY A 507 -14.35 10.35 11.19
C GLY A 507 -13.31 9.98 10.16
N ARG A 508 -13.75 9.74 8.92
CA ARG A 508 -12.82 9.39 7.82
C ARG A 508 -13.42 9.75 6.50
N PRO A 509 -12.56 9.93 5.48
CA PRO A 509 -13.09 9.94 4.12
C PRO A 509 -13.92 8.70 3.91
N LEU A 510 -15.05 8.83 3.19
CA LEU A 510 -15.91 7.70 2.85
C LEU A 510 -16.15 7.72 1.33
N GLU A 511 -16.65 6.60 0.79
CA GLU A 511 -17.14 6.53 -0.63
C GLU A 511 -18.44 7.31 -0.69
N VAL A 512 -18.43 8.56 -1.19
CA VAL A 512 -19.63 9.42 -1.09
C VAL A 512 -20.25 9.77 -2.46
N LYS A 513 -19.76 9.14 -3.52
CA LYS A 513 -20.33 9.42 -4.83
C LYS A 513 -21.86 9.13 -4.89
N GLU A 514 -22.29 8.03 -4.29
CA GLU A 514 -23.73 7.66 -4.28
C GLU A 514 -24.54 8.61 -3.41
N LEU A 515 -23.88 9.24 -2.43
CA LEU A 515 -24.54 10.23 -1.61
C LEU A 515 -24.65 11.51 -2.45
N ALA A 516 -23.56 11.97 -3.05
CA ALA A 516 -23.61 13.19 -3.89
C ALA A 516 -24.61 13.04 -5.03
N GLU A 517 -24.73 11.83 -5.52
CA GLU A 517 -25.63 11.57 -6.65
C GLU A 517 -27.06 11.52 -6.26
N SER A 518 -27.37 11.30 -4.98
CA SER A 518 -28.74 11.13 -4.60
C SER A 518 -29.27 12.37 -3.89
N SER A 519 -28.53 13.47 -3.89
CA SER A 519 -28.93 14.61 -3.10
C SER A 519 -28.63 15.90 -3.86
N ASP A 520 -29.17 17.03 -3.42
CA ASP A 520 -28.85 18.27 -4.11
C ASP A 520 -27.69 18.98 -3.48
N ALA A 521 -27.55 18.88 -2.17
CA ALA A 521 -26.36 19.40 -1.51
C ALA A 521 -25.81 18.34 -0.56
N LEU A 522 -24.49 18.45 -0.35
CA LEU A 522 -23.77 17.60 0.55
C LEU A 522 -22.87 18.43 1.46
N LEU A 523 -23.11 18.32 2.75
CA LEU A 523 -22.35 19.00 3.76
C LEU A 523 -21.66 18.01 4.72
N GLU A 524 -20.34 18.09 4.72
CA GLU A 524 -19.51 17.20 5.46
C GLU A 524 -19.18 17.90 6.78
N LEU A 525 -19.80 17.48 7.88
CA LEU A 525 -19.58 18.09 9.21
C LEU A 525 -18.49 17.40 10.00
N TRP A 526 -18.01 16.26 9.52
CA TRP A 526 -17.16 15.41 10.31
C TRP A 526 -17.88 15.15 11.65
N PHE A 527 -17.18 15.31 12.75
CA PHE A 527 -17.81 15.26 14.05
C PHE A 527 -17.43 16.63 14.69
N PRO A 528 -18.37 17.60 14.73
CA PRO A 528 -18.00 18.96 15.17
C PRO A 528 -17.72 19.10 16.67
N GLY A 529 -18.16 18.17 17.48
CA GLY A 529 -18.00 18.34 18.94
C GLY A 529 -19.25 18.91 19.59
N THR A 530 -19.07 19.56 20.74
CA THR A 530 -20.21 19.91 21.65
C THR A 530 -21.35 20.72 21.04
N GLU A 531 -21.00 21.60 20.10
CA GLU A 531 -21.98 22.45 19.45
C GLU A 531 -22.47 21.98 18.08
N ALA A 532 -22.29 20.69 17.80
CA ALA A 532 -22.60 20.11 16.47
C ALA A 532 -23.88 20.56 15.82
N GLY A 533 -24.99 20.41 16.55
CA GLY A 533 -26.31 20.82 16.04
C GLY A 533 -26.39 22.29 15.63
N ARG A 534 -25.75 23.14 16.43
CA ARG A 534 -25.71 24.60 16.11
C ARG A 534 -24.77 24.94 14.94
N VAL A 535 -23.60 24.30 14.92
CA VAL A 535 -22.70 24.39 13.80
C VAL A 535 -23.49 24.04 12.57
N THR A 536 -24.18 22.91 12.65
CA THR A 536 -24.96 22.43 11.51
C THR A 536 -26.07 23.46 11.06
N ALA A 537 -26.85 23.92 12.04
CA ALA A 537 -27.94 24.89 11.79
C ALA A 537 -27.45 26.21 11.15
N ASP A 538 -26.35 26.73 11.67
CA ASP A 538 -25.83 28.01 11.20
C ASP A 538 -25.40 27.91 9.74
N LEU A 539 -24.72 26.82 9.42
CA LEU A 539 -24.27 26.58 8.09
C LEU A 539 -25.47 26.39 7.18
N LEU A 540 -26.42 25.53 7.58
CA LEU A 540 -27.60 25.30 6.73
C LEU A 540 -28.39 26.58 6.40
N SER A 541 -28.54 27.40 7.45
CA SER A 541 -29.31 28.68 7.39
C SER A 541 -28.53 29.85 6.80
N GLY A 542 -27.22 29.77 6.68
CA GLY A 542 -26.51 30.89 6.14
C GLY A 542 -26.01 31.84 7.20
N ALA A 543 -26.36 31.64 8.47
CA ALA A 543 -25.72 32.44 9.49
C ALA A 543 -24.20 32.30 9.41
N SER A 544 -23.68 31.07 9.22
CA SER A 544 -22.30 30.90 8.77
C SER A 544 -22.23 30.44 7.28
N ASN A 545 -21.14 30.81 6.65
CA ASN A 545 -20.91 30.47 5.25
C ASN A 545 -19.81 29.43 5.24
N PRO A 546 -20.10 28.23 4.72
CA PRO A 546 -19.08 27.19 4.76
C PRO A 546 -17.78 27.68 4.13
N SER A 547 -16.66 27.34 4.76
CA SER A 547 -15.34 27.79 4.31
C SER A 547 -14.17 26.74 4.47
N GLY A 548 -14.52 25.50 4.84
CA GLY A 548 -13.55 24.41 4.96
C GLY A 548 -13.18 23.79 3.62
N LYS A 549 -11.98 23.23 3.57
CA LYS A 549 -11.49 22.56 2.37
C LYS A 549 -11.01 21.15 2.78
N LEU A 550 -11.03 20.20 1.86
CA LEU A 550 -10.61 18.82 2.24
C LEU A 550 -9.11 18.77 2.54
N SER A 551 -8.75 18.31 3.74
CA SER A 551 -7.34 18.09 3.98
C SER A 551 -6.95 16.65 3.66
N MET A 552 -7.93 15.83 3.21
CA MET A 552 -7.68 14.42 2.83
C MET A 552 -8.56 14.04 1.64
N SER A 553 -7.96 13.40 0.61
CA SER A 553 -8.68 13.02 -0.62
C SER A 553 -9.84 12.05 -0.39
N PHE A 554 -10.97 12.29 -1.05
CA PHE A 554 -12.12 11.37 -0.98
C PHE A 554 -12.11 10.40 -2.17
N PRO A 555 -11.77 9.10 -1.91
CA PRO A 555 -11.61 8.21 -3.06
C PRO A 555 -12.93 7.89 -3.77
N GLN A 556 -12.78 7.56 -5.08
CA GLN A 556 -13.81 7.04 -5.89
C GLN A 556 -14.34 5.76 -5.31
N THR A 557 -13.44 4.90 -4.89
CA THR A 557 -13.83 3.66 -4.28
C THR A 557 -12.70 3.12 -3.39
N THR A 558 -13.00 2.12 -2.55
CA THR A 558 -12.05 1.65 -1.54
C THR A 558 -10.73 1.26 -2.21
N GLY A 559 -10.86 0.52 -3.31
CA GLY A 559 -9.73 0.15 -4.11
C GLY A 559 -8.86 1.18 -4.78
N GLN A 560 -9.23 2.48 -4.78
CA GLN A 560 -8.33 3.50 -5.24
C GLN A 560 -7.21 3.80 -4.22
N ILE A 561 -7.36 3.33 -2.98
CA ILE A 561 -6.47 3.74 -1.92
C ILE A 561 -5.07 3.12 -2.05
N PRO A 562 -4.00 3.89 -1.84
CA PRO A 562 -3.94 5.27 -1.48
C PRO A 562 -4.02 6.17 -2.67
N VAL A 563 -4.78 7.27 -2.54
CA VAL A 563 -4.84 8.29 -3.52
C VAL A 563 -4.68 9.59 -2.78
N TYR A 564 -3.89 10.50 -3.37
CA TYR A 564 -3.44 11.71 -2.65
C TYR A 564 -2.90 12.68 -3.68
N TYR A 565 -3.01 13.97 -3.38
CA TYR A 565 -2.76 14.98 -4.38
C TYR A 565 -1.28 15.10 -4.78
N ASN A 566 -0.40 14.85 -3.84
CA ASN A 566 1.02 15.08 -4.08
C ASN A 566 1.65 13.77 -4.52
N HIS A 567 1.34 13.38 -5.75
CA HIS A 567 1.71 12.07 -6.22
C HIS A 567 2.78 12.23 -7.31
N LEU A 568 3.49 11.15 -7.55
CA LEU A 568 4.45 11.12 -8.61
C LEU A 568 3.79 11.00 -9.99
N ARG A 569 4.54 11.41 -10.97
CA ARG A 569 4.01 11.46 -12.36
C ARG A 569 3.87 10.11 -13.02
N THR A 570 4.83 9.22 -12.67
CA THR A 570 5.03 7.92 -13.31
C THR A 570 5.64 8.21 -14.69
N GLY A 571 6.10 7.15 -15.31
CA GLY A 571 6.62 7.30 -16.64
C GLY A 571 5.59 7.35 -17.78
N ARG A 572 4.33 7.02 -17.49
CA ARG A 572 3.25 7.06 -18.45
C ARG A 572 2.00 7.78 -17.91
N PRO A 573 2.15 9.08 -17.56
CA PRO A 573 1.01 9.87 -17.10
C PRO A 573 -0.20 9.91 -18.05
N GLN A 574 -1.38 9.81 -17.47
CA GLN A 574 -2.59 10.04 -18.22
C GLN A 574 -2.64 11.56 -18.30
N THR A 575 -2.66 12.03 -19.52
CA THR A 575 -2.85 13.44 -19.88
C THR A 575 -4.29 13.63 -20.47
N PRO A 576 -4.73 14.89 -20.64
CA PRO A 576 -5.91 14.95 -21.52
C PRO A 576 -5.65 14.53 -23.01
N GLU A 577 -4.42 14.60 -23.49
CA GLU A 577 -4.12 14.32 -24.91
C GLU A 577 -3.93 12.84 -25.21
N ASN A 578 -3.82 11.98 -24.19
CA ASN A 578 -3.74 10.54 -24.42
C ASN A 578 -4.82 9.75 -23.74
N LYS A 579 -5.61 10.39 -22.88
CA LYS A 579 -6.76 9.75 -22.23
C LYS A 579 -7.47 8.89 -23.29
N GLY A 580 -7.92 7.71 -22.88
CA GLY A 580 -8.48 6.75 -23.83
C GLY A 580 -7.50 5.72 -24.39
N GLU A 581 -6.21 6.03 -24.41
CA GLU A 581 -5.24 5.05 -24.81
C GLU A 581 -5.12 3.98 -23.74
N ARG A 582 -4.82 2.77 -24.15
CA ARG A 582 -4.65 1.62 -23.20
C ARG A 582 -3.34 1.75 -22.38
N TYR A 583 -2.24 2.11 -23.02
CA TYR A 583 -0.95 2.02 -22.30
C TYR A 583 -0.48 3.32 -21.59
N VAL A 584 -1.29 3.73 -20.63
CA VAL A 584 -1.04 4.86 -19.75
C VAL A 584 -1.45 4.42 -18.36
N SER A 585 -0.98 5.17 -17.36
CA SER A 585 -1.34 4.88 -15.97
C SER A 585 -2.82 5.19 -15.80
N HIS A 586 -3.60 4.13 -15.66
CA HIS A 586 -5.02 4.29 -15.36
C HIS A 586 -5.64 3.00 -14.87
N TYR A 587 -6.88 3.11 -14.38
CA TYR A 587 -7.73 1.97 -14.05
C TYR A 587 -8.81 1.78 -15.14
N LEU A 588 -9.19 0.53 -15.36
CA LEU A 588 -10.22 0.15 -16.33
C LEU A 588 -11.58 0.57 -15.79
N ASP A 589 -11.74 0.66 -14.47
CA ASP A 589 -13.07 0.77 -13.92
C ASP A 589 -13.34 2.08 -13.18
N ILE A 590 -12.35 2.92 -12.96
CA ILE A 590 -12.62 4.19 -12.27
C ILE A 590 -11.67 5.22 -12.79
N PRO A 591 -11.94 6.49 -12.51
CA PRO A 591 -10.96 7.58 -12.84
C PRO A 591 -9.71 7.50 -12.00
N ASN A 592 -8.59 8.07 -12.46
CA ASN A 592 -7.41 8.18 -11.58
C ASN A 592 -7.65 9.18 -10.44
N GLU A 593 -8.48 10.19 -10.69
CA GLU A 593 -8.69 11.24 -9.73
C GLU A 593 -9.53 10.77 -8.58
N PRO A 594 -9.32 11.36 -7.38
CA PRO A 594 -10.26 10.99 -6.33
C PRO A 594 -11.63 11.58 -6.61
N PHE A 595 -12.69 11.09 -5.98
CA PHE A 595 -13.99 11.72 -6.13
C PHE A 595 -13.93 13.22 -5.70
N TYR A 596 -13.25 13.54 -4.62
CA TYR A 596 -13.00 14.97 -4.31
C TYR A 596 -11.52 15.16 -3.94
N PRO A 597 -10.85 16.18 -4.51
CA PRO A 597 -9.43 16.36 -4.26
C PRO A 597 -9.06 17.19 -3.06
N PHE A 598 -7.80 17.12 -2.67
CA PHE A 598 -7.20 17.92 -1.56
C PHE A 598 -7.37 19.40 -1.89
N GLY A 599 -7.69 20.14 -0.85
CA GLY A 599 -7.96 21.57 -0.98
C GLY A 599 -9.31 21.97 -1.56
N TYR A 600 -10.20 20.99 -1.79
CA TYR A 600 -11.52 21.30 -2.35
C TYR A 600 -12.56 21.61 -1.29
N GLY A 601 -13.35 22.66 -1.54
CA GLY A 601 -14.45 23.09 -0.70
C GLY A 601 -15.23 24.18 -1.41
N LYS A 602 -16.56 24.08 -1.33
CA LYS A 602 -17.43 25.15 -1.85
C LYS A 602 -17.74 26.23 -0.80
N SER A 603 -18.36 27.32 -1.28
CA SER A 603 -18.78 28.51 -0.50
C SER A 603 -20.14 28.97 -1.05
N TYR A 604 -20.88 29.72 -0.24
CA TYR A 604 -22.05 30.45 -0.76
C TYR A 604 -21.57 31.73 -1.48
N SER A 605 -20.28 32.10 -1.41
CA SER A 605 -19.72 33.33 -2.04
C SER A 605 -19.01 32.99 -3.32
N GLU A 606 -18.44 33.98 -3.98
CA GLU A 606 -17.80 33.75 -5.27
C GLU A 606 -16.57 34.62 -5.26
N PHE A 607 -15.44 34.08 -5.60
CA PHE A 607 -14.22 34.86 -5.51
C PHE A 607 -13.45 34.92 -6.80
N GLU A 608 -12.61 35.93 -6.96
CA GLU A 608 -11.58 35.82 -7.98
C GLU A 608 -10.22 36.22 -7.40
N LEU A 609 -9.19 35.55 -7.86
CA LEU A 609 -7.85 35.75 -7.34
C LEU A 609 -7.04 36.28 -8.45
N LYS A 610 -6.00 37.03 -8.10
CA LYS A 610 -5.11 37.63 -9.05
C LYS A 610 -3.71 37.59 -8.44
N THR A 611 -2.81 36.89 -9.13
CA THR A 611 -1.42 36.80 -8.69
C THR A 611 -0.58 37.86 -9.41
N SER A 612 0.12 38.67 -8.63
CA SER A 612 1.03 39.72 -9.17
C SER A 612 2.16 39.13 -9.95
N SER A 613 2.83 39.95 -10.74
CA SER A 613 3.99 39.50 -11.50
C SER A 613 5.00 38.85 -10.59
N LEU A 614 5.42 37.69 -11.04
CA LEU A 614 6.48 36.92 -10.42
C LEU A 614 7.76 37.03 -11.21
N PRO A 615 8.89 36.93 -10.54
CA PRO A 615 10.08 36.91 -11.36
C PRO A 615 10.21 35.63 -12.19
N LYS A 616 10.91 35.70 -13.33
CA LYS A 616 11.14 34.50 -14.15
C LYS A 616 12.28 33.65 -13.58
N GLU A 617 13.16 34.29 -12.81
CA GLU A 617 14.39 33.67 -12.36
C GLU A 617 14.60 34.00 -10.93
N LEU A 618 15.35 33.17 -10.23
CA LEU A 618 15.55 33.34 -8.82
C LEU A 618 16.92 32.71 -8.60
N ASN A 619 17.71 33.21 -7.65
CA ASN A 619 18.96 32.50 -7.28
C ASN A 619 18.70 31.34 -6.32
N LEU A 620 19.63 30.38 -6.24
CA LEU A 620 19.53 29.34 -5.21
C LEU A 620 19.58 30.04 -3.82
N GLY A 621 18.89 29.50 -2.81
CA GLY A 621 18.85 30.15 -1.46
C GLY A 621 17.90 31.35 -1.34
N GLU A 622 17.36 31.83 -2.45
CA GLU A 622 16.52 33.01 -2.44
C GLU A 622 15.01 32.66 -2.30
N SER A 623 14.26 33.51 -1.57
CA SER A 623 12.85 33.38 -1.33
C SER A 623 12.02 33.90 -2.53
N LEU A 624 10.86 33.27 -2.74
CA LEU A 624 9.94 33.71 -3.80
C LEU A 624 8.79 34.29 -3.07
N HIS A 625 8.56 35.57 -3.31
CA HIS A 625 7.46 36.29 -2.74
C HIS A 625 6.31 36.20 -3.70
N VAL A 626 5.15 35.84 -3.17
CA VAL A 626 4.01 35.61 -4.00
C VAL A 626 2.93 36.51 -3.46
N GLU A 627 2.41 37.37 -4.34
CA GLU A 627 1.40 38.34 -3.96
C GLU A 627 0.12 38.03 -4.63
N VAL A 628 -0.95 37.98 -3.84
CA VAL A 628 -2.27 37.58 -4.36
C VAL A 628 -3.34 38.56 -3.92
N THR A 629 -4.09 39.01 -4.87
CA THR A 629 -5.19 39.91 -4.55
C THR A 629 -6.44 39.11 -4.74
N ILE A 630 -7.29 39.13 -3.75
CA ILE A 630 -8.51 38.33 -3.80
C ILE A 630 -9.71 39.26 -3.54
N LYS A 631 -10.77 39.02 -4.28
CA LYS A 631 -11.99 39.78 -4.15
C LYS A 631 -13.20 38.87 -4.12
N ASN A 632 -14.15 39.23 -3.27
CA ASN A 632 -15.44 38.56 -3.17
C ASN A 632 -16.39 39.26 -4.11
N ILE A 633 -16.64 38.66 -5.25
CA ILE A 633 -17.52 39.25 -6.23
C ILE A 633 -19.01 38.97 -5.98
N SER A 634 -19.38 38.46 -4.82
CA SER A 634 -20.80 38.09 -4.56
C SER A 634 -21.40 39.06 -3.53
N ASP A 635 -22.69 38.91 -3.27
CA ASP A 635 -23.38 39.69 -2.21
C ASP A 635 -23.26 39.12 -0.81
N ILE A 636 -22.41 38.11 -0.65
CA ILE A 636 -22.42 37.34 0.57
C ILE A 636 -21.03 37.40 1.19
N ALA A 637 -20.95 37.68 2.49
CA ALA A 637 -19.71 37.62 3.19
C ALA A 637 -19.19 36.18 3.24
N GLY A 638 -17.88 35.97 3.04
CA GLY A 638 -17.32 34.65 3.07
C GLY A 638 -15.82 34.62 3.14
N LYS A 639 -15.31 33.43 3.41
CA LYS A 639 -13.88 33.14 3.46
C LYS A 639 -13.51 32.15 2.40
N GLU A 640 -12.26 32.30 1.98
CA GLU A 640 -11.66 31.52 0.93
C GLU A 640 -10.31 31.18 1.45
N VAL A 641 -9.85 29.99 1.12
CA VAL A 641 -8.52 29.53 1.48
C VAL A 641 -7.63 29.58 0.23
N ILE A 642 -6.75 30.58 0.20
CA ILE A 642 -5.79 30.69 -0.92
C ILE A 642 -4.72 29.66 -0.65
N GLN A 643 -4.30 28.95 -1.69
CA GLN A 643 -3.31 27.88 -1.54
C GLN A 643 -2.23 28.08 -2.55
N VAL A 644 -0.98 27.84 -2.16
CA VAL A 644 0.11 27.92 -3.09
C VAL A 644 0.89 26.59 -3.12
N TYR A 645 1.07 26.03 -4.30
CA TYR A 645 1.85 24.82 -4.43
C TYR A 645 3.05 25.09 -5.33
N LEU A 646 4.03 24.22 -5.20
CA LEU A 646 5.20 24.20 -6.04
C LEU A 646 5.43 22.79 -6.54
N GLN A 647 5.88 22.71 -7.79
CA GLN A 647 6.40 21.53 -8.40
C GLN A 647 7.87 21.76 -8.82
N ASP A 648 8.66 20.71 -8.67
CA ASP A 648 10.02 20.63 -9.19
C ASP A 648 9.93 19.72 -10.42
N VAL A 649 10.03 20.32 -11.58
CA VAL A 649 9.77 19.63 -12.85
C VAL A 649 10.74 18.50 -13.16
N THR A 650 12.02 18.77 -12.91
CA THR A 650 13.05 17.85 -13.10
C THR A 650 13.98 17.86 -11.91
N ALA A 651 14.31 16.68 -11.41
CA ALA A 651 15.15 16.56 -10.26
C ALA A 651 15.87 15.23 -10.22
N SER A 652 16.89 15.10 -9.36
CA SER A 652 17.62 13.83 -9.20
C SER A 652 16.71 12.72 -8.61
N ILE A 653 15.54 13.10 -8.14
CA ILE A 653 14.55 12.14 -7.64
C ILE A 653 13.22 12.52 -8.29
N SER A 654 12.38 11.54 -8.57
CA SER A 654 11.05 11.83 -9.06
C SER A 654 10.23 12.56 -8.00
N ARG A 655 9.86 13.79 -8.33
CA ARG A 655 9.22 14.73 -7.39
C ARG A 655 7.71 14.85 -7.63
N PRO A 656 6.96 15.04 -6.59
CA PRO A 656 5.53 15.12 -6.69
C PRO A 656 5.12 16.23 -7.64
N VAL A 657 3.97 16.04 -8.30
CA VAL A 657 3.42 16.94 -9.32
C VAL A 657 3.10 18.31 -8.74
N LYS A 658 2.81 18.33 -7.43
CA LYS A 658 2.44 19.50 -6.63
C LYS A 658 2.75 19.18 -5.20
N GLU A 659 3.23 20.17 -4.46
CA GLU A 659 3.31 20.13 -3.00
C GLU A 659 2.82 21.44 -2.47
N LEU A 660 1.96 21.39 -1.44
CA LEU A 660 1.46 22.59 -0.83
C LEU A 660 2.64 23.22 -0.08
N LYS A 661 2.80 24.55 -0.23
CA LYS A 661 3.90 25.29 0.47
C LYS A 661 3.52 26.53 1.22
N ALA A 662 2.31 27.04 0.96
CA ALA A 662 1.69 28.10 1.73
C ALA A 662 0.15 28.09 1.58
N PHE A 663 -0.51 28.71 2.53
CA PHE A 663 -1.94 28.83 2.52
C PHE A 663 -2.37 29.88 3.58
N GLU A 664 -3.50 30.53 3.30
CA GLU A 664 -4.10 31.56 4.13
C GLU A 664 -5.57 31.62 3.88
N LYS A 665 -6.31 31.57 4.98
CA LYS A 665 -7.78 31.74 4.93
C LYS A 665 -8.11 33.23 5.03
N VAL A 666 -8.82 33.76 4.04
CA VAL A 666 -9.02 35.20 3.92
C VAL A 666 -10.50 35.48 4.08
N ALA A 667 -10.83 36.31 5.07
CA ALA A 667 -12.20 36.75 5.29
C ALA A 667 -12.49 38.01 4.50
N LEU A 668 -13.63 38.02 3.82
CA LEU A 668 -14.04 39.04 2.88
C LEU A 668 -15.54 39.34 2.93
N GLN A 669 -15.84 40.64 3.05
CA GLN A 669 -17.21 41.12 2.92
C GLN A 669 -17.59 41.13 1.49
N ALA A 670 -18.87 41.29 1.23
CA ALA A 670 -19.32 41.40 -0.15
C ALA A 670 -18.58 42.57 -0.80
N GLY A 671 -18.16 42.38 -2.05
CA GLY A 671 -17.51 43.39 -2.87
C GLY A 671 -16.06 43.62 -2.53
N GLU A 672 -15.70 43.30 -1.27
CA GLU A 672 -14.37 43.49 -0.70
C GLU A 672 -13.16 42.72 -1.30
N GLU A 673 -12.01 43.37 -1.18
CA GLU A 673 -10.78 42.96 -1.84
C GLU A 673 -9.63 43.08 -0.86
N LYS A 674 -8.75 42.08 -0.80
CA LYS A 674 -7.60 42.10 0.10
C LYS A 674 -6.42 41.60 -0.66
N THR A 675 -5.24 41.84 -0.11
CA THR A 675 -3.99 41.40 -0.72
C THR A 675 -3.22 40.71 0.34
N VAL A 676 -2.80 39.48 0.04
CA VAL A 676 -1.78 38.81 0.90
C VAL A 676 -0.61 38.38 0.03
N THR A 677 0.52 38.27 0.73
CA THR A 677 1.79 37.95 0.13
C THR A 677 2.28 36.73 0.86
N PHE A 678 2.94 35.81 0.16
CA PHE A 678 3.49 34.62 0.84
C PHE A 678 4.97 34.58 0.52
N GLU A 679 5.79 34.16 1.48
CA GLU A 679 7.19 33.84 1.23
C GLU A 679 7.44 32.33 1.16
N LEU A 680 7.82 31.87 -0.02
CA LEU A 680 8.32 30.54 -0.17
C LEU A 680 9.82 30.63 -0.10
N THR A 681 10.37 30.25 1.02
CA THR A 681 11.79 30.28 1.17
C THR A 681 12.39 29.15 0.34
N SER A 682 13.70 29.16 0.26
CA SER A 682 14.38 28.19 -0.53
C SER A 682 14.20 26.79 0.06
N GLU A 683 13.82 26.70 1.31
CA GLU A 683 13.51 25.41 1.90
C GLU A 683 12.30 24.76 1.15
N ALA A 684 11.35 25.57 0.78
CA ALA A 684 10.19 25.12 0.01
C ALA A 684 10.58 24.50 -1.32
N PHE A 685 11.76 24.85 -1.82
CA PHE A 685 12.22 24.40 -3.13
C PHE A 685 13.12 23.18 -2.98
N SER A 686 13.39 22.83 -1.73
CA SER A 686 14.34 21.76 -1.38
C SER A 686 13.75 20.38 -1.18
N PHE A 687 14.58 19.35 -1.14
CA PHE A 687 14.06 17.96 -0.99
C PHE A 687 15.17 17.05 -0.56
N TYR A 688 14.83 15.84 -0.12
CA TYR A 688 15.87 14.92 0.24
C TYR A 688 16.32 14.13 -0.93
N ASN A 689 17.64 14.05 -1.14
CA ASN A 689 18.12 13.32 -2.29
C ASN A 689 18.42 11.86 -1.94
N HIS A 690 18.85 11.10 -2.93
CA HIS A 690 19.02 9.66 -2.69
C HIS A 690 20.05 9.39 -1.59
N GLN A 691 20.83 10.39 -1.20
CA GLN A 691 21.88 10.22 -0.24
C GLN A 691 21.47 10.77 1.14
N LEU A 692 20.20 11.12 1.23
CA LEU A 692 19.58 11.72 2.42
C LEU A 692 20.07 13.13 2.76
N GLU A 693 20.63 13.82 1.78
CA GLU A 693 20.91 15.26 2.00
C GLU A 693 19.67 16.08 1.67
N LYS A 694 19.38 17.11 2.49
CA LYS A 694 18.41 18.12 2.18
C LYS A 694 19.06 19.05 1.19
N VAL A 695 18.55 19.14 -0.04
CA VAL A 695 19.24 19.89 -1.15
C VAL A 695 18.34 20.76 -2.04
N GLN A 696 18.94 21.72 -2.71
CA GLN A 696 18.23 22.53 -3.68
C GLN A 696 19.01 22.45 -4.98
N GLU A 697 18.34 22.02 -6.02
CA GLU A 697 18.98 21.87 -7.36
C GLU A 697 18.54 23.01 -8.24
N PRO A 698 19.48 23.61 -8.99
CA PRO A 698 19.10 24.59 -10.01
C PRO A 698 18.13 23.95 -10.97
N GLY A 699 17.15 24.70 -11.44
CA GLY A 699 16.22 24.15 -12.41
C GLY A 699 14.89 24.84 -12.45
N LEU A 700 13.97 24.29 -13.27
CA LEU A 700 12.64 24.85 -13.43
C LEU A 700 11.67 24.37 -12.36
N HIS A 701 10.90 25.31 -11.84
CA HIS A 701 9.81 25.01 -10.91
C HIS A 701 8.50 25.61 -11.38
N ARG A 702 7.39 24.96 -11.09
CA ARG A 702 6.10 25.57 -11.34
C ARG A 702 5.50 25.97 -10.03
N VAL A 703 4.81 27.09 -10.04
CA VAL A 703 4.14 27.62 -8.88
C VAL A 703 2.70 27.62 -9.29
N PHE A 704 1.78 27.18 -8.40
CA PHE A 704 0.32 27.12 -8.62
C PHE A 704 -0.36 27.93 -7.52
N VAL A 705 -1.18 28.94 -7.87
CA VAL A 705 -1.93 29.72 -6.88
C VAL A 705 -3.40 29.48 -7.16
N GLY A 706 -4.15 29.15 -6.15
CA GLY A 706 -5.58 28.94 -6.33
C GLY A 706 -6.30 28.60 -5.02
N THR A 707 -7.40 27.88 -5.17
CA THR A 707 -8.32 27.64 -4.09
C THR A 707 -8.64 26.12 -3.91
N SER A 708 -7.97 25.26 -4.69
CA SER A 708 -7.82 23.82 -4.36
C SER A 708 -6.55 23.30 -5.01
N SER A 709 -6.24 22.00 -4.89
CA SER A 709 -5.12 21.46 -5.57
C SER A 709 -5.35 21.41 -7.11
N GLU A 710 -6.61 21.53 -7.57
CA GLU A 710 -6.92 21.48 -8.99
C GLU A 710 -7.32 22.87 -9.56
N ASP A 711 -7.89 23.75 -8.74
CA ASP A 711 -8.30 25.12 -9.19
C ASP A 711 -7.22 26.15 -8.95
N VAL A 712 -6.32 26.25 -9.91
CA VAL A 712 -5.08 27.01 -9.76
C VAL A 712 -4.65 27.73 -11.04
N ASP A 713 -3.88 28.83 -10.94
CA ASP A 713 -3.14 29.31 -12.09
C ASP A 713 -1.73 28.84 -11.90
N VAL A 714 -1.06 28.52 -13.01
CA VAL A 714 0.31 28.02 -13.00
C VAL A 714 1.31 29.09 -13.48
N PHE A 715 2.48 29.18 -12.85
CA PHE A 715 3.55 30.08 -13.28
C PHE A 715 4.86 29.31 -13.25
N GLU A 716 5.82 29.76 -14.05
CA GLU A 716 7.10 29.11 -14.08
C GLU A 716 8.19 30.02 -13.57
N VAL A 717 9.13 29.43 -12.87
CA VAL A 717 10.28 30.14 -12.35
C VAL A 717 11.51 29.30 -12.57
N GLU A 718 12.58 29.90 -13.09
CA GLU A 718 13.85 29.23 -13.25
C GLU A 718 14.81 29.56 -12.09
N VAL A 719 15.24 28.55 -11.37
CA VAL A 719 16.16 28.74 -10.32
C VAL A 719 17.58 28.36 -10.74
N GLY A 720 18.54 29.26 -10.50
CA GLY A 720 19.95 28.96 -10.81
C GLY A 720 20.90 30.05 -10.24
N GLY A 721 22.06 30.22 -10.85
CA GLY A 721 22.99 31.33 -10.51
C GLY A 721 23.80 31.03 -9.30
N TYR A 722 23.89 31.95 -8.38
CA TYR A 722 24.64 31.74 -7.14
C TYR A 722 23.71 31.46 -5.99
N VAL A 723 24.29 31.17 -4.83
CA VAL A 723 23.51 30.92 -3.57
C VAL A 723 23.53 32.15 -2.69
N LEU A 724 22.36 32.58 -2.16
CA LEU A 724 22.27 33.40 -0.92
C LEU A 724 22.51 32.59 0.30
N MET B 1 32.03 -17.62 -33.11
CA MET B 1 33.42 -17.33 -33.52
C MET B 1 34.22 -16.89 -32.29
N GLU B 2 35.52 -16.64 -32.46
CA GLU B 2 36.41 -16.44 -31.33
C GLU B 2 36.18 -15.08 -30.69
N GLN B 3 36.23 -15.06 -29.36
CA GLN B 3 36.14 -13.82 -28.62
C GLN B 3 36.99 -12.75 -29.27
N GLU B 4 38.15 -13.17 -29.76
CA GLU B 4 39.10 -12.25 -30.36
C GLU B 4 38.48 -11.47 -31.53
N LYS B 5 37.72 -12.13 -32.40
CA LYS B 5 37.14 -11.42 -33.56
C LYS B 5 36.00 -10.50 -33.15
N VAL B 6 35.30 -10.88 -32.09
CA VAL B 6 34.23 -10.05 -31.51
C VAL B 6 34.83 -8.72 -31.07
N GLN B 7 35.85 -8.83 -30.23
CA GLN B 7 36.71 -7.71 -29.87
C GLN B 7 37.08 -6.81 -31.05
N GLU B 8 37.58 -7.41 -32.11
CA GLU B 8 38.03 -6.70 -33.32
C GLU B 8 36.88 -5.94 -33.95
N LEU B 9 35.78 -6.67 -34.10
CA LEU B 9 34.53 -6.10 -34.62
C LEU B 9 34.22 -4.76 -33.93
N VAL B 10 34.36 -4.70 -32.61
CA VAL B 10 34.14 -3.41 -31.88
C VAL B 10 35.11 -2.29 -32.32
N SER B 11 36.40 -2.60 -32.47
CA SER B 11 37.36 -1.57 -32.92
C SER B 11 37.04 -1.16 -34.33
N GLN B 12 36.59 -2.11 -35.14
CA GLN B 12 36.27 -1.83 -36.56
C GLN B 12 34.99 -1.06 -36.81
N MET B 13 34.08 -0.96 -35.85
CA MET B 13 32.83 -0.24 -36.10
C MET B 13 33.05 1.25 -35.94
N THR B 14 32.39 2.04 -36.78
CA THR B 14 32.30 3.49 -36.54
C THR B 14 31.47 3.77 -35.30
N LEU B 15 31.69 4.98 -34.78
CA LEU B 15 30.84 5.55 -33.77
C LEU B 15 29.34 5.41 -34.13
N ASP B 16 28.95 5.72 -35.36
CA ASP B 16 27.54 5.66 -35.69
C ASP B 16 26.98 4.27 -35.68
N GLU B 17 27.78 3.30 -36.06
CA GLU B 17 27.31 1.93 -36.07
C GLU B 17 27.26 1.42 -34.64
N LYS B 18 28.20 1.90 -33.83
CA LYS B 18 28.25 1.52 -32.43
C LYS B 18 26.94 1.97 -31.72
N ILE B 19 26.52 3.21 -31.97
CA ILE B 19 25.30 3.74 -31.43
C ILE B 19 24.03 3.02 -31.90
N ALA B 20 23.97 2.70 -33.19
CA ALA B 20 22.79 2.07 -33.81
C ALA B 20 22.61 0.66 -33.29
N GLN B 21 23.75 0.00 -33.01
CA GLN B 21 23.76 -1.36 -32.42
C GLN B 21 22.94 -1.39 -31.11
N CYS B 22 22.80 -0.23 -30.47
CA CYS B 22 22.11 -0.14 -29.19
C CYS B 22 20.64 0.28 -29.37
N LEU B 23 20.12 0.13 -30.60
CA LEU B 23 18.71 0.40 -30.96
C LEU B 23 17.95 -0.88 -31.32
N GLN B 24 16.68 -0.92 -30.92
CA GLN B 24 15.80 -2.06 -31.16
C GLN B 24 14.50 -1.54 -31.75
N LEU B 25 14.06 -2.17 -32.83
CA LEU B 25 12.95 -1.66 -33.60
C LEU B 25 12.00 -2.77 -33.95
N SER B 26 10.76 -2.38 -34.23
CA SER B 26 9.72 -3.31 -34.70
C SER B 26 10.09 -3.79 -36.09
N PRO B 27 9.61 -4.98 -36.49
CA PRO B 27 9.99 -5.51 -37.82
C PRO B 27 9.64 -4.58 -39.01
N PHE B 28 8.46 -3.97 -38.99
CA PHE B 28 7.98 -3.15 -40.11
C PHE B 28 8.71 -1.82 -40.31
N LEU B 29 9.80 -1.59 -39.56
CA LEU B 29 10.68 -0.42 -39.75
C LEU B 29 11.93 -0.79 -40.57
N PHE B 30 12.08 -2.09 -40.83
CA PHE B 30 13.18 -2.61 -41.62
C PHE B 30 12.74 -2.91 -43.05
N LYS B 31 13.67 -2.76 -43.97
CA LYS B 31 13.44 -3.24 -45.31
C LYS B 31 13.44 -4.76 -45.20
N GLY B 32 12.48 -5.38 -45.90
CA GLY B 32 12.43 -6.84 -46.04
C GLY B 32 11.30 -7.54 -45.32
N THR B 33 10.52 -6.80 -44.53
CA THR B 33 9.46 -7.38 -43.68
C THR B 33 8.33 -7.79 -44.56
N ASN B 34 7.51 -8.74 -44.15
CA ASN B 34 6.34 -9.06 -44.98
C ASN B 34 5.03 -8.94 -44.23
N LYS B 35 4.98 -7.92 -43.37
CA LYS B 35 3.70 -7.47 -42.82
C LYS B 35 3.83 -6.04 -42.35
N ASN B 36 2.73 -5.30 -42.46
CA ASN B 36 2.68 -3.87 -42.07
C ASN B 36 3.59 -2.87 -42.80
N ALA B 37 4.09 -3.22 -43.98
CA ALA B 37 4.97 -2.28 -44.69
C ALA B 37 4.31 -0.88 -44.87
N GLU B 38 2.98 -0.78 -44.72
CA GLU B 38 2.25 0.49 -44.89
C GLU B 38 2.35 1.43 -43.67
N LEU B 39 2.91 0.93 -42.57
CA LEU B 39 3.20 1.73 -41.37
C LEU B 39 4.61 2.28 -41.34
N THR B 40 5.47 1.73 -42.20
CA THR B 40 6.90 2.02 -42.23
C THR B 40 7.27 3.48 -42.47
N GLY B 41 6.71 4.05 -43.53
CA GLY B 41 7.00 5.41 -43.96
C GLY B 41 6.55 6.46 -42.95
N PRO B 42 5.28 6.39 -42.50
CA PRO B 42 4.83 7.33 -41.47
C PRO B 42 5.65 7.28 -40.17
N LEU B 43 5.95 6.06 -39.71
CA LEU B 43 6.62 5.86 -38.42
C LEU B 43 8.13 6.13 -38.47
N LEU B 44 8.81 5.62 -39.51
CA LEU B 44 10.22 5.98 -39.73
C LEU B 44 10.33 7.51 -39.65
N GLN B 45 9.39 8.19 -40.28
CA GLN B 45 9.40 9.65 -40.28
C GLN B 45 9.11 10.25 -38.89
N GLU B 46 8.13 9.72 -38.19
CA GLU B 46 7.84 10.23 -36.85
C GLU B 46 9.02 10.05 -35.88
N MET B 47 9.76 8.94 -35.98
CA MET B 47 10.89 8.66 -35.10
C MET B 47 12.19 9.33 -35.59
N LYS B 48 12.08 10.13 -36.65
CA LYS B 48 13.23 10.65 -37.40
C LYS B 48 14.33 9.59 -37.68
N LEU B 49 13.93 8.43 -38.16
CA LEU B 49 14.91 7.40 -38.45
C LEU B 49 15.25 7.41 -39.92
N THR B 50 16.49 6.99 -40.25
CA THR B 50 17.04 6.97 -41.61
C THR B 50 17.54 5.58 -41.97
N ASP B 51 17.89 5.41 -43.24
CA ASP B 51 18.49 4.15 -43.65
C ASP B 51 19.74 3.86 -42.83
N ALA B 52 20.53 4.88 -42.50
CA ALA B 52 21.77 4.66 -41.72
C ALA B 52 21.46 4.03 -40.37
N HIS B 53 20.37 4.48 -39.76
CA HIS B 53 19.91 3.98 -38.46
C HIS B 53 19.47 2.53 -38.56
N THR B 54 18.51 2.28 -39.46
CA THR B 54 17.83 0.99 -39.53
C THR B 54 18.77 -0.04 -40.09
N GLU B 55 19.65 0.41 -40.98
CA GLU B 55 20.60 -0.51 -41.59
C GLU B 55 21.66 -1.00 -40.63
N ASN B 56 21.81 -0.29 -39.51
CA ASN B 56 22.76 -0.66 -38.45
C ASN B 56 22.15 -0.96 -37.08
N ALA B 57 20.82 -0.96 -37.02
CA ALA B 57 20.11 -1.24 -35.77
C ALA B 57 20.55 -2.58 -35.19
N GLY B 58 20.62 -2.65 -33.87
CA GLY B 58 21.07 -3.85 -33.17
C GLY B 58 20.08 -4.97 -33.17
N SER B 59 18.80 -4.65 -33.21
CA SER B 59 17.83 -5.67 -32.88
C SER B 59 16.42 -5.41 -33.30
N VAL B 60 15.70 -6.51 -33.43
CA VAL B 60 14.27 -6.49 -33.74
C VAL B 60 13.50 -7.15 -32.62
N LEU B 61 12.34 -6.58 -32.34
CA LEU B 61 11.39 -7.24 -31.46
C LEU B 61 10.08 -7.40 -32.19
N GLY B 62 9.48 -8.55 -31.94
CA GLY B 62 8.11 -8.77 -32.39
C GLY B 62 7.95 -9.15 -33.86
N SER B 63 8.97 -9.76 -34.48
CA SER B 63 8.84 -10.33 -35.85
C SER B 63 7.60 -11.21 -35.84
N SER B 64 6.85 -11.19 -36.96
CA SER B 64 5.57 -11.90 -37.01
C SER B 64 5.69 -13.34 -37.37
N SER B 65 6.80 -13.76 -37.99
CA SER B 65 7.01 -15.16 -38.38
C SER B 65 8.42 -15.42 -38.89
N ALA B 66 8.70 -16.70 -39.15
CA ALA B 66 9.93 -17.15 -39.81
C ALA B 66 10.19 -16.38 -41.09
N LEU B 67 9.15 -16.11 -41.86
CA LEU B 67 9.33 -15.45 -43.15
C LEU B 67 9.67 -13.99 -42.95
N ASP B 68 8.94 -13.33 -42.04
CA ASP B 68 9.27 -11.95 -41.63
C ASP B 68 10.77 -11.81 -41.34
N MET B 69 11.26 -12.73 -40.54
CA MET B 69 12.61 -12.69 -40.01
C MET B 69 13.64 -12.89 -41.11
N ILE B 70 13.43 -13.97 -41.85
CA ILE B 70 14.27 -14.30 -43.00
C ILE B 70 14.31 -13.15 -43.98
N GLY B 71 13.15 -12.63 -44.35
CA GLY B 71 13.10 -11.44 -45.22
C GLY B 71 13.92 -10.27 -44.70
N ILE B 72 13.75 -9.93 -43.40
CA ILE B 72 14.42 -8.76 -42.79
C ILE B 72 15.93 -8.95 -42.62
N GLN B 73 16.30 -10.15 -42.19
CA GLN B 73 17.71 -10.49 -41.94
C GLN B 73 18.55 -10.58 -43.24
N GLU B 74 17.93 -11.14 -44.26
CA GLU B 74 18.44 -11.18 -45.63
C GLU B 74 18.70 -9.80 -46.19
N ALA B 75 17.71 -8.91 -46.09
CA ALA B 75 17.87 -7.51 -46.50
C ALA B 75 18.94 -6.78 -45.69
N TYR B 76 19.00 -7.04 -44.39
CA TYR B 76 19.92 -6.31 -43.49
C TYR B 76 21.35 -6.74 -43.75
N LEU B 77 21.57 -8.04 -43.85
CA LEU B 77 22.90 -8.54 -44.11
C LEU B 77 23.36 -8.03 -45.48
N LYS B 78 22.47 -7.95 -46.46
CA LYS B 78 22.91 -7.46 -47.78
C LYS B 78 23.53 -6.05 -47.67
N THR B 79 22.92 -5.14 -46.89
CA THR B 79 23.42 -3.74 -46.80
C THR B 79 24.33 -3.41 -45.59
N ASN B 80 24.60 -4.36 -44.70
CA ASN B 80 25.36 -4.03 -43.47
C ASN B 80 26.89 -4.09 -43.58
N ARG B 81 27.55 -2.96 -43.36
CA ARG B 81 28.97 -2.87 -43.70
C ARG B 81 29.80 -4.06 -43.26
N LEU B 82 29.75 -4.41 -41.97
CA LEU B 82 30.51 -5.54 -41.40
C LEU B 82 29.76 -6.84 -41.25
N GLY B 83 28.56 -6.95 -41.81
CA GLY B 83 27.82 -8.20 -41.64
C GLY B 83 27.62 -8.59 -40.18
N ILE B 84 27.06 -7.67 -39.38
CA ILE B 84 26.61 -8.02 -37.99
C ILE B 84 25.12 -8.36 -37.98
N PRO B 85 24.78 -9.63 -37.82
CA PRO B 85 23.36 -9.93 -37.96
C PRO B 85 22.48 -9.27 -36.88
N LEU B 86 21.18 -9.17 -37.17
CA LEU B 86 20.14 -8.79 -36.21
C LEU B 86 19.87 -9.89 -35.20
N VAL B 87 19.60 -9.49 -33.97
CA VAL B 87 19.07 -10.41 -32.96
C VAL B 87 17.55 -10.08 -32.81
N PHE B 88 16.74 -11.12 -32.89
CA PHE B 88 15.28 -11.04 -32.95
C PHE B 88 14.68 -11.48 -31.62
N MET B 89 13.95 -10.57 -30.97
CA MET B 89 13.35 -10.89 -29.65
C MET B 89 11.81 -10.87 -29.70
N ALA B 90 11.21 -11.66 -28.83
CA ALA B 90 9.76 -11.71 -28.74
C ALA B 90 9.23 -12.00 -27.35
N ASP B 91 7.96 -11.69 -27.15
CA ASP B 91 7.22 -12.06 -25.94
C ASP B 91 6.67 -13.47 -26.03
N VAL B 92 7.41 -14.44 -25.51
CA VAL B 92 6.93 -15.80 -25.48
C VAL B 92 6.84 -16.07 -23.99
N ILE B 93 5.62 -15.95 -23.47
CA ILE B 93 5.41 -15.66 -22.04
C ILE B 93 4.86 -16.85 -21.36
N HIS B 94 3.85 -17.47 -21.97
CA HIS B 94 3.37 -18.78 -21.48
C HIS B 94 3.01 -19.68 -22.66
N GLY B 95 3.88 -19.66 -23.66
CA GLY B 95 3.66 -20.43 -24.87
C GLY B 95 3.75 -19.62 -26.11
N TYR B 96 4.08 -20.30 -27.22
CA TYR B 96 4.17 -19.58 -28.50
C TYR B 96 2.85 -19.73 -29.26
N LYS B 97 2.67 -20.85 -29.98
CA LYS B 97 1.41 -21.22 -30.62
C LYS B 97 0.65 -22.23 -29.79
N THR B 98 1.33 -23.19 -29.19
CA THR B 98 0.69 -24.05 -28.17
C THR B 98 0.66 -23.20 -26.88
N VAL B 99 -0.51 -22.67 -26.56
CA VAL B 99 -0.65 -21.85 -25.40
C VAL B 99 -0.84 -22.68 -24.11
N PHE B 100 0.03 -22.40 -23.13
CA PHE B 100 0.02 -23.04 -21.81
C PHE B 100 -0.68 -22.14 -20.77
N PRO B 101 -0.91 -22.66 -19.58
CA PRO B 101 -1.52 -21.77 -18.58
C PRO B 101 -0.71 -20.49 -18.28
N ILE B 102 -1.42 -19.44 -17.91
CA ILE B 102 -0.74 -18.20 -17.51
C ILE B 102 0.19 -18.48 -16.38
N PRO B 103 1.28 -17.69 -16.28
CA PRO B 103 2.29 -17.93 -15.27
C PRO B 103 1.70 -17.99 -13.84
N LEU B 104 0.67 -17.20 -13.53
CA LEU B 104 0.08 -17.29 -12.16
C LEU B 104 -0.52 -18.67 -11.89
N ALA B 105 -1.15 -19.26 -12.90
CA ALA B 105 -1.66 -20.65 -12.80
C ALA B 105 -0.50 -21.66 -12.65
N LEU B 106 0.52 -21.51 -13.50
CA LEU B 106 1.78 -22.31 -13.42
C LEU B 106 2.34 -22.23 -12.01
N GLY B 107 2.23 -21.06 -11.38
CA GLY B 107 2.66 -20.94 -10.00
C GLY B 107 1.89 -21.88 -9.08
N CYS B 108 0.56 -21.94 -9.29
CA CYS B 108 -0.31 -22.86 -8.57
C CYS B 108 0.01 -24.35 -8.86
N SER B 109 0.69 -24.68 -9.96
CA SER B 109 1.18 -26.08 -10.19
C SER B 109 2.07 -26.54 -9.07
N PHE B 110 2.78 -25.59 -8.44
CA PHE B 110 3.87 -25.87 -7.48
C PHE B 110 4.76 -26.98 -8.05
N ASP B 111 4.97 -26.95 -9.38
CA ASP B 111 5.59 -28.05 -10.12
C ASP B 111 6.68 -27.57 -11.07
N ARG B 112 7.92 -27.72 -10.64
CA ARG B 112 9.08 -27.26 -11.40
C ARG B 112 9.14 -27.85 -12.83
N GLU B 113 8.82 -29.15 -12.98
CA GLU B 113 8.93 -29.86 -14.27
C GLU B 113 7.91 -29.29 -15.22
N THR B 114 6.65 -29.22 -14.79
CA THR B 114 5.60 -28.52 -15.59
C THR B 114 6.12 -27.15 -16.14
N VAL B 115 6.75 -26.37 -15.26
CA VAL B 115 7.24 -25.06 -15.73
C VAL B 115 8.36 -25.16 -16.77
N ARG B 116 9.32 -26.04 -16.55
CA ARG B 116 10.39 -26.27 -17.53
C ARG B 116 9.84 -26.83 -18.88
N VAL B 117 8.88 -27.74 -18.82
CA VAL B 117 8.32 -28.28 -20.05
C VAL B 117 7.63 -27.19 -20.83
N MET B 118 6.86 -26.39 -20.12
CA MET B 118 6.21 -25.19 -20.74
C MET B 118 7.26 -24.41 -21.53
N ALA B 119 8.35 -24.03 -20.88
CA ALA B 119 9.42 -23.22 -21.53
C ALA B 119 10.15 -23.90 -22.71
N GLU B 120 10.39 -25.19 -22.55
CA GLU B 120 11.07 -25.95 -23.56
C GLU B 120 10.18 -26.02 -24.76
N VAL B 121 8.90 -26.32 -24.55
CA VAL B 121 8.00 -26.37 -25.71
C VAL B 121 7.92 -25.02 -26.43
N SER B 122 7.77 -23.96 -25.63
CA SER B 122 7.74 -22.55 -26.10
C SER B 122 8.97 -22.22 -26.94
N ALA B 123 10.13 -22.67 -26.44
CA ALA B 123 11.40 -22.40 -27.12
C ALA B 123 11.44 -23.18 -28.45
N LEU B 124 10.97 -24.43 -28.43
CA LEU B 124 10.88 -25.25 -29.67
C LEU B 124 10.15 -24.52 -30.78
N GLU B 125 8.97 -24.02 -30.43
CA GLU B 125 8.08 -23.38 -31.40
C GLU B 125 8.53 -21.99 -31.85
N ALA B 126 9.11 -21.24 -30.93
CA ALA B 126 9.52 -19.87 -31.20
C ALA B 126 10.81 -19.84 -31.98
N THR B 127 11.76 -20.72 -31.65
CA THR B 127 13.01 -20.78 -32.48
C THR B 127 12.63 -21.20 -33.88
N ALA B 128 11.67 -22.15 -33.97
CA ALA B 128 11.10 -22.54 -35.27
C ALA B 128 10.57 -21.37 -36.06
N ASP B 129 10.09 -20.33 -35.41
CA ASP B 129 9.56 -19.18 -36.13
C ASP B 129 10.55 -17.99 -36.21
N GLY B 130 11.80 -18.27 -35.89
CA GLY B 130 12.90 -17.34 -36.13
C GLY B 130 13.29 -16.44 -34.96
N HIS B 131 12.67 -16.62 -33.77
CA HIS B 131 13.02 -15.85 -32.54
C HIS B 131 14.18 -16.39 -31.76
N HIS B 132 15.06 -15.50 -31.34
CA HIS B 132 16.27 -15.83 -30.58
C HIS B 132 16.17 -15.61 -29.08
N VAL B 133 15.34 -14.63 -28.68
CA VAL B 133 15.19 -14.26 -27.27
C VAL B 133 13.72 -14.16 -26.90
N THR B 134 13.37 -14.64 -25.71
CA THR B 134 12.05 -14.40 -25.10
C THR B 134 12.15 -13.47 -23.90
N PHE B 135 11.19 -12.56 -23.83
CA PHE B 135 11.04 -11.63 -22.71
C PHE B 135 10.30 -12.31 -21.55
N SER B 136 10.98 -13.30 -20.99
CA SER B 136 10.45 -14.20 -19.99
C SER B 136 11.64 -14.88 -19.36
N PRO B 137 11.57 -15.21 -18.06
CA PRO B 137 10.48 -15.07 -17.10
C PRO B 137 10.23 -13.67 -16.50
N MET B 138 8.95 -13.47 -16.15
CA MET B 138 8.55 -12.34 -15.35
C MET B 138 8.63 -12.71 -13.86
N LEU B 139 9.50 -12.03 -13.11
CA LEU B 139 9.85 -12.47 -11.76
C LEU B 139 9.48 -11.44 -10.65
N ASP B 140 8.49 -10.62 -10.97
CA ASP B 140 8.03 -9.58 -10.06
C ASP B 140 7.13 -10.17 -8.96
N LEU B 141 7.58 -10.00 -7.73
CA LEU B 141 6.75 -10.38 -6.61
C LEU B 141 5.47 -9.56 -6.67
N VAL B 142 4.39 -10.23 -6.39
CA VAL B 142 3.05 -9.58 -6.31
C VAL B 142 2.30 -9.82 -5.00
N ARG B 143 1.80 -8.72 -4.43
CA ARG B 143 0.88 -8.81 -3.31
C ARG B 143 -0.44 -8.11 -3.56
N ASP B 144 -0.64 -7.61 -4.78
CA ASP B 144 -1.73 -6.71 -5.09
C ASP B 144 -2.49 -7.16 -6.32
N PRO B 145 -3.60 -7.88 -6.11
CA PRO B 145 -4.27 -8.36 -7.29
C PRO B 145 -5.06 -7.33 -8.08
N ARG B 146 -5.11 -6.06 -7.67
CA ARG B 146 -5.66 -5.02 -8.50
C ARG B 146 -4.85 -4.94 -9.80
N TRP B 147 -3.53 -5.17 -9.73
CA TRP B 147 -2.64 -5.03 -10.84
C TRP B 147 -2.81 -6.11 -11.92
N GLY B 148 -3.06 -5.68 -13.14
CA GLY B 148 -3.29 -6.60 -14.25
C GLY B 148 -2.21 -7.65 -14.44
N ARG B 149 -0.97 -7.24 -14.17
CA ARG B 149 0.20 -8.04 -14.47
C ARG B 149 0.46 -9.18 -13.48
N VAL B 150 -0.41 -9.35 -12.48
CA VAL B 150 -0.22 -10.48 -11.60
C VAL B 150 -0.29 -11.80 -12.37
N MET B 151 -0.99 -11.80 -13.50
CA MET B 151 -1.10 -12.96 -14.37
C MET B 151 0.26 -13.52 -14.84
N GLU B 152 1.23 -12.60 -14.95
CA GLU B 152 2.59 -12.87 -15.43
C GLU B 152 3.57 -13.39 -14.38
N SER B 153 3.22 -13.21 -13.10
CA SER B 153 4.06 -13.64 -11.96
C SER B 153 3.62 -14.97 -11.46
N THR B 154 4.48 -15.67 -10.73
CA THR B 154 4.05 -16.91 -10.05
C THR B 154 3.52 -16.68 -8.61
N GLY B 155 3.44 -15.43 -8.17
CA GLY B 155 2.67 -15.12 -6.94
C GLY B 155 3.40 -14.33 -5.94
N GLU B 156 2.98 -14.47 -4.68
CA GLU B 156 3.46 -13.68 -3.50
C GLU B 156 4.62 -14.23 -2.68
N ASP B 157 5.09 -15.42 -3.05
CA ASP B 157 6.24 -16.06 -2.41
C ASP B 157 7.56 -15.92 -3.22
N PRO B 158 8.58 -15.28 -2.62
CA PRO B 158 9.87 -15.18 -3.28
C PRO B 158 10.51 -16.53 -3.56
N PHE B 159 10.36 -17.50 -2.67
CA PHE B 159 11.02 -18.81 -2.87
C PHE B 159 10.37 -19.53 -4.04
N LEU B 160 9.03 -19.62 -4.05
CA LEU B 160 8.36 -20.27 -5.18
C LEU B 160 8.74 -19.61 -6.50
N ASN B 161 8.70 -18.28 -6.50
CA ASN B 161 9.04 -17.53 -7.72
C ASN B 161 10.50 -17.78 -8.13
N SER B 162 11.38 -17.80 -7.16
CA SER B 162 12.80 -18.16 -7.49
C SER B 162 12.95 -19.55 -8.10
N GLU B 163 12.31 -20.53 -7.48
CA GLU B 163 12.40 -21.90 -7.97
C GLU B 163 11.82 -22.03 -9.34
N LEU B 164 10.59 -21.57 -9.51
CA LEU B 164 9.98 -21.69 -10.82
C LEU B 164 10.68 -20.85 -11.87
N GLY B 165 11.27 -19.73 -11.44
CA GLY B 165 11.96 -18.86 -12.37
C GLY B 165 13.20 -19.56 -12.96
N LYS B 166 13.86 -20.28 -12.09
CA LYS B 166 14.99 -21.14 -12.52
C LYS B 166 14.57 -22.23 -13.48
N ALA B 167 13.48 -22.92 -13.13
CA ALA B 167 12.85 -23.91 -14.02
C ALA B 167 12.55 -23.32 -15.42
N MET B 168 12.00 -22.10 -15.47
CA MET B 168 11.76 -21.44 -16.78
C MET B 168 13.01 -21.19 -17.58
N VAL B 169 14.00 -20.61 -16.92
CA VAL B 169 15.28 -20.33 -17.59
C VAL B 169 15.86 -21.65 -18.14
N ASP B 170 15.93 -22.68 -17.31
CA ASP B 170 16.41 -24.00 -17.74
C ASP B 170 15.65 -24.53 -19.01
N GLY B 171 14.32 -24.47 -18.96
CA GLY B 171 13.44 -24.89 -20.03
C GLY B 171 13.71 -24.16 -21.31
N TYR B 172 13.84 -22.83 -21.24
CA TYR B 172 14.11 -22.02 -22.44
C TYR B 172 15.55 -22.21 -22.98
N GLN B 173 16.52 -22.19 -22.07
CA GLN B 173 17.94 -22.05 -22.47
C GLN B 173 18.71 -23.36 -22.49
N GLY B 174 18.18 -24.38 -21.83
CA GLY B 174 18.96 -25.57 -21.53
C GLY B 174 20.34 -25.11 -21.15
N ASP B 175 21.32 -25.73 -21.75
CA ASP B 175 22.68 -25.47 -21.42
C ASP B 175 23.07 -24.14 -22.05
N ALA B 176 23.12 -23.09 -21.24
CA ALA B 176 23.26 -21.77 -21.78
C ALA B 176 24.59 -21.52 -22.50
N SER B 177 25.59 -22.37 -22.29
CA SER B 177 26.84 -22.23 -23.06
C SER B 177 26.74 -22.86 -24.50
N LYS B 178 25.60 -23.43 -24.87
CA LYS B 178 25.44 -24.18 -26.11
C LYS B 178 24.31 -23.65 -26.93
N LEU B 179 24.02 -22.37 -26.76
CA LEU B 179 22.91 -21.75 -27.46
C LEU B 179 23.24 -21.52 -28.92
N ASN B 180 24.52 -21.49 -29.23
CA ASN B 180 24.99 -21.54 -30.62
C ASN B 180 24.98 -22.93 -31.22
N GLU B 181 24.84 -23.97 -30.39
CA GLU B 181 24.70 -25.37 -30.85
C GLU B 181 23.23 -25.82 -30.82
N ASN B 182 22.52 -25.62 -29.70
CA ASN B 182 21.12 -26.13 -29.53
C ASN B 182 20.07 -25.12 -30.00
N LEU B 183 19.68 -25.25 -31.27
CA LEU B 183 18.93 -24.20 -31.94
C LEU B 183 17.42 -24.30 -31.75
N GLU B 184 17.00 -25.24 -30.92
CA GLU B 184 15.61 -25.34 -30.51
C GLU B 184 15.41 -24.68 -29.12
N GLN B 185 16.54 -24.32 -28.51
CA GLN B 185 16.63 -23.54 -27.26
C GLN B 185 16.77 -22.06 -27.58
N MET B 186 16.53 -21.20 -26.58
CA MET B 186 16.62 -19.76 -26.82
C MET B 186 17.03 -18.97 -25.58
N ALA B 187 17.46 -17.72 -25.79
CA ALA B 187 17.87 -16.86 -24.67
C ALA B 187 16.64 -16.39 -23.85
N ALA B 188 16.72 -16.50 -22.53
CA ALA B 188 15.72 -15.90 -21.62
C ALA B 188 16.16 -14.50 -21.21
N CYS B 189 15.20 -13.63 -20.93
CA CYS B 189 15.47 -12.27 -20.48
C CYS B 189 14.64 -12.03 -19.23
N VAL B 190 15.28 -12.01 -18.04
CA VAL B 190 14.60 -11.82 -16.78
C VAL B 190 13.96 -10.41 -16.77
N LYS B 191 12.70 -10.34 -16.36
CA LYS B 191 12.08 -9.01 -16.15
C LYS B 191 11.16 -8.96 -14.96
N HIS B 192 10.75 -7.78 -14.46
CA HIS B 192 11.26 -6.46 -14.81
C HIS B 192 12.06 -5.91 -13.62
N PHE B 193 13.33 -5.58 -13.86
CA PHE B 193 14.26 -5.23 -12.80
C PHE B 193 14.10 -3.79 -12.38
N ALA B 194 13.58 -3.46 -11.21
CA ALA B 194 13.10 -4.37 -10.17
C ALA B 194 11.84 -3.78 -9.47
N ALA B 195 11.09 -4.68 -8.85
CA ALA B 195 10.03 -4.39 -7.82
C ALA B 195 8.71 -3.77 -8.38
N TYR B 196 8.57 -3.94 -9.70
CA TYR B 196 7.46 -3.42 -10.51
C TYR B 196 6.07 -3.83 -10.05
N GLY B 197 5.96 -5.04 -9.48
CA GLY B 197 4.72 -5.53 -8.95
C GLY B 197 4.24 -4.88 -7.67
N ALA B 198 5.05 -4.04 -7.06
CA ALA B 198 4.63 -3.37 -5.84
C ALA B 198 3.95 -2.00 -6.19
N ALA B 199 3.55 -1.80 -7.42
CA ALA B 199 2.92 -0.54 -7.84
C ALA B 199 1.82 -0.10 -6.92
N GLU B 200 1.83 1.17 -6.56
CA GLU B 200 0.95 1.64 -5.52
C GLU B 200 -0.51 1.52 -5.97
N ALA B 201 -1.35 1.07 -5.05
CA ALA B 201 -2.78 0.86 -5.32
C ALA B 201 -3.09 -0.01 -6.61
N GLY B 202 -2.16 -0.90 -7.00
CA GLY B 202 -2.33 -1.77 -8.20
C GLY B 202 -2.48 -1.01 -9.47
N LEU B 203 -2.17 0.29 -9.39
CA LEU B 203 -2.33 1.20 -10.56
C LEU B 203 -1.11 1.02 -11.50
N GLU B 204 -1.38 0.72 -12.76
CA GLU B 204 -0.30 0.49 -13.69
C GLU B 204 0.72 1.60 -13.81
N TYR B 205 1.98 1.17 -13.82
CA TYR B 205 3.19 2.05 -13.94
C TYR B 205 3.44 2.94 -12.73
N ASN B 206 2.65 2.71 -11.70
CA ASN B 206 2.57 3.67 -10.59
C ASN B 206 3.77 3.50 -9.66
N THR B 207 4.00 4.55 -8.88
CA THR B 207 5.01 4.58 -7.88
C THR B 207 5.19 3.24 -7.11
N VAL B 208 6.44 2.88 -6.95
CA VAL B 208 6.87 1.81 -6.03
C VAL B 208 7.77 2.38 -4.95
N ASN B 209 7.58 1.97 -3.71
CA ASN B 209 8.49 2.44 -2.62
C ASN B 209 8.55 1.47 -1.47
N MET B 210 9.76 1.13 -1.05
N MET B 210 9.75 1.06 -1.10
CA MET B 210 10.00 0.20 0.04
CA MET B 210 9.96 0.20 0.05
C MET B 210 11.37 0.51 0.56
C MET B 210 11.39 0.41 0.52
N SER B 211 11.69 0.06 1.77
CA SER B 211 13.06 0.18 2.25
C SER B 211 13.97 -0.75 1.45
N THR B 212 15.23 -0.35 1.29
CA THR B 212 16.27 -1.20 0.65
C THR B 212 16.34 -2.55 1.28
N ARG B 213 16.19 -2.69 2.61
CA ARG B 213 16.19 -4.01 3.20
C ARG B 213 15.11 -4.94 2.60
N GLU B 214 13.88 -4.42 2.44
CA GLU B 214 12.77 -5.18 1.86
C GLU B 214 13.02 -5.49 0.37
N LEU B 215 13.53 -4.51 -0.35
CA LEU B 215 14.00 -4.79 -1.72
C LEU B 215 14.79 -6.09 -1.71
N TYR B 216 15.86 -6.14 -0.89
CA TYR B 216 16.74 -7.30 -0.87
C TYR B 216 16.05 -8.54 -0.30
N GLN B 217 15.36 -8.40 0.83
CA GLN B 217 14.73 -9.53 1.43
C GLN B 217 13.67 -10.20 0.56
N ASN B 218 12.83 -9.41 -0.13
CA ASN B 218 11.63 -10.00 -0.76
C ASN B 218 11.51 -9.77 -2.26
N TYR B 219 11.96 -8.61 -2.72
CA TYR B 219 11.78 -8.19 -4.12
C TYR B 219 12.87 -8.62 -5.10
N LEU B 220 14.10 -8.75 -4.61
CA LEU B 220 15.23 -9.19 -5.47
C LEU B 220 15.51 -10.71 -5.70
N PRO B 221 15.21 -11.58 -4.73
CA PRO B 221 15.67 -12.96 -4.86
C PRO B 221 15.37 -13.70 -6.17
N ALA B 222 14.14 -13.65 -6.66
CA ALA B 222 13.83 -14.36 -7.88
C ALA B 222 14.59 -13.89 -9.09
N TYR B 223 14.73 -12.56 -9.29
CA TYR B 223 15.60 -12.01 -10.34
C TYR B 223 16.96 -12.67 -10.17
N ASN B 224 17.45 -12.66 -8.94
CA ASN B 224 18.84 -13.15 -8.71
C ASN B 224 18.99 -14.64 -8.97
N ALA B 225 18.02 -15.43 -8.54
CA ALA B 225 18.04 -16.87 -8.79
C ALA B 225 18.07 -17.15 -10.29
N ALA B 226 17.28 -16.42 -11.08
CA ALA B 226 17.25 -16.64 -12.54
C ALA B 226 18.57 -16.20 -13.22
N ILE B 227 19.14 -15.13 -12.69
CA ILE B 227 20.40 -14.60 -13.21
C ILE B 227 21.49 -15.62 -12.91
N GLN B 228 21.58 -16.06 -11.65
CA GLN B 228 22.53 -17.09 -11.25
C GLN B 228 22.33 -18.39 -11.99
N ALA B 229 21.11 -18.68 -12.43
CA ALA B 229 20.84 -19.87 -13.21
C ALA B 229 21.22 -19.68 -14.66
N GLY B 230 21.71 -18.48 -15.01
CA GLY B 230 22.27 -18.22 -16.31
C GLY B 230 21.44 -17.49 -17.34
N ALA B 231 20.33 -16.86 -16.94
CA ALA B 231 19.56 -15.99 -17.86
C ALA B 231 20.48 -15.04 -18.65
N LYS B 232 20.35 -14.99 -19.96
CA LYS B 232 21.29 -14.24 -20.78
C LYS B 232 21.06 -12.75 -20.75
N LEU B 233 19.78 -12.35 -20.63
CA LEU B 233 19.41 -10.93 -20.58
C LEU B 233 18.61 -10.53 -19.33
N VAL B 234 18.58 -9.23 -19.11
CA VAL B 234 17.72 -8.62 -18.10
C VAL B 234 17.06 -7.38 -18.71
N MET B 235 15.79 -7.13 -18.35
CA MET B 235 15.07 -5.93 -18.81
C MET B 235 14.77 -5.01 -17.61
N THR B 236 14.92 -3.70 -17.80
CA THR B 236 14.60 -2.75 -16.79
C THR B 236 13.08 -2.70 -16.55
N ALA B 237 12.71 -2.11 -15.41
CA ALA B 237 11.33 -1.87 -15.06
C ALA B 237 10.90 -0.45 -15.37
N PHE B 238 9.60 -0.27 -15.57
CA PHE B 238 8.97 1.05 -15.73
C PHE B 238 8.93 1.97 -14.49
N ASN B 239 8.87 1.37 -13.33
CA ASN B 239 8.74 2.12 -12.05
C ASN B 239 10.01 2.78 -11.49
N VAL B 240 9.81 3.81 -10.67
CA VAL B 240 10.86 4.24 -9.80
C VAL B 240 11.21 3.09 -8.81
N VAL B 241 12.47 3.04 -8.45
CA VAL B 241 12.94 2.35 -7.31
C VAL B 241 13.56 3.40 -6.42
N ASP B 242 13.00 3.54 -5.23
CA ASP B 242 13.39 4.59 -4.33
C ASP B 242 13.61 5.93 -4.96
N GLY B 243 12.62 6.35 -5.72
CA GLY B 243 12.58 7.70 -6.21
C GLY B 243 13.18 7.84 -7.60
N ILE B 244 13.91 6.83 -8.05
CA ILE B 244 14.64 6.96 -9.31
C ILE B 244 14.19 5.90 -10.33
N PRO B 245 13.68 6.29 -11.51
CA PRO B 245 13.31 5.28 -12.47
C PRO B 245 14.33 4.20 -12.64
N ALA B 246 13.86 2.96 -12.66
CA ALA B 246 14.79 1.82 -12.66
C ALA B 246 15.77 1.91 -13.84
N THR B 247 15.26 2.38 -14.98
CA THR B 247 16.03 2.38 -16.22
C THR B 247 17.25 3.29 -16.14
N MET B 248 17.20 4.43 -15.40
CA MET B 248 18.39 5.29 -15.20
C MET B 248 18.95 5.20 -13.76
N ASN B 249 18.72 4.09 -13.08
CA ASN B 249 19.07 3.93 -11.65
C ASN B 249 20.44 3.26 -11.56
N LYS B 250 21.47 4.10 -11.50
CA LYS B 250 22.83 3.65 -11.57
C LYS B 250 23.13 2.68 -10.44
N TRP B 251 22.70 3.01 -9.22
CA TRP B 251 22.95 2.10 -8.10
C TRP B 251 22.34 0.76 -8.41
N LEU B 252 21.07 0.77 -8.77
CA LEU B 252 20.33 -0.49 -9.03
C LEU B 252 20.99 -1.31 -10.11
N ASN B 253 21.31 -0.65 -11.22
CA ASN B 253 21.80 -1.43 -12.37
C ASN B 253 23.32 -1.67 -12.39
N ARG B 254 24.14 -0.69 -12.04
CA ARG B 254 25.63 -0.96 -11.95
C ARG B 254 26.02 -1.69 -10.69
N ASP B 255 25.64 -1.15 -9.53
CA ASP B 255 26.08 -1.73 -8.24
C ASP B 255 25.41 -3.02 -7.88
N VAL B 256 24.07 -3.08 -7.98
CA VAL B 256 23.37 -4.29 -7.54
C VAL B 256 23.41 -5.34 -8.65
N LEU B 257 22.87 -5.01 -9.81
CA LEU B 257 22.75 -5.99 -10.90
C LEU B 257 24.12 -6.50 -11.41
N ARG B 258 24.96 -5.60 -11.87
CA ARG B 258 26.23 -5.97 -12.49
C ARG B 258 27.27 -6.23 -11.46
N GLY B 259 27.20 -5.51 -10.35
CA GLY B 259 28.13 -5.71 -9.23
C GLY B 259 27.77 -6.91 -8.42
N GLU B 260 26.81 -6.73 -7.50
CA GLU B 260 26.50 -7.81 -6.58
C GLU B 260 25.96 -9.05 -7.27
N MET B 261 25.09 -8.90 -8.24
CA MET B 261 24.59 -10.10 -8.95
C MET B 261 25.50 -10.59 -10.13
N GLU B 262 26.57 -9.87 -10.42
CA GLU B 262 27.55 -10.35 -11.40
C GLU B 262 27.00 -10.56 -12.79
N PHE B 263 25.93 -9.86 -13.13
CA PHE B 263 25.32 -9.99 -14.42
C PHE B 263 26.15 -9.21 -15.43
N ASP B 264 26.58 -9.93 -16.45
CA ASP B 264 27.46 -9.40 -17.45
C ASP B 264 26.85 -9.45 -18.85
N GLY B 265 25.54 -9.71 -18.96
CA GLY B 265 24.80 -9.74 -20.23
C GLY B 265 24.15 -8.44 -20.63
N VAL B 266 23.31 -8.52 -21.66
CA VAL B 266 22.65 -7.35 -22.21
C VAL B 266 21.51 -6.94 -21.28
N LEU B 267 21.47 -5.64 -20.94
CA LEU B 267 20.43 -5.01 -20.15
C LEU B 267 19.61 -4.18 -21.14
N ILE B 268 18.37 -4.62 -21.34
CA ILE B 268 17.46 -4.01 -22.29
C ILE B 268 16.40 -3.16 -21.58
N SER B 269 16.15 -1.98 -22.12
CA SER B 269 15.13 -1.12 -21.56
C SER B 269 13.80 -1.77 -21.80
N ASP B 270 12.86 -1.50 -20.92
CA ASP B 270 11.51 -1.88 -21.25
C ASP B 270 11.09 -0.89 -22.36
N TRP B 271 9.90 -1.08 -22.88
CA TRP B 271 9.43 -0.32 -24.01
C TRP B 271 9.37 1.17 -23.77
N GLY B 272 10.28 1.91 -24.39
CA GLY B 272 10.26 3.35 -24.27
C GLY B 272 10.65 3.82 -22.89
N ALA B 273 11.13 2.91 -22.06
CA ALA B 273 11.44 3.27 -20.69
C ALA B 273 12.60 4.30 -20.59
N VAL B 274 13.52 4.26 -21.54
CA VAL B 274 14.61 5.24 -21.65
C VAL B 274 14.04 6.64 -21.85
N ALA B 275 13.22 6.86 -22.87
CA ALA B 275 12.61 8.22 -23.03
C ALA B 275 11.72 8.66 -21.87
N GLU B 276 11.14 7.69 -21.22
CA GLU B 276 10.10 7.92 -20.23
C GLU B 276 10.64 8.42 -18.87
N VAL B 277 11.95 8.29 -18.67
CA VAL B 277 12.56 8.89 -17.47
C VAL B 277 12.32 10.41 -17.52
N ILE B 278 12.07 10.92 -18.72
CA ILE B 278 11.69 12.28 -18.89
C ILE B 278 10.32 12.53 -18.28
N ASN B 279 9.36 11.65 -18.53
CA ASN B 279 8.02 11.80 -17.90
C ASN B 279 8.06 11.67 -16.37
N HIS B 280 8.92 10.79 -15.85
CA HIS B 280 9.11 10.62 -14.39
C HIS B 280 9.73 11.85 -13.74
N GLY B 281 10.22 12.78 -14.55
CA GLY B 281 10.83 14.02 -14.08
C GLY B 281 12.27 13.94 -13.52
N THR B 282 13.02 12.95 -13.97
CA THR B 282 14.40 12.78 -13.59
C THR B 282 15.35 12.98 -14.78
N ALA B 283 14.81 13.45 -15.90
CA ALA B 283 15.64 13.85 -17.02
C ALA B 283 14.90 14.94 -17.77
N ARG B 284 15.60 16.01 -18.13
CA ARG B 284 14.94 17.14 -18.76
C ARG B 284 14.67 16.87 -20.23
N ASN B 285 15.46 16.04 -20.88
CA ASN B 285 15.28 15.87 -22.32
C ASN B 285 15.91 14.57 -22.73
N PRO B 286 15.74 14.19 -24.02
CA PRO B 286 16.34 12.97 -24.54
C PRO B 286 17.85 12.93 -24.37
N LYS B 287 18.52 14.08 -24.41
CA LYS B 287 19.97 14.09 -24.21
C LYS B 287 20.32 13.56 -22.81
N GLU B 288 19.68 14.14 -21.80
CA GLU B 288 19.86 13.64 -20.43
C GLU B 288 19.35 12.23 -20.26
N ALA B 289 18.22 11.88 -20.87
CA ALA B 289 17.75 10.49 -20.71
C ALA B 289 18.81 9.50 -21.20
N ALA B 290 19.38 9.83 -22.35
CA ALA B 290 20.38 8.97 -22.97
C ALA B 290 21.63 8.90 -22.14
N GLN B 291 22.08 10.03 -21.67
CA GLN B 291 23.28 10.01 -20.80
C GLN B 291 23.09 9.15 -19.54
N PHE B 292 22.02 9.46 -18.76
CA PHE B 292 21.76 8.76 -17.49
C PHE B 292 21.50 7.28 -17.71
N SER B 293 20.90 6.95 -18.84
CA SER B 293 20.55 5.55 -19.10
C SER B 293 21.83 4.77 -19.45
N MET B 294 22.70 5.38 -20.25
CA MET B 294 24.01 4.78 -20.59
C MET B 294 24.92 4.72 -19.36
N GLU B 295 24.92 5.76 -18.55
CA GLU B 295 25.68 5.63 -17.30
C GLU B 295 25.18 4.45 -16.45
N ALA B 296 23.88 4.12 -16.54
CA ALA B 296 23.27 3.14 -15.65
C ALA B 296 23.52 1.77 -16.19
N GLY B 297 23.87 1.71 -17.48
CA GLY B 297 24.36 0.47 -18.08
C GLY B 297 23.27 -0.20 -18.92
N VAL B 298 22.34 0.61 -19.41
CA VAL B 298 21.35 0.10 -20.29
C VAL B 298 21.99 0.05 -21.71
N ASP B 299 22.09 -1.16 -22.24
CA ASP B 299 22.76 -1.47 -23.54
C ASP B 299 21.90 -1.37 -24.76
N LEU B 300 20.58 -1.55 -24.62
CA LEU B 300 19.65 -1.69 -25.74
C LEU B 300 18.35 -0.91 -25.53
N GLU B 301 18.17 0.15 -26.28
CA GLU B 301 16.99 0.96 -26.14
C GLU B 301 15.82 0.40 -26.99
N MET B 302 14.77 -0.04 -26.30
CA MET B 302 13.61 -0.63 -26.93
C MET B 302 12.65 0.43 -27.47
N MET B 303 12.73 0.65 -28.77
CA MET B 303 11.76 1.38 -29.53
C MET B 303 11.67 2.87 -29.24
N THR B 304 12.72 3.48 -28.71
CA THR B 304 12.77 4.95 -28.65
C THR B 304 14.15 5.35 -29.16
N THR B 305 14.35 6.65 -29.39
CA THR B 305 15.49 7.13 -30.11
C THR B 305 16.41 8.06 -29.34
N CYS B 306 16.42 7.98 -28.01
CA CYS B 306 17.32 8.88 -27.30
C CYS B 306 18.78 8.58 -27.66
N TYR B 307 19.19 7.32 -27.56
CA TYR B 307 20.59 6.99 -27.80
C TYR B 307 21.01 7.38 -29.22
N ILE B 308 20.19 6.94 -30.15
CA ILE B 308 20.30 7.22 -31.59
C ILE B 308 20.48 8.68 -31.98
N HIS B 309 19.68 9.58 -31.43
CA HIS B 309 19.83 11.02 -31.71
C HIS B 309 20.78 11.73 -30.77
N GLU B 310 21.30 11.10 -29.72
CA GLU B 310 22.02 11.86 -28.71
C GLU B 310 23.39 11.35 -28.31
N LEU B 311 23.67 10.07 -28.50
CA LEU B 311 24.93 9.55 -27.93
C LEU B 311 26.18 10.20 -28.54
N LYS B 312 26.09 10.54 -29.81
CA LYS B 312 27.19 11.11 -30.50
C LYS B 312 27.59 12.45 -29.86
N GLY B 313 26.64 13.37 -29.74
CA GLY B 313 26.86 14.66 -29.08
C GLY B 313 27.40 14.55 -27.67
N LEU B 314 26.93 13.55 -26.92
CA LEU B 314 27.38 13.37 -25.55
C LEU B 314 28.83 12.95 -25.53
N ILE B 315 29.17 12.09 -26.49
CA ILE B 315 30.50 11.51 -26.52
C ILE B 315 31.47 12.57 -27.03
N GLU B 316 31.07 13.25 -28.10
CA GLU B 316 31.86 14.32 -28.70
C GLU B 316 32.15 15.44 -27.74
N GLU B 317 31.19 15.78 -26.92
CA GLU B 317 31.35 16.88 -26.00
C GLU B 317 32.06 16.45 -24.74
N GLY B 318 32.44 15.17 -24.63
CA GLY B 318 33.06 14.66 -23.39
C GLY B 318 32.11 14.41 -22.21
N LYS B 319 30.80 14.50 -22.44
CA LYS B 319 29.83 14.32 -21.34
C LYS B 319 29.67 12.84 -20.98
N LEU B 320 30.12 11.97 -21.85
CA LEU B 320 29.91 10.56 -21.71
C LEU B 320 31.10 9.84 -22.36
N SER B 321 31.73 8.92 -21.64
CA SER B 321 32.84 8.17 -22.17
C SER B 321 32.42 7.15 -23.19
N GLU B 322 33.10 7.19 -24.34
CA GLU B 322 32.95 6.18 -25.37
C GLU B 322 33.19 4.76 -24.87
N ASN B 323 33.94 4.61 -23.79
CA ASN B 323 34.18 3.25 -23.25
C ASN B 323 32.91 2.55 -22.82
N LEU B 324 31.96 3.34 -22.31
CA LEU B 324 30.65 2.77 -21.91
C LEU B 324 29.97 2.22 -23.13
N LEU B 325 30.02 2.99 -24.21
CA LEU B 325 29.38 2.55 -25.45
C LEU B 325 30.00 1.26 -25.96
N ASP B 326 31.34 1.25 -25.96
CA ASP B 326 32.10 0.08 -26.40
C ASP B 326 31.68 -1.12 -25.57
N GLU B 327 31.54 -0.91 -24.25
CA GLU B 327 31.11 -1.99 -23.36
C GLU B 327 29.72 -2.56 -23.70
N ALA B 328 28.83 -1.68 -24.14
CA ALA B 328 27.44 -2.05 -24.38
C ALA B 328 27.38 -2.87 -25.65
N VAL B 329 28.10 -2.36 -26.64
CA VAL B 329 28.23 -3.02 -27.94
C VAL B 329 28.89 -4.38 -27.74
N LEU B 330 29.96 -4.44 -26.97
CA LEU B 330 30.56 -5.72 -26.72
C LEU B 330 29.56 -6.75 -26.16
N ARG B 331 28.66 -6.32 -25.28
CA ARG B 331 27.68 -7.24 -24.70
C ARG B 331 26.64 -7.64 -25.76
N MET B 332 26.18 -6.68 -26.54
CA MET B 332 25.31 -6.97 -27.70
C MET B 332 25.93 -8.01 -28.67
N LEU B 333 27.19 -7.77 -29.08
CA LEU B 333 27.90 -8.72 -29.96
C LEU B 333 28.16 -10.06 -29.32
N ASN B 334 28.53 -10.06 -28.05
CA ASN B 334 28.66 -11.34 -27.30
C ASN B 334 27.39 -12.16 -27.31
N LEU B 335 26.23 -11.51 -27.15
CA LEU B 335 24.92 -12.24 -27.14
C LEU B 335 24.70 -12.83 -28.54
N LYS B 336 24.93 -12.03 -29.55
CA LYS B 336 24.80 -12.55 -30.94
C LYS B 336 25.73 -13.75 -31.11
N ASN B 337 26.95 -13.61 -30.62
CA ASN B 337 27.89 -14.70 -30.70
C ASN B 337 27.41 -15.96 -29.99
N ASP B 338 26.94 -15.81 -28.76
CA ASP B 338 26.40 -16.93 -27.96
C ASP B 338 25.25 -17.64 -28.64
N LEU B 339 24.52 -16.88 -29.44
CA LEU B 339 23.37 -17.43 -30.21
C LEU B 339 23.82 -18.08 -31.58
N GLY B 340 25.14 -18.04 -31.87
CA GLY B 340 25.75 -18.65 -33.03
C GLY B 340 25.44 -17.88 -34.28
N LEU B 341 25.02 -16.63 -34.14
CA LEU B 341 24.54 -15.86 -35.29
C LEU B 341 25.64 -15.41 -36.29
N PHE B 342 26.90 -15.40 -35.86
CA PHE B 342 28.00 -15.17 -36.82
C PHE B 342 28.26 -16.37 -37.77
N GLU B 343 28.14 -17.60 -37.28
CA GLU B 343 28.08 -18.76 -38.17
C GLU B 343 26.75 -18.90 -38.90
N ASP B 344 25.62 -18.82 -38.17
CA ASP B 344 24.24 -19.03 -38.74
C ASP B 344 23.21 -17.93 -38.35
N PRO B 345 23.14 -16.85 -39.14
CA PRO B 345 22.23 -15.72 -38.88
C PRO B 345 20.76 -16.04 -38.96
N TYR B 346 20.45 -17.22 -39.47
CA TYR B 346 19.07 -17.65 -39.62
C TYR B 346 18.79 -18.71 -38.58
N ARG B 347 19.77 -18.91 -37.70
CA ARG B 347 19.64 -19.78 -36.54
C ARG B 347 18.85 -21.05 -36.88
N GLY B 348 19.37 -21.80 -37.84
CA GLY B 348 18.88 -23.13 -38.15
C GLY B 348 17.75 -23.17 -39.15
N LEU B 349 17.37 -22.01 -39.67
CA LEU B 349 16.16 -21.89 -40.49
C LEU B 349 16.51 -21.92 -41.99
N ASP B 353 13.13 -25.88 -42.93
CA ASP B 353 11.74 -25.54 -42.65
C ASP B 353 11.22 -26.33 -41.43
N ARG B 354 10.87 -25.59 -40.39
CA ARG B 354 10.51 -26.19 -39.10
C ARG B 354 9.05 -26.04 -38.66
N THR B 355 8.17 -25.57 -39.55
CA THR B 355 6.70 -25.61 -39.32
C THR B 355 6.31 -26.89 -38.67
N LYS B 356 6.90 -27.98 -39.16
CA LYS B 356 6.74 -29.33 -38.57
C LYS B 356 6.58 -29.30 -37.03
N ASP B 357 7.45 -28.55 -36.36
CA ASP B 357 7.55 -28.52 -34.87
C ASP B 357 6.45 -27.71 -34.12
N ILE B 358 5.68 -26.90 -34.85
CA ILE B 358 4.76 -25.95 -34.27
C ILE B 358 3.34 -26.51 -34.12
N LEU B 359 2.85 -26.48 -32.88
CA LEU B 359 1.49 -26.85 -32.55
C LEU B 359 1.25 -28.30 -32.78
N THR B 360 2.20 -29.12 -32.40
CA THR B 360 2.03 -30.56 -32.57
C THR B 360 1.13 -31.13 -31.53
N ASP B 361 0.64 -32.34 -31.81
CA ASP B 361 -0.19 -33.08 -30.86
C ASP B 361 0.52 -33.38 -29.57
N GLU B 362 1.79 -33.75 -29.64
CA GLU B 362 2.55 -33.96 -28.43
C GLU B 362 2.64 -32.68 -27.54
N SER B 363 2.92 -31.53 -28.17
CA SER B 363 2.92 -30.25 -27.45
C SER B 363 1.54 -29.93 -26.82
N ARG B 364 0.46 -30.17 -27.55
CA ARG B 364 -0.89 -29.93 -27.02
C ARG B 364 -1.16 -30.76 -25.76
N GLY B 365 -0.71 -32.01 -25.74
CA GLY B 365 -0.89 -32.83 -24.54
C GLY B 365 -0.09 -32.30 -23.38
N LYS B 366 1.04 -31.70 -23.71
CA LYS B 366 1.89 -31.15 -22.68
C LYS B 366 1.15 -29.96 -22.04
N ALA B 367 0.51 -29.15 -22.87
CA ALA B 367 -0.22 -27.97 -22.40
C ALA B 367 -1.46 -28.33 -21.57
N ARG B 368 -2.12 -29.39 -21.98
CA ARG B 368 -3.20 -29.99 -21.22
C ARG B 368 -2.74 -30.46 -19.92
N ALA B 369 -1.59 -31.11 -19.91
CA ALA B 369 -1.11 -31.66 -18.66
C ALA B 369 -0.80 -30.46 -17.70
N ALA B 370 -0.14 -29.44 -18.26
CA ALA B 370 0.15 -28.19 -17.52
C ALA B 370 -1.13 -27.64 -16.91
N GLY B 371 -2.16 -27.55 -17.73
CA GLY B 371 -3.48 -27.05 -17.27
C GLY B 371 -4.04 -27.86 -16.13
N VAL B 372 -4.00 -29.20 -16.25
CA VAL B 372 -4.53 -30.05 -15.21
C VAL B 372 -3.66 -29.99 -13.98
N GLU B 373 -2.36 -29.74 -14.15
CA GLU B 373 -1.40 -29.52 -13.02
C GLU B 373 -1.64 -28.22 -12.20
N SER B 374 -2.11 -27.18 -12.93
CA SER B 374 -2.24 -25.79 -12.44
C SER B 374 -3.58 -25.36 -11.82
N ALA B 375 -4.69 -25.94 -12.29
CA ALA B 375 -6.02 -25.63 -11.73
C ALA B 375 -6.04 -25.90 -10.24
N VAL B 376 -6.87 -25.16 -9.53
CA VAL B 376 -6.98 -25.28 -8.08
C VAL B 376 -8.42 -25.49 -7.73
N LEU B 377 -8.65 -26.57 -6.98
CA LEU B 377 -9.96 -26.92 -6.46
C LEU B 377 -10.16 -26.19 -5.15
N LEU B 378 -11.10 -25.24 -5.12
CA LEU B 378 -11.28 -24.37 -3.91
C LEU B 378 -12.37 -24.85 -2.99
N GLU B 379 -13.44 -25.36 -3.57
CA GLU B 379 -14.54 -25.99 -2.79
C GLU B 379 -15.02 -27.28 -3.44
N ASN B 380 -15.46 -28.22 -2.62
CA ASN B 380 -16.10 -29.42 -3.17
C ASN B 380 -16.98 -30.09 -2.13
N LYS B 381 -18.08 -29.44 -1.79
CA LYS B 381 -19.00 -29.91 -0.77
C LYS B 381 -19.73 -31.23 -1.12
N SER B 382 -19.72 -32.15 -0.17
CA SER B 382 -20.19 -33.54 -0.32
C SER B 382 -19.86 -34.22 -1.64
N ARG B 383 -18.61 -34.14 -2.05
CA ARG B 383 -18.12 -34.91 -3.18
C ARG B 383 -18.97 -34.78 -4.47
N LEU B 384 -19.49 -33.59 -4.77
CA LEU B 384 -20.10 -33.39 -6.05
C LEU B 384 -19.09 -33.78 -7.17
N LEU B 385 -17.82 -33.45 -6.98
CA LEU B 385 -16.82 -33.73 -8.01
C LEU B 385 -15.99 -34.91 -7.52
N PRO B 386 -15.52 -35.78 -8.46
CA PRO B 386 -15.71 -35.70 -9.94
C PRO B 386 -17.13 -36.11 -10.32
N LEU B 387 -17.61 -35.69 -11.48
CA LEU B 387 -18.94 -36.09 -11.98
C LEU B 387 -18.92 -37.40 -12.79
N ALA B 388 -19.99 -38.20 -12.70
CA ALA B 388 -20.09 -39.42 -13.50
C ALA B 388 -20.22 -38.99 -14.96
N LYS B 389 -19.60 -39.75 -15.84
CA LYS B 389 -19.68 -39.44 -17.25
C LYS B 389 -21.10 -39.39 -17.77
N GLU B 390 -22.02 -40.02 -17.06
CA GLU B 390 -23.39 -40.05 -17.55
C GLU B 390 -24.17 -38.91 -16.91
N ALA B 391 -23.50 -38.04 -16.18
CA ALA B 391 -24.19 -36.90 -15.55
C ALA B 391 -24.73 -35.95 -16.62
N LYS B 392 -25.99 -35.60 -16.46
CA LYS B 392 -26.65 -34.67 -17.33
C LYS B 392 -26.30 -33.22 -16.91
N ILE B 393 -25.59 -32.50 -17.80
CA ILE B 393 -25.03 -31.17 -17.49
C ILE B 393 -25.74 -29.97 -18.16
N ALA B 394 -26.21 -29.07 -17.30
CA ALA B 394 -26.52 -27.72 -17.74
C ALA B 394 -25.25 -26.87 -17.63
N LEU B 395 -24.67 -26.58 -18.79
CA LEU B 395 -23.49 -25.77 -18.90
C LEU B 395 -23.93 -24.31 -19.21
N VAL B 396 -23.82 -23.41 -18.22
CA VAL B 396 -24.32 -22.02 -18.40
C VAL B 396 -23.23 -21.00 -18.07
N GLY B 397 -23.25 -19.90 -18.81
CA GLY B 397 -22.50 -18.74 -18.48
C GLY B 397 -21.67 -18.20 -19.61
N PRO B 398 -20.94 -17.14 -19.33
CA PRO B 398 -20.15 -16.50 -20.33
C PRO B 398 -18.94 -17.31 -20.72
N LEU B 399 -18.48 -18.23 -19.88
CA LEU B 399 -17.37 -19.08 -20.28
C LEU B 399 -17.77 -20.42 -20.87
N ALA B 400 -19.08 -20.62 -21.05
CA ALA B 400 -19.63 -21.83 -21.68
C ALA B 400 -19.04 -22.11 -23.03
N THR B 401 -19.03 -21.09 -23.86
CA THR B 401 -18.62 -21.18 -25.24
C THR B 401 -17.56 -20.15 -25.64
N SER B 402 -17.23 -19.22 -24.75
CA SER B 402 -16.20 -18.21 -25.09
C SER B 402 -14.95 -18.89 -25.50
N PRO B 403 -14.35 -18.42 -26.58
CA PRO B 403 -13.04 -18.86 -26.99
C PRO B 403 -11.89 -18.10 -26.28
N ASP B 404 -12.23 -17.20 -25.36
CA ASP B 404 -11.25 -16.34 -24.69
C ASP B 404 -10.74 -17.07 -23.45
N ILE B 405 -9.94 -18.11 -23.71
CA ILE B 405 -9.45 -19.01 -22.66
C ILE B 405 -7.92 -19.17 -22.72
N LEU B 406 -7.27 -18.40 -23.58
CA LEU B 406 -5.83 -18.53 -23.79
C LEU B 406 -5.02 -17.67 -22.81
N GLY B 407 -5.68 -16.69 -22.19
CA GLY B 407 -5.09 -15.82 -21.22
C GLY B 407 -4.48 -14.58 -21.83
N GLY B 408 -4.13 -13.61 -20.97
CA GLY B 408 -3.36 -12.44 -21.48
C GLY B 408 -1.92 -12.80 -21.86
N TRP B 409 -1.23 -11.83 -22.43
CA TRP B 409 0.18 -12.00 -22.90
C TRP B 409 0.33 -13.27 -23.79
N ASN B 410 -0.58 -13.35 -24.73
CA ASN B 410 -0.60 -14.38 -25.72
C ASN B 410 -0.48 -13.68 -27.08
N VAL B 411 0.73 -13.45 -27.52
CA VAL B 411 0.95 -12.63 -28.70
C VAL B 411 0.83 -13.43 -30.01
N TYR B 412 1.02 -14.75 -29.97
CA TYR B 412 1.16 -15.60 -31.17
C TYR B 412 0.12 -16.73 -31.29
N GLY B 413 -0.54 -17.05 -30.17
CA GLY B 413 -1.49 -18.16 -30.12
C GLY B 413 -2.81 -17.72 -30.71
N GLU B 414 -3.53 -18.63 -31.33
CA GLU B 414 -4.72 -18.25 -32.07
C GLU B 414 -5.87 -18.95 -31.48
N GLU B 415 -6.92 -18.20 -31.19
CA GLU B 415 -8.09 -18.81 -30.51
C GLU B 415 -8.77 -19.90 -31.34
N LYS B 416 -8.56 -19.87 -32.66
CA LYS B 416 -9.17 -20.89 -33.53
C LYS B 416 -8.58 -22.27 -33.29
N ASP B 417 -7.40 -22.36 -32.70
CA ASP B 417 -6.84 -23.66 -32.31
C ASP B 417 -7.22 -24.08 -30.92
N GLY B 418 -7.88 -23.21 -30.17
CA GLY B 418 -8.22 -23.50 -28.78
C GLY B 418 -9.45 -24.35 -28.63
N ILE B 419 -9.59 -24.99 -27.48
CA ILE B 419 -10.73 -25.80 -27.16
C ILE B 419 -11.53 -25.10 -26.07
N ASN B 420 -12.74 -24.64 -26.43
CA ASN B 420 -13.69 -24.11 -25.45
C ASN B 420 -14.33 -25.11 -24.49
N VAL B 421 -15.07 -24.59 -23.50
CA VAL B 421 -15.58 -25.49 -22.43
C VAL B 421 -16.64 -26.46 -22.96
N GLU B 422 -17.58 -25.95 -23.76
CA GLU B 422 -18.58 -26.77 -24.46
C GLU B 422 -17.93 -27.92 -25.20
N THR B 423 -17.07 -27.62 -26.17
CA THR B 423 -16.38 -28.69 -26.92
C THR B 423 -15.66 -29.65 -25.99
N GLY B 424 -14.97 -29.08 -25.01
CA GLY B 424 -14.24 -29.86 -24.03
C GLY B 424 -15.18 -30.86 -23.38
N LEU B 425 -16.33 -30.37 -22.95
CA LEU B 425 -17.29 -31.19 -22.20
C LEU B 425 -18.01 -32.21 -23.13
N ARG B 426 -18.43 -31.76 -24.30
CA ARG B 426 -19.11 -32.69 -25.24
C ARG B 426 -18.28 -33.95 -25.59
N GLU B 427 -16.96 -33.83 -25.70
CA GLU B 427 -16.07 -35.00 -25.79
C GLU B 427 -16.19 -36.02 -24.70
N VAL B 428 -16.64 -35.65 -23.51
CA VAL B 428 -16.58 -36.57 -22.37
C VAL B 428 -17.94 -36.95 -21.83
N PHE B 429 -18.91 -36.03 -21.90
CA PHE B 429 -20.24 -36.23 -21.28
C PHE B 429 -21.30 -36.32 -22.35
N GLU B 430 -22.21 -37.28 -22.22
CA GLU B 430 -23.13 -37.57 -23.33
C GLU B 430 -24.20 -36.54 -23.44
N THR B 431 -24.71 -36.12 -22.28
CA THR B 431 -25.75 -35.09 -22.18
C THR B 431 -25.28 -33.71 -21.63
N VAL B 432 -25.21 -32.73 -22.53
CA VAL B 432 -24.88 -31.35 -22.17
C VAL B 432 -25.85 -30.43 -22.87
N GLU B 433 -26.52 -29.59 -22.09
CA GLU B 433 -27.31 -28.50 -22.63
C GLU B 433 -26.66 -27.18 -22.22
N VAL B 434 -26.58 -26.27 -23.17
CA VAL B 434 -25.73 -25.11 -23.03
C VAL B 434 -26.54 -23.84 -23.08
N VAL B 435 -26.46 -23.00 -22.05
CA VAL B 435 -26.99 -21.63 -22.16
C VAL B 435 -25.89 -20.64 -21.87
N SER B 436 -25.49 -20.02 -22.96
CA SER B 436 -24.46 -19.07 -23.01
C SER B 436 -25.04 -17.71 -22.61
N THR B 437 -24.30 -16.94 -21.81
CA THR B 437 -24.75 -15.61 -21.45
C THR B 437 -23.58 -14.65 -21.62
N GLU B 438 -23.84 -13.36 -21.48
CA GLU B 438 -22.81 -12.35 -21.71
C GLU B 438 -21.97 -12.09 -20.46
N TYR B 439 -20.79 -11.46 -20.65
CA TYR B 439 -19.89 -11.25 -19.52
C TYR B 439 -20.40 -10.25 -18.50
N THR B 440 -21.17 -9.28 -18.93
CA THR B 440 -21.49 -8.13 -18.11
C THR B 440 -22.96 -7.87 -17.92
N GLU B 441 -23.80 -8.78 -18.43
CA GLU B 441 -25.26 -8.62 -18.37
C GLU B 441 -25.95 -9.89 -17.95
N LEU B 442 -27.16 -9.75 -17.42
CA LEU B 442 -28.03 -10.91 -17.19
C LEU B 442 -29.46 -10.54 -17.40
N SER B 443 -30.00 -10.94 -18.52
CA SER B 443 -31.33 -10.53 -18.94
C SER B 443 -32.39 -11.43 -18.37
N GLU B 444 -33.62 -10.95 -18.34
CA GLU B 444 -34.77 -11.85 -18.00
C GLU B 444 -34.85 -13.03 -18.96
N GLU B 445 -34.71 -12.76 -20.24
CA GLU B 445 -34.68 -13.83 -21.23
C GLU B 445 -33.63 -14.95 -20.90
N ASP B 446 -32.42 -14.52 -20.44
CA ASP B 446 -31.34 -15.43 -20.03
C ASP B 446 -31.79 -16.32 -18.90
N LYS B 447 -32.45 -15.71 -17.93
CA LYS B 447 -32.86 -16.45 -16.78
C LYS B 447 -33.92 -17.52 -17.19
N VAL B 448 -34.84 -17.16 -18.08
CA VAL B 448 -35.86 -18.17 -18.50
C VAL B 448 -35.15 -19.37 -19.15
N ALA B 449 -34.19 -19.05 -20.03
CA ALA B 449 -33.44 -20.04 -20.75
C ALA B 449 -32.54 -20.89 -19.87
N VAL B 450 -31.91 -20.27 -18.87
CA VAL B 450 -31.13 -21.02 -17.89
C VAL B 450 -32.06 -21.90 -17.08
N LYS B 451 -33.15 -21.36 -16.60
CA LYS B 451 -34.16 -22.16 -15.85
C LYS B 451 -34.59 -23.43 -16.63
N ALA B 452 -34.87 -23.28 -17.92
CA ALA B 452 -35.29 -24.42 -18.73
C ALA B 452 -34.19 -25.48 -18.80
N ALA B 453 -32.94 -25.06 -18.97
CA ALA B 453 -31.85 -26.03 -19.22
C ALA B 453 -31.51 -26.78 -17.94
N VAL B 454 -31.59 -26.09 -16.82
CA VAL B 454 -31.30 -26.67 -15.51
C VAL B 454 -32.41 -27.62 -15.05
N GLN B 455 -33.67 -27.30 -15.30
CA GLN B 455 -34.75 -28.21 -14.88
C GLN B 455 -34.60 -29.61 -15.46
N ASN B 456 -34.17 -29.69 -16.72
CA ASN B 456 -33.87 -30.94 -17.41
C ASN B 456 -32.68 -31.76 -16.91
N MET B 457 -31.59 -31.07 -16.61
CA MET B 457 -30.30 -31.70 -16.37
C MET B 457 -30.13 -32.06 -14.91
N ASP B 458 -29.00 -32.68 -14.57
CA ASP B 458 -28.75 -33.12 -13.18
C ASP B 458 -27.84 -32.14 -12.38
N VAL B 459 -26.96 -31.43 -13.09
CA VAL B 459 -25.91 -30.60 -12.47
C VAL B 459 -25.65 -29.40 -13.35
N VAL B 460 -25.36 -28.30 -12.68
CA VAL B 460 -24.98 -27.10 -13.41
C VAL B 460 -23.44 -26.94 -13.39
N VAL B 461 -22.86 -26.82 -14.58
CA VAL B 461 -21.51 -26.31 -14.73
C VAL B 461 -21.66 -24.82 -15.15
N LEU B 462 -21.49 -23.95 -14.14
CA LEU B 462 -21.61 -22.49 -14.23
C LEU B 462 -20.21 -21.96 -14.45
N ALA B 463 -19.97 -21.57 -15.69
CA ALA B 463 -18.71 -21.12 -16.18
C ALA B 463 -18.68 -19.57 -16.26
N LEU B 464 -17.87 -19.01 -15.38
CA LEU B 464 -17.77 -17.56 -15.13
C LEU B 464 -16.35 -17.16 -15.36
N GLY B 465 -16.12 -15.89 -15.67
CA GLY B 465 -14.78 -15.46 -15.92
C GLY B 465 -14.55 -14.04 -16.40
N GLU B 466 -13.28 -13.67 -16.46
CA GLU B 466 -12.88 -12.37 -16.94
C GLU B 466 -12.56 -12.51 -18.42
N LYS B 467 -12.68 -11.41 -19.15
CA LYS B 467 -12.04 -11.31 -20.44
C LYS B 467 -10.55 -11.12 -20.16
N ASN B 468 -9.65 -11.56 -21.06
CA ASN B 468 -8.23 -11.48 -20.72
C ASN B 468 -7.86 -10.04 -20.71
N GLU B 469 -8.64 -9.22 -21.40
CA GLU B 469 -8.30 -7.78 -21.52
C GLU B 469 -8.54 -6.99 -20.22
N TRP B 470 -9.22 -7.60 -19.26
CA TRP B 470 -9.39 -6.98 -17.96
C TRP B 470 -8.17 -7.17 -17.07
N GLY B 471 -7.14 -7.82 -17.62
CA GLY B 471 -5.83 -7.98 -16.99
C GLY B 471 -4.70 -7.87 -17.98
N GLY B 472 -3.52 -8.34 -17.62
CA GLY B 472 -2.31 -7.99 -18.37
C GLY B 472 -1.88 -6.54 -18.14
N GLU B 473 -0.99 -6.08 -19.00
CA GLU B 473 -0.42 -4.74 -18.96
C GLU B 473 -1.52 -3.66 -19.11
N ALA B 474 -1.55 -2.73 -18.15
CA ALA B 474 -2.49 -1.65 -18.11
C ALA B 474 -3.94 -2.15 -18.13
N GLY B 475 -4.12 -3.29 -17.43
CA GLY B 475 -5.41 -3.79 -17.06
C GLY B 475 -5.56 -3.78 -15.53
N SER B 476 -5.54 -2.59 -14.97
CA SER B 476 -5.69 -2.43 -13.51
C SER B 476 -7.18 -2.39 -13.12
N LEU B 477 -7.61 -3.17 -12.11
CA LEU B 477 -8.96 -2.99 -11.57
C LEU B 477 -8.92 -2.47 -10.15
N ALA B 478 -9.59 -1.33 -9.88
CA ALA B 478 -9.68 -0.88 -8.48
C ALA B 478 -10.37 -1.89 -7.62
N THR B 479 -11.43 -2.55 -8.15
CA THR B 479 -12.21 -3.51 -7.39
C THR B 479 -11.99 -4.89 -7.98
N ILE B 480 -11.52 -5.85 -7.18
CA ILE B 480 -11.15 -7.13 -7.80
C ILE B 480 -12.37 -8.07 -7.80
N ARG B 481 -13.35 -7.73 -8.64
CA ARG B 481 -14.63 -8.45 -8.68
C ARG B 481 -14.97 -8.79 -10.15
N LEU B 482 -15.64 -9.90 -10.38
CA LEU B 482 -16.21 -10.16 -11.73
C LEU B 482 -17.26 -9.08 -12.03
N PRO B 483 -17.63 -8.86 -13.29
CA PRO B 483 -18.85 -8.08 -13.37
C PRO B 483 -19.97 -8.62 -12.51
N GLU B 484 -20.71 -7.66 -12.00
CA GLU B 484 -21.77 -7.96 -11.05
C GLU B 484 -22.87 -8.88 -11.60
N ALA B 485 -23.16 -8.81 -12.90
CA ALA B 485 -24.08 -9.74 -13.50
C ALA B 485 -23.68 -11.19 -13.24
N GLN B 486 -22.37 -11.48 -13.22
CA GLN B 486 -21.96 -12.85 -12.98
C GLN B 486 -22.27 -13.32 -11.61
N TYR B 487 -22.15 -12.45 -10.60
CA TYR B 487 -22.51 -12.87 -9.22
C TYR B 487 -24.03 -13.09 -9.10
N GLN B 488 -24.82 -12.28 -9.83
CA GLN B 488 -26.26 -12.45 -9.87
C GLN B 488 -26.63 -13.76 -10.55
N LEU B 489 -25.89 -14.15 -11.58
CA LEU B 489 -26.14 -15.40 -12.27
C LEU B 489 -25.85 -16.55 -11.38
N ALA B 490 -24.77 -16.49 -10.61
CA ALA B 490 -24.53 -17.53 -9.58
C ALA B 490 -25.63 -17.66 -8.51
N LYS B 491 -26.08 -16.50 -8.06
CA LYS B 491 -27.13 -16.39 -7.10
C LYS B 491 -28.45 -16.97 -7.61
N PHE B 492 -28.86 -16.56 -8.80
CA PHE B 492 -30.01 -17.15 -9.51
C PHE B 492 -29.92 -18.69 -9.63
N VAL B 493 -28.81 -19.17 -10.22
CA VAL B 493 -28.58 -20.58 -10.46
C VAL B 493 -28.67 -21.37 -9.18
N GLN B 494 -28.16 -20.82 -8.09
CA GLN B 494 -28.31 -21.54 -6.81
C GLN B 494 -29.78 -21.84 -6.41
N THR B 495 -30.69 -20.94 -6.71
CA THR B 495 -32.09 -21.13 -6.35
C THR B 495 -32.80 -22.24 -7.13
N LEU B 496 -32.20 -22.75 -8.19
CA LEU B 496 -32.80 -23.78 -9.08
C LEU B 496 -32.76 -25.19 -8.50
N GLY B 497 -32.24 -25.36 -7.30
CA GLY B 497 -32.37 -26.59 -6.58
C GLY B 497 -31.44 -27.72 -6.95
N LYS B 498 -30.60 -27.52 -7.98
CA LYS B 498 -29.68 -28.57 -8.47
C LYS B 498 -28.23 -28.29 -8.08
N PRO B 499 -27.42 -29.34 -8.04
CA PRO B 499 -26.05 -29.09 -7.57
C PRO B 499 -25.27 -28.24 -8.57
N VAL B 500 -24.42 -27.35 -8.02
CA VAL B 500 -23.66 -26.38 -8.85
C VAL B 500 -22.11 -26.43 -8.70
N VAL B 501 -21.42 -26.54 -9.83
CA VAL B 501 -19.97 -26.37 -9.90
C VAL B 501 -19.69 -25.12 -10.72
N ILE B 502 -18.85 -24.24 -10.17
CA ILE B 502 -18.43 -23.06 -10.89
C ILE B 502 -17.02 -23.34 -11.35
N THR B 503 -16.84 -23.25 -12.65
CA THR B 503 -15.57 -23.29 -13.26
C THR B 503 -15.26 -21.80 -13.49
N LEU B 504 -14.26 -21.30 -12.76
CA LEU B 504 -13.83 -19.88 -12.86
C LEU B 504 -12.59 -19.72 -13.76
N PHE B 505 -12.66 -18.80 -14.73
CA PHE B 505 -11.59 -18.48 -15.65
C PHE B 505 -11.18 -17.02 -15.44
N ASN B 506 -9.91 -16.80 -15.16
CA ASN B 506 -9.44 -15.44 -14.75
C ASN B 506 -7.92 -15.35 -14.72
N GLY B 507 -7.45 -14.10 -14.61
CA GLY B 507 -6.02 -13.79 -14.52
C GLY B 507 -5.53 -13.17 -13.22
N ARG B 508 -6.41 -13.10 -12.22
CA ARG B 508 -6.08 -12.55 -10.86
C ARG B 508 -6.93 -13.15 -9.75
N PRO B 509 -6.42 -13.10 -8.53
CA PRO B 509 -7.35 -13.29 -7.44
C PRO B 509 -8.53 -12.39 -7.51
N LEU B 510 -9.70 -12.91 -7.18
CA LEU B 510 -10.94 -12.12 -7.29
C LEU B 510 -11.64 -12.35 -5.97
N GLU B 511 -12.59 -11.48 -5.62
CA GLU B 511 -13.53 -11.74 -4.50
C GLU B 511 -14.44 -12.89 -4.91
N VAL B 512 -14.21 -14.06 -4.34
CA VAL B 512 -15.00 -15.25 -4.68
C VAL B 512 -15.84 -15.81 -3.56
N LYS B 513 -15.88 -15.14 -2.42
CA LYS B 513 -16.71 -15.63 -1.35
C LYS B 513 -18.22 -15.85 -1.78
N GLU B 514 -18.79 -14.87 -2.44
CA GLU B 514 -20.18 -15.02 -2.95
C GLU B 514 -20.30 -16.15 -3.94
N LEU B 515 -19.19 -16.54 -4.56
CA LEU B 515 -19.26 -17.64 -5.56
C LEU B 515 -19.21 -18.99 -4.82
N ALA B 516 -18.32 -19.09 -3.85
CA ALA B 516 -18.26 -20.24 -3.00
C ALA B 516 -19.56 -20.42 -2.20
N GLU B 517 -20.18 -19.33 -1.81
CA GLU B 517 -21.40 -19.43 -1.01
C GLU B 517 -22.60 -19.81 -1.84
N SER B 518 -22.54 -19.63 -3.16
CA SER B 518 -23.68 -19.87 -4.02
C SER B 518 -23.55 -21.16 -4.86
N SER B 519 -22.56 -22.00 -4.52
CA SER B 519 -22.30 -23.17 -5.30
C SER B 519 -21.80 -24.29 -4.44
N ASP B 520 -21.70 -25.49 -5.01
CA ASP B 520 -21.30 -26.64 -4.19
C ASP B 520 -19.85 -26.91 -4.36
N ALA B 521 -19.35 -26.62 -5.53
CA ALA B 521 -17.95 -26.78 -5.78
C ALA B 521 -17.47 -25.61 -6.62
N LEU B 522 -16.19 -25.29 -6.44
CA LEU B 522 -15.56 -24.21 -7.12
C LEU B 522 -14.20 -24.65 -7.59
N LEU B 523 -14.03 -24.58 -8.93
CA LEU B 523 -12.80 -24.93 -9.54
C LEU B 523 -12.20 -23.72 -10.25
N GLU B 524 -11.01 -23.34 -9.80
CA GLU B 524 -10.28 -22.22 -10.35
C GLU B 524 -9.34 -22.73 -11.43
N LEU B 525 -9.59 -22.38 -12.69
CA LEU B 525 -8.82 -22.80 -13.86
C LEU B 525 -7.89 -21.73 -14.39
N TRP B 526 -8.00 -20.50 -13.89
CA TRP B 526 -7.24 -19.41 -14.43
C TRP B 526 -7.51 -19.35 -15.92
N PHE B 527 -6.48 -19.17 -16.73
CA PHE B 527 -6.62 -19.27 -18.17
C PHE B 527 -5.72 -20.42 -18.57
N PRO B 528 -6.31 -21.61 -18.84
CA PRO B 528 -5.42 -22.79 -19.04
C PRO B 528 -4.64 -22.79 -20.35
N GLY B 529 -5.05 -22.01 -21.34
CA GLY B 529 -4.41 -22.06 -22.66
C GLY B 529 -5.19 -22.93 -23.68
N THR B 530 -4.50 -23.34 -24.74
CA THR B 530 -5.08 -23.97 -25.94
C THR B 530 -6.05 -25.14 -25.66
N GLU B 531 -5.74 -25.89 -24.63
CA GLU B 531 -6.54 -27.04 -24.28
C GLU B 531 -7.54 -26.82 -23.15
N ALA B 532 -7.86 -25.57 -22.83
CA ALA B 532 -8.73 -25.28 -21.65
C ALA B 532 -9.97 -26.19 -21.52
N GLY B 533 -10.73 -26.35 -22.61
CA GLY B 533 -11.94 -27.19 -22.62
C GLY B 533 -11.67 -28.58 -22.06
N ARG B 534 -10.57 -29.15 -22.54
CA ARG B 534 -10.17 -30.51 -22.15
C ARG B 534 -9.61 -30.55 -20.73
N VAL B 535 -8.89 -29.50 -20.33
CA VAL B 535 -8.39 -29.41 -18.97
C VAL B 535 -9.58 -29.42 -18.03
N THR B 536 -10.54 -28.56 -18.34
CA THR B 536 -11.81 -28.52 -17.59
C THR B 536 -12.56 -29.90 -17.51
N ALA B 537 -12.76 -30.55 -18.65
CA ALA B 537 -13.52 -31.83 -18.72
C ALA B 537 -12.86 -32.97 -17.92
N ASP B 538 -11.55 -33.12 -18.12
CA ASP B 538 -10.75 -34.13 -17.42
C ASP B 538 -10.80 -33.94 -15.92
N LEU B 539 -10.69 -32.71 -15.42
CA LEU B 539 -10.80 -32.45 -13.97
C LEU B 539 -12.20 -32.68 -13.43
N LEU B 540 -13.22 -32.20 -14.15
CA LEU B 540 -14.63 -32.42 -13.72
C LEU B 540 -15.05 -33.92 -13.65
N SER B 541 -14.63 -34.63 -14.70
CA SER B 541 -14.92 -36.06 -14.92
C SER B 541 -14.01 -36.93 -14.07
N GLY B 542 -12.87 -36.40 -13.64
CA GLY B 542 -12.07 -37.13 -12.70
C GLY B 542 -10.96 -37.91 -13.38
N ALA B 543 -10.85 -37.82 -14.69
CA ALA B 543 -9.70 -38.37 -15.42
C ALA B 543 -8.41 -37.70 -14.96
N SER B 544 -8.52 -36.44 -14.57
CA SER B 544 -7.45 -35.81 -13.85
C SER B 544 -8.02 -35.44 -12.47
N ASN B 545 -7.15 -35.52 -11.49
CA ASN B 545 -7.49 -35.17 -10.16
C ASN B 545 -6.87 -33.79 -9.88
N PRO B 546 -7.71 -32.79 -9.50
CA PRO B 546 -7.13 -31.46 -9.19
C PRO B 546 -5.97 -31.55 -8.17
N SER B 547 -4.88 -30.80 -8.37
CA SER B 547 -3.74 -30.84 -7.40
C SER B 547 -3.01 -29.50 -7.20
N GLY B 548 -3.48 -28.44 -7.83
CA GLY B 548 -2.83 -27.16 -7.74
C GLY B 548 -3.13 -26.62 -6.36
N LYS B 549 -2.27 -25.69 -5.95
CA LYS B 549 -2.41 -24.91 -4.70
C LYS B 549 -2.27 -23.41 -5.01
N LEU B 550 -2.87 -22.54 -4.18
CA LEU B 550 -2.85 -21.12 -4.50
C LEU B 550 -1.46 -20.60 -4.33
N SER B 551 -0.92 -19.94 -5.34
CA SER B 551 0.33 -19.26 -5.14
C SER B 551 0.16 -17.76 -4.83
N MET B 552 -1.11 -17.29 -4.70
CA MET B 552 -1.45 -15.94 -4.33
C MET B 552 -2.72 -15.97 -3.47
N SER B 553 -2.70 -15.21 -2.35
CA SER B 553 -3.85 -15.14 -1.46
C SER B 553 -5.10 -14.57 -2.13
N PHE B 554 -6.25 -15.18 -1.90
CA PHE B 554 -7.55 -14.67 -2.36
C PHE B 554 -8.21 -13.85 -1.25
N PRO B 555 -8.22 -12.49 -1.39
CA PRO B 555 -8.71 -11.66 -0.27
C PRO B 555 -10.21 -11.79 0.04
N GLN B 556 -10.58 -11.54 1.28
CA GLN B 556 -11.96 -11.38 1.66
C GLN B 556 -12.66 -10.30 0.77
N THR B 557 -12.01 -9.19 0.57
CA THR B 557 -12.61 -8.05 -0.13
C THR B 557 -11.46 -7.17 -0.63
N THR B 558 -11.77 -6.28 -1.56
CA THR B 558 -10.78 -5.46 -2.21
C THR B 558 -9.96 -4.73 -1.16
N GLY B 559 -10.62 -4.21 -0.13
CA GLY B 559 -9.92 -3.46 0.87
C GLY B 559 -9.05 -4.16 1.90
N GLN B 560 -8.97 -5.49 1.86
CA GLN B 560 -7.98 -6.23 2.67
C GLN B 560 -6.56 -6.21 2.01
N ILE B 561 -6.49 -5.74 0.79
CA ILE B 561 -5.26 -5.74 0.09
C ILE B 561 -4.25 -4.69 0.61
N PRO B 562 -2.97 -5.08 0.77
CA PRO B 562 -2.39 -6.38 0.47
C PRO B 562 -2.51 -7.37 1.61
N VAL B 563 -2.83 -8.63 1.28
CA VAL B 563 -2.89 -9.69 2.29
C VAL B 563 -2.08 -10.82 1.70
N TYR B 564 -1.26 -11.40 2.55
CA TYR B 564 -0.27 -12.40 2.18
C TYR B 564 0.17 -13.25 3.37
N TYR B 565 0.53 -14.51 3.11
CA TYR B 565 0.78 -15.41 4.22
C TYR B 565 2.04 -15.06 5.00
N ASN B 566 3.06 -14.54 4.32
CA ASN B 566 4.36 -14.27 4.98
C ASN B 566 4.37 -12.85 5.57
N HIS B 567 3.54 -12.66 6.59
CA HIS B 567 3.33 -11.34 7.15
C HIS B 567 3.94 -11.24 8.56
N LEU B 568 4.15 -10.00 9.00
CA LEU B 568 4.73 -9.70 10.31
C LEU B 568 3.69 -9.84 11.37
N ARG B 569 4.14 -9.99 12.60
CA ARG B 569 3.19 -10.27 13.72
C ARG B 569 2.42 -9.07 14.22
N THR B 570 3.08 -7.92 14.10
CA THR B 570 2.69 -6.68 14.72
C THR B 570 2.93 -6.81 16.21
N GLY B 571 2.77 -5.69 16.88
CA GLY B 571 2.83 -5.71 18.35
C GLY B 571 1.56 -6.15 19.07
N ARG B 572 0.41 -6.28 18.38
CA ARG B 572 -0.86 -6.70 18.98
C ARG B 572 -1.59 -7.73 18.12
N PRO B 573 -0.94 -8.91 17.92
CA PRO B 573 -1.49 -9.93 17.03
C PRO B 573 -2.82 -10.45 17.60
N GLN B 574 -3.72 -10.73 16.69
CA GLN B 574 -4.96 -11.31 17.07
C GLN B 574 -4.63 -12.80 17.32
N THR B 575 -5.03 -13.29 18.47
CA THR B 575 -4.82 -14.69 18.80
C THR B 575 -6.18 -15.35 19.04
N PRO B 576 -6.22 -16.69 19.09
CA PRO B 576 -7.51 -17.22 19.51
C PRO B 576 -7.90 -16.90 21.00
N GLU B 577 -6.95 -16.59 21.87
CA GLU B 577 -7.25 -16.14 23.26
C GLU B 577 -7.74 -14.69 23.36
N ASN B 578 -7.20 -13.77 22.57
CA ASN B 578 -7.66 -12.35 22.66
C ASN B 578 -8.81 -12.03 21.71
N LYS B 579 -9.25 -13.01 20.95
CA LYS B 579 -10.37 -12.81 20.02
C LYS B 579 -11.50 -12.01 20.67
N GLY B 580 -12.11 -11.18 19.85
CA GLY B 580 -13.17 -10.31 20.34
C GLY B 580 -12.75 -9.07 21.10
N GLU B 581 -11.50 -8.99 21.56
CA GLU B 581 -11.03 -7.76 22.18
C GLU B 581 -10.91 -6.68 21.12
N ARG B 582 -11.13 -5.43 21.57
CA ARG B 582 -11.08 -4.27 20.68
C ARG B 582 -9.59 -3.96 20.34
N TYR B 583 -8.65 -4.04 21.29
CA TYR B 583 -7.30 -3.49 20.97
C TYR B 583 -6.27 -4.50 20.45
N VAL B 584 -6.55 -5.03 19.29
CA VAL B 584 -5.70 -5.98 18.67
C VAL B 584 -5.71 -5.63 17.24
N SER B 585 -4.69 -6.09 16.52
CA SER B 585 -4.69 -5.91 15.05
C SER B 585 -5.85 -6.72 14.39
N HIS B 586 -6.91 -5.98 14.02
CA HIS B 586 -8.06 -6.52 13.31
C HIS B 586 -8.85 -5.45 12.58
N TYR B 587 -9.76 -5.91 11.71
CA TYR B 587 -10.77 -5.07 11.04
C TYR B 587 -12.12 -5.29 11.74
N LEU B 588 -12.91 -4.24 11.80
CA LEU B 588 -14.28 -4.27 12.31
C LEU B 588 -15.20 -5.03 11.37
N ASP B 589 -14.94 -5.05 10.06
CA ASP B 589 -15.92 -5.53 9.13
C ASP B 589 -15.50 -6.86 8.41
N ILE B 590 -14.26 -7.32 8.56
CA ILE B 590 -13.83 -8.58 7.94
C ILE B 590 -12.83 -9.29 8.81
N PRO B 591 -12.63 -10.59 8.61
CA PRO B 591 -11.52 -11.33 9.23
C PRO B 591 -10.15 -10.85 8.76
N ASN B 592 -9.09 -11.10 9.53
CA ASN B 592 -7.70 -10.83 9.02
C ASN B 592 -7.29 -11.82 7.94
N GLU B 593 -7.81 -13.04 8.04
CA GLU B 593 -7.35 -14.06 7.13
C GLU B 593 -7.88 -13.75 5.71
N PRO B 594 -7.09 -14.05 4.67
CA PRO B 594 -7.69 -14.01 3.37
C PRO B 594 -8.83 -15.00 3.26
N PHE B 595 -9.72 -14.85 2.28
CA PHE B 595 -10.70 -15.91 2.06
C PHE B 595 -10.06 -17.27 1.68
N TYR B 596 -9.03 -17.31 0.84
CA TYR B 596 -8.26 -18.54 0.69
C TYR B 596 -6.77 -18.18 0.81
N PRO B 597 -5.98 -19.02 1.49
CA PRO B 597 -4.59 -18.69 1.82
C PRO B 597 -3.64 -19.31 0.86
N PHE B 598 -2.41 -18.82 0.89
CA PHE B 598 -1.32 -19.36 0.12
C PHE B 598 -1.14 -20.87 0.45
N GLY B 599 -0.84 -21.64 -0.58
CA GLY B 599 -0.67 -23.10 -0.45
C GLY B 599 -1.96 -23.95 -0.34
N TYR B 600 -3.12 -23.29 -0.47
CA TYR B 600 -4.41 -23.99 -0.32
C TYR B 600 -4.91 -24.54 -1.64
N GLY B 601 -5.35 -25.82 -1.60
CA GLY B 601 -5.89 -26.50 -2.77
C GLY B 601 -6.46 -27.82 -2.31
N LYS B 602 -7.63 -28.18 -2.84
CA LYS B 602 -8.23 -29.47 -2.59
C LYS B 602 -7.87 -30.55 -3.60
N SER B 603 -8.26 -31.79 -3.30
CA SER B 603 -7.99 -32.97 -4.13
C SER B 603 -9.18 -33.92 -4.08
N TYR B 604 -9.28 -34.83 -5.04
CA TYR B 604 -10.28 -35.92 -4.85
C TYR B 604 -9.72 -37.03 -3.92
N SER B 605 -8.38 -37.10 -3.77
CA SER B 605 -7.70 -38.11 -2.93
C SER B 605 -7.65 -37.60 -1.51
N GLU B 606 -6.95 -38.28 -0.65
CA GLU B 606 -6.77 -37.78 0.71
C GLU B 606 -5.48 -38.36 1.27
N PHE B 607 -4.78 -37.54 2.02
CA PHE B 607 -3.40 -37.81 2.28
C PHE B 607 -3.13 -37.69 3.76
N GLU B 608 -2.04 -38.30 4.19
CA GLU B 608 -1.63 -38.33 5.58
C GLU B 608 -0.14 -38.16 5.56
N LEU B 609 0.37 -37.24 6.39
CA LEU B 609 1.79 -36.87 6.38
C LEU B 609 2.31 -37.09 7.76
N LYS B 610 3.55 -37.57 7.87
CA LYS B 610 4.24 -37.59 9.16
C LYS B 610 5.72 -37.24 8.93
N THR B 611 6.19 -36.34 9.77
CA THR B 611 7.52 -35.82 9.65
C THR B 611 8.39 -36.63 10.57
N SER B 612 9.49 -37.19 10.10
CA SER B 612 10.43 -37.88 11.04
C SER B 612 10.98 -36.94 12.12
N SER B 613 11.51 -37.51 13.20
CA SER B 613 12.04 -36.72 14.32
C SER B 613 13.12 -35.77 13.85
N LEU B 614 13.06 -34.57 14.39
CA LEU B 614 14.00 -33.52 14.02
C LEU B 614 14.91 -33.20 15.18
N PRO B 615 16.18 -32.92 14.89
CA PRO B 615 16.97 -32.53 16.05
C PRO B 615 16.34 -31.32 16.78
N LYS B 616 16.54 -31.22 18.09
CA LYS B 616 16.09 -30.05 18.85
C LYS B 616 17.06 -28.86 18.75
N GLU B 617 18.31 -29.13 18.37
CA GLU B 617 19.34 -28.11 18.32
C GLU B 617 20.14 -28.24 17.04
N LEU B 618 20.71 -27.14 16.59
CA LEU B 618 21.40 -27.11 15.33
C LEU B 618 22.53 -26.13 15.59
N ASN B 619 23.67 -26.31 14.92
CA ASN B 619 24.75 -25.32 14.94
C ASN B 619 24.48 -24.26 13.90
N LEU B 620 25.04 -23.07 14.06
CA LEU B 620 24.99 -22.04 13.00
C LEU B 620 25.70 -22.61 11.76
N GLY B 621 25.26 -22.25 10.55
CA GLY B 621 25.90 -22.76 9.29
C GLY B 621 25.47 -24.16 8.87
N GLU B 622 24.73 -24.83 9.73
CA GLU B 622 24.34 -26.22 9.51
C GLU B 622 22.93 -26.34 8.89
N SER B 623 22.77 -27.33 8.01
CA SER B 623 21.51 -27.72 7.37
C SER B 623 20.54 -28.51 8.29
N LEU B 624 19.23 -28.34 8.09
CA LEU B 624 18.20 -29.14 8.74
C LEU B 624 17.66 -30.03 7.66
N HIS B 625 17.73 -31.32 7.90
CA HIS B 625 17.23 -32.30 7.00
C HIS B 625 15.85 -32.62 7.49
N VAL B 626 14.89 -32.59 6.59
CA VAL B 626 13.49 -32.75 6.99
C VAL B 626 12.99 -33.87 6.13
N GLU B 627 12.54 -34.93 6.81
CA GLU B 627 12.12 -36.16 6.13
C GLU B 627 10.63 -36.34 6.37
N VAL B 628 9.91 -36.51 5.26
CA VAL B 628 8.44 -36.53 5.31
C VAL B 628 7.91 -37.80 4.67
N THR B 629 7.08 -38.52 5.43
CA THR B 629 6.47 -39.70 4.82
C THR B 629 5.02 -39.32 4.55
N ILE B 630 4.62 -39.49 3.31
CA ILE B 630 3.29 -39.18 2.84
C ILE B 630 2.58 -40.45 2.29
N LYS B 631 1.30 -40.62 2.64
CA LYS B 631 0.50 -41.80 2.27
C LYS B 631 -0.81 -41.29 1.68
N ASN B 632 -1.14 -41.73 0.46
CA ASN B 632 -2.48 -41.63 -0.06
C ASN B 632 -3.39 -42.70 0.51
N ILE B 633 -4.28 -42.28 1.40
CA ILE B 633 -5.15 -43.19 2.14
C ILE B 633 -6.51 -43.39 1.48
N SER B 634 -6.68 -43.00 0.22
CA SER B 634 -8.00 -43.09 -0.43
C SER B 634 -7.87 -44.01 -1.65
N ASP B 635 -8.98 -44.27 -2.33
CA ASP B 635 -8.98 -45.11 -3.55
C ASP B 635 -8.55 -44.45 -4.83
N ILE B 636 -8.26 -43.17 -4.75
CA ILE B 636 -8.15 -42.37 -5.95
C ILE B 636 -6.71 -41.93 -6.04
N ALA B 637 -6.12 -42.08 -7.22
CA ALA B 637 -4.78 -41.61 -7.49
C ALA B 637 -4.73 -40.06 -7.56
N GLY B 638 -3.69 -39.48 -6.99
CA GLY B 638 -3.54 -38.02 -6.97
C GLY B 638 -2.17 -37.54 -6.57
N LYS B 639 -1.97 -36.23 -6.73
CA LYS B 639 -0.83 -35.50 -6.19
C LYS B 639 -1.15 -34.52 -5.01
N GLU B 640 -0.27 -34.53 -4.01
CA GLU B 640 -0.23 -33.58 -2.89
C GLU B 640 1.03 -32.77 -3.08
N VAL B 641 0.97 -31.52 -2.63
CA VAL B 641 2.14 -30.65 -2.61
C VAL B 641 2.57 -30.53 -1.16
N ILE B 642 3.63 -31.23 -0.78
CA ILE B 642 4.16 -31.08 0.58
C ILE B 642 4.84 -29.71 0.69
N GLN B 643 4.68 -29.01 1.80
CA GLN B 643 5.26 -27.66 1.92
C GLN B 643 5.94 -27.52 3.24
N VAL B 644 7.16 -26.95 3.24
CA VAL B 644 7.92 -26.70 4.49
C VAL B 644 8.20 -25.22 4.68
N TYR B 645 7.79 -24.68 5.81
CA TYR B 645 8.04 -23.26 6.13
C TYR B 645 8.91 -23.16 7.36
N LEU B 646 9.57 -22.01 7.48
CA LEU B 646 10.35 -21.65 8.65
C LEU B 646 9.88 -20.29 9.18
N GLN B 647 9.90 -20.16 10.50
CA GLN B 647 9.78 -18.91 11.20
C GLN B 647 11.00 -18.71 12.12
N ASP B 648 11.48 -17.46 12.16
CA ASP B 648 12.48 -16.97 13.10
C ASP B 648 11.71 -16.21 14.16
N VAL B 649 11.65 -16.79 15.34
CA VAL B 649 10.80 -16.30 16.41
C VAL B 649 11.20 -14.95 16.98
N THR B 650 12.49 -14.78 17.16
CA THR B 650 13.05 -13.50 17.58
C THR B 650 14.25 -13.15 16.71
N ALA B 651 14.31 -11.91 16.28
CA ALA B 651 15.42 -11.48 15.51
C ALA B 651 15.62 -9.99 15.68
N SER B 652 16.74 -9.50 15.19
CA SER B 652 17.05 -8.06 15.23
C SER B 652 16.14 -7.22 14.27
N ILE B 653 15.41 -7.88 13.38
CA ILE B 653 14.33 -7.31 12.52
C ILE B 653 13.07 -8.18 12.82
N SER B 654 11.89 -7.58 12.87
CA SER B 654 10.65 -8.35 12.98
C SER B 654 10.48 -9.24 11.73
N ARG B 655 10.48 -10.54 11.92
CA ARG B 655 10.46 -11.52 10.80
C ARG B 655 9.05 -12.08 10.57
N PRO B 656 8.78 -12.52 9.35
CA PRO B 656 7.50 -13.05 8.96
C PRO B 656 7.15 -14.26 9.76
N VAL B 657 5.85 -14.45 9.95
CA VAL B 657 5.35 -15.49 10.86
C VAL B 657 5.67 -16.80 10.23
N LYS B 658 5.78 -16.82 8.88
CA LYS B 658 6.19 -17.98 8.13
C LYS B 658 6.82 -17.62 6.75
N GLU B 659 7.77 -18.44 6.32
CA GLU B 659 8.34 -18.30 4.99
C GLU B 659 8.44 -19.67 4.39
N LEU B 660 8.00 -19.82 3.15
CA LEU B 660 8.11 -21.10 2.48
C LEU B 660 9.60 -21.30 2.19
N LYS B 661 10.13 -22.49 2.54
CA LYS B 661 11.56 -22.79 2.25
C LYS B 661 11.80 -24.05 1.43
N ALA B 662 10.79 -24.92 1.30
CA ALA B 662 10.82 -26.06 0.40
C ALA B 662 9.41 -26.58 0.03
N PHE B 663 9.33 -27.34 -1.05
CA PHE B 663 8.07 -27.89 -1.47
C PHE B 663 8.37 -28.91 -2.56
N GLU B 664 7.49 -29.91 -2.61
CA GLU B 664 7.58 -30.97 -3.61
C GLU B 664 6.19 -31.59 -3.77
N LYS B 665 5.82 -31.69 -5.02
CA LYS B 665 4.57 -32.25 -5.42
C LYS B 665 4.89 -33.76 -5.53
N VAL B 666 4.07 -34.58 -4.90
CA VAL B 666 4.28 -36.02 -4.81
C VAL B 666 3.09 -36.74 -5.42
N ALA B 667 3.33 -37.54 -6.45
CA ALA B 667 2.31 -38.41 -7.02
C ALA B 667 2.20 -39.76 -6.23
N LEU B 668 0.97 -40.14 -5.93
CA LEU B 668 0.68 -41.29 -5.12
C LEU B 668 -0.57 -42.02 -5.63
N GLN B 669 -0.34 -43.27 -6.05
CA GLN B 669 -1.42 -44.20 -6.39
C GLN B 669 -2.24 -44.44 -5.15
N ALA B 670 -3.44 -44.97 -5.33
CA ALA B 670 -4.25 -45.28 -4.15
C ALA B 670 -3.44 -46.18 -3.22
N GLY B 671 -3.54 -45.96 -1.92
CA GLY B 671 -2.76 -46.72 -0.94
C GLY B 671 -1.25 -46.47 -0.92
N GLU B 672 -0.69 -46.01 -2.02
CA GLU B 672 0.74 -45.80 -2.12
C GLU B 672 1.32 -44.81 -1.08
N GLU B 673 2.57 -45.06 -0.70
CA GLU B 673 3.28 -44.31 0.34
C GLU B 673 4.63 -43.90 -0.20
N LYS B 674 5.12 -42.73 0.21
CA LYS B 674 6.48 -42.31 -0.17
C LYS B 674 7.12 -41.51 0.90
N THR B 675 8.42 -41.37 0.77
CA THR B 675 9.23 -40.56 1.68
C THR B 675 10.00 -39.59 0.81
N VAL B 676 9.96 -38.32 1.18
CA VAL B 676 10.81 -37.32 0.55
C VAL B 676 11.52 -36.65 1.70
N THR B 677 12.68 -36.11 1.38
CA THR B 677 13.50 -35.39 2.35
C THR B 677 13.87 -34.04 1.73
N PHE B 678 14.01 -33.05 2.57
CA PHE B 678 14.28 -31.69 2.13
C PHE B 678 15.49 -31.29 2.93
N GLU B 679 16.37 -30.52 2.31
CA GLU B 679 17.42 -29.79 3.02
C GLU B 679 17.15 -28.28 3.13
N LEU B 680 16.98 -27.82 4.37
CA LEU B 680 16.95 -26.40 4.69
C LEU B 680 18.37 -25.98 5.11
N THR B 681 19.12 -25.46 4.15
CA THR B 681 20.44 -24.98 4.40
C THR B 681 20.35 -23.77 5.31
N SER B 682 21.49 -23.42 5.88
CA SER B 682 21.57 -22.27 6.77
C SER B 682 21.17 -20.95 6.10
N GLU B 683 21.22 -20.93 4.79
CA GLU B 683 20.70 -19.78 4.10
C GLU B 683 19.21 -19.65 4.40
N ALA B 684 18.52 -20.76 4.56
CA ALA B 684 17.12 -20.71 4.83
C ALA B 684 16.76 -20.11 6.20
N PHE B 685 17.71 -20.10 7.11
CA PHE B 685 17.56 -19.55 8.46
C PHE B 685 18.03 -18.12 8.50
N SER B 686 18.58 -17.63 7.37
CA SER B 686 19.26 -16.31 7.30
C SER B 686 18.36 -15.16 6.91
N PHE B 687 18.77 -13.92 7.04
CA PHE B 687 17.89 -12.82 6.56
C PHE B 687 18.72 -11.56 6.43
N TYR B 688 18.22 -10.55 5.72
CA TYR B 688 18.98 -9.30 5.62
C TYR B 688 18.78 -8.40 6.82
N ASN B 689 19.86 -7.93 7.46
CA ASN B 689 19.68 -7.20 8.70
C ASN B 689 19.59 -5.69 8.44
N HIS B 690 19.44 -4.89 9.49
CA HIS B 690 19.22 -3.46 9.24
C HIS B 690 20.40 -2.84 8.50
N GLN B 691 21.58 -3.43 8.58
CA GLN B 691 22.75 -2.87 7.86
C GLN B 691 22.95 -3.47 6.47
N LEU B 692 21.98 -4.23 5.98
CA LEU B 692 22.05 -4.97 4.66
C LEU B 692 23.03 -6.14 4.59
N GLU B 693 23.42 -6.66 5.76
CA GLU B 693 24.19 -7.91 5.80
C GLU B 693 23.23 -9.11 5.78
N LYS B 694 23.50 -10.12 4.96
CA LYS B 694 22.83 -11.40 5.13
C LYS B 694 23.38 -12.02 6.38
N VAL B 695 22.55 -12.34 7.34
CA VAL B 695 23.03 -12.89 8.62
C VAL B 695 22.27 -14.11 9.09
N GLN B 696 22.91 -14.91 9.91
CA GLN B 696 22.23 -15.94 10.67
C GLN B 696 22.52 -15.64 12.13
N GLU B 697 21.44 -15.56 12.91
CA GLU B 697 21.51 -15.25 14.36
C GLU B 697 21.16 -16.48 15.21
N PRO B 698 21.90 -16.76 16.30
CA PRO B 698 21.48 -17.91 17.07
C PRO B 698 20.07 -17.68 17.60
N GLY B 699 19.31 -18.73 17.84
CA GLY B 699 17.98 -18.56 18.42
C GLY B 699 17.00 -19.62 17.97
N LEU B 700 15.72 -19.40 18.37
CA LEU B 700 14.63 -20.36 18.12
C LEU B 700 13.97 -20.19 16.77
N HIS B 701 13.80 -21.29 16.04
CA HIS B 701 12.96 -21.33 14.86
C HIS B 701 11.84 -22.32 14.99
N ARG B 702 10.76 -22.09 14.23
CA ARG B 702 9.75 -23.06 14.02
C ARG B 702 9.76 -23.55 12.60
N VAL B 703 9.52 -24.85 12.47
CA VAL B 703 9.49 -25.53 11.19
C VAL B 703 8.05 -26.00 11.11
N PHE B 704 7.40 -25.78 9.94
CA PHE B 704 6.00 -26.15 9.67
C PHE B 704 5.97 -27.05 8.47
N VAL B 705 5.41 -28.26 8.63
CA VAL B 705 5.37 -29.20 7.52
C VAL B 705 3.92 -29.47 7.28
N GLY B 706 3.49 -29.38 6.04
CA GLY B 706 2.08 -29.54 5.75
C GLY B 706 1.75 -29.38 4.30
N THR B 707 0.48 -29.08 4.06
CA THR B 707 -0.12 -29.15 2.74
C THR B 707 -0.75 -27.78 2.38
N SER B 708 -0.67 -26.81 3.29
CA SER B 708 -0.79 -25.33 2.93
C SER B 708 -0.06 -24.49 3.95
N SER B 709 -0.17 -23.16 3.87
CA SER B 709 0.46 -22.30 4.85
C SER B 709 -0.25 -22.38 6.20
N GLU B 710 -1.45 -22.95 6.21
CA GLU B 710 -2.25 -23.04 7.42
C GLU B 710 -2.39 -24.50 7.90
N ASP B 711 -2.38 -25.49 7.00
CA ASP B 711 -2.51 -26.92 7.40
C ASP B 711 -1.16 -27.56 7.68
N VAL B 712 -0.67 -27.43 8.91
CA VAL B 712 0.77 -27.73 9.13
C VAL B 712 0.99 -28.37 10.51
N ASP B 713 2.03 -29.20 10.68
CA ASP B 713 2.49 -29.56 12.03
C ASP B 713 3.65 -28.64 12.31
N VAL B 714 3.78 -28.21 13.56
CA VAL B 714 4.84 -27.31 13.95
C VAL B 714 5.90 -27.97 14.89
N PHE B 715 7.18 -27.65 14.68
CA PHE B 715 8.29 -28.22 15.45
C PHE B 715 9.25 -27.08 15.76
N GLU B 716 9.96 -27.20 16.88
CA GLU B 716 10.90 -26.18 17.28
C GLU B 716 12.32 -26.66 17.18
N VAL B 717 13.20 -25.77 16.76
CA VAL B 717 14.63 -26.05 16.69
C VAL B 717 15.40 -24.86 17.22
N GLU B 718 16.35 -25.13 18.13
CA GLU B 718 17.18 -24.07 18.71
C GLU B 718 18.53 -23.99 17.98
N VAL B 719 18.82 -22.84 17.36
CA VAL B 719 20.07 -22.67 16.68
C VAL B 719 21.05 -21.97 17.58
N GLY B 720 22.28 -22.48 17.62
CA GLY B 720 23.31 -21.80 18.40
C GLY B 720 24.66 -22.46 18.33
N GLY B 721 25.47 -22.18 19.34
CA GLY B 721 26.80 -22.82 19.50
C GLY B 721 27.82 -22.28 18.54
N TYR B 722 28.41 -23.15 17.74
CA TYR B 722 29.48 -22.75 16.89
C TYR B 722 29.05 -22.74 15.43
N VAL B 723 29.91 -22.26 14.55
CA VAL B 723 29.58 -22.18 13.06
C VAL B 723 30.27 -23.25 12.28
N LEU B 724 29.53 -24.03 11.49
CA LEU B 724 30.07 -24.74 10.29
C LEU B 724 30.38 -23.81 9.14
C2 BGC C . -2.77 5.40 21.91
C3 BGC C . -2.23 6.77 22.27
C4 BGC C . -2.82 7.22 23.65
C5 BGC C . -2.52 6.24 24.74
C6 BGC C . -3.05 6.52 26.16
C1 BGC C . -2.63 4.50 23.16
O1 BGC C . -3.32 3.29 22.98
O2 BGC C . -1.95 4.90 20.86
O3 BGC C . -2.41 7.78 21.24
O4 BGC C . -2.32 8.51 23.91
O5 BGC C . -3.21 5.10 24.32
O6 BGC C . -4.40 6.96 26.10
MG MG D . 14.69 20.51 -10.38
C1 GOL E . -5.14 1.11 24.15
C1 GOL E . -5.29 0.72 24.12
O1 GOL E . -3.69 1.22 23.98
O1 GOL E . -3.92 0.98 23.63
C2 GOL E . -5.84 2.03 25.19
C2 GOL E . -5.74 1.61 25.30
O2 GOL E . -5.32 3.36 25.36
O2 GOL E . -7.11 1.37 25.69
C3 GOL E . -5.77 1.26 26.51
C3 GOL E . -4.87 1.23 26.46
O3 GOL E . -5.91 -0.14 26.20
O3 GOL E . -4.78 -0.21 26.51
C1 GOL F . 5.83 8.05 -2.53
C1 GOL F . 6.11 8.68 -3.19
O1 GOL F . 7.10 7.53 -2.88
O1 GOL F . 4.92 7.86 -3.31
C2 GOL F . 5.47 9.35 -3.25
C2 GOL F . 5.80 9.89 -2.30
O2 GOL F . 4.22 9.14 -3.97
O2 GOL F . 5.48 9.45 -0.99
C3 GOL F . 5.28 10.45 -2.21
C3 GOL F . 4.66 10.77 -2.80
O3 GOL F . 4.79 11.74 -2.73
O3 GOL F . 4.85 11.11 -4.18
C1 GOL G . -27.54 0.08 14.94
O1 GOL G . -28.46 -0.01 13.81
C2 GOL G . -28.27 0.59 16.18
O2 GOL G . -27.50 1.56 16.89
C3 GOL G . -29.50 1.35 15.82
O3 GOL G . -29.12 2.66 15.34
C1 PEG H . -20.18 0.49 7.60
O1 PEG H . -19.83 -0.59 6.67
C2 PEG H . -19.46 0.47 8.95
O2 PEG H . -19.75 -0.79 9.51
C3 PEG H . -19.30 -0.90 10.84
C4 PEG H . -18.93 -2.35 10.87
O4 PEG H . -19.30 -2.95 12.08
S SO4 I . 16.55 2.75 3.04
O1 SO4 I . 17.62 1.85 3.44
O2 SO4 I . 17.11 4.09 2.95
O3 SO4 I . 16.02 2.39 1.74
O4 SO4 I . 15.47 2.73 3.99
C1 GOL J . 3.15 -2.60 -25.87
C1 GOL J . 4.43 -2.42 -25.90
O1 GOL J . 3.88 -3.71 -25.26
O1 GOL J . 4.20 -3.76 -25.43
C2 GOL J . 4.07 -1.41 -25.72
C2 GOL J . 3.19 -1.70 -26.46
O2 GOL J . 3.98 -0.49 -26.82
O2 GOL J . 2.08 -2.54 -26.74
C3 GOL J . 3.67 -0.85 -24.37
C3 GOL J . 2.70 -0.65 -25.48
O3 GOL J . 4.76 -0.93 -23.45
O3 GOL J . 2.88 0.66 -26.06
C1 PEG K . 19.68 4.00 8.53
O1 PEG K . 18.43 3.57 7.90
C2 PEG K . 20.10 3.05 9.65
O2 PEG K . 19.02 2.16 9.98
C3 PEG K . 19.37 1.21 10.99
C4 PEG K . 18.08 0.46 11.39
O4 PEG K . 17.37 1.09 12.48
C2 BGC L . 6.22 -4.82 -21.30
C3 BGC L . 7.22 -5.93 -21.40
C4 BGC L . 7.24 -6.49 -22.84
C5 BGC L . 7.50 -5.35 -23.80
C6 BGC L . 7.72 -5.63 -25.31
C1 BGC L . 6.38 -3.83 -22.45
O1 BGC L . 5.28 -2.97 -22.40
O2 BGC L . 6.35 -4.16 -20.02
O3 BGC L . 6.98 -6.89 -20.34
O4 BGC L . 8.26 -7.46 -22.94
O5 BGC L . 6.37 -4.52 -23.69
O6 BGC L . 6.63 -6.41 -25.81
C2 BGC M . 21.58 3.74 -2.17
C3 BGC M . 20.13 3.30 -2.34
C4 BGC M . 19.22 4.39 -2.97
C5 BGC M . 19.98 4.80 -4.23
C6 BGC M . 19.45 5.66 -5.36
C1 BGC M . 22.14 4.42 -3.46
O1 BGC M . 23.37 5.17 -3.41
O2 BGC M . 22.23 2.50 -1.75
O3 BGC M . 19.69 2.68 -1.12
O4 BGC M . 17.96 3.76 -3.23
O5 BGC M . 21.21 5.41 -3.88
O6 BGC M . 19.82 4.88 -6.54
MG MG N . 15.92 -15.47 15.86
C1 GOL O . 7.30 -8.39 4.81
C1 GOL O . 7.29 -9.28 4.89
O1 GOL O . 6.50 -9.60 4.68
O1 GOL O . 6.45 -9.57 6.00
C2 GOL O . 6.49 -7.09 4.90
C2 GOL O . 6.99 -7.83 4.47
O2 GOL O . 5.30 -7.29 5.67
O2 GOL O . 7.84 -7.49 3.38
C3 GOL O . 7.33 -5.98 5.53
C3 GOL O . 7.14 -6.87 5.65
O3 GOL O . 6.93 -4.68 5.10
O3 GOL O . 7.64 -5.55 5.31
C1 GOL P . 20.88 -10.47 -4.28
O1 GOL P . 19.85 -9.50 -4.35
C2 GOL P . 22.02 -9.77 -3.56
O2 GOL P . 22.53 -8.74 -4.42
C3 GOL P . 23.12 -10.78 -3.29
O3 GOL P . 23.51 -11.34 -4.55
C1 GOL Q . -20.91 -10.00 -24.40
O1 GOL Q . -20.46 -10.98 -23.44
C2 GOL Q . -19.93 -8.86 -24.29
O2 GOL Q . -18.75 -9.53 -24.71
C3 GOL Q . -19.78 -8.28 -22.86
O3 GOL Q . -20.97 -8.42 -22.05
#